data_4W58
# 
_entry.id   4W58 
# 
_audit_conform.dict_name       mmcif_pdbx.dic 
_audit_conform.dict_version    5.379 
_audit_conform.dict_location   http://mmcif.pdb.org/dictionaries/ascii/mmcif_pdbx.dic 
# 
loop_
_database_2.database_id 
_database_2.database_code 
_database_2.pdbx_database_accession 
_database_2.pdbx_DOI 
PDB   4W58         pdb_00004w58 10.2210/pdb4w58/pdb 
WWPDB D_1000203185 ?            ?                   
# 
_pdbx_database_status.status_code                     REL 
_pdbx_database_status.status_code_sf                  REL 
_pdbx_database_status.status_code_mr                  ? 
_pdbx_database_status.entry_id                        4W58 
_pdbx_database_status.recvd_initial_deposition_date   2014-08-16 
_pdbx_database_status.SG_entry                        N 
_pdbx_database_status.deposit_site                    RCSB 
_pdbx_database_status.process_site                    RCSB 
_pdbx_database_status.status_code_cs                  ? 
_pdbx_database_status.methods_development_category    ? 
_pdbx_database_status.pdb_format_compatible           Y 
_pdbx_database_status.status_code_nmr_data            ? 
# 
loop_
_audit_author.name 
_audit_author.pdbx_ordinal 
'Merski, M.'     1 
'Shoichet, B.K.' 2 
'Eidam, O.'      3 
'Fischer, M.'    4 
# 
_citation.abstract                  ? 
_citation.abstract_id_CAS           ? 
_citation.book_id_ISBN              ? 
_citation.book_publisher            ? 
_citation.book_publisher_city       ? 
_citation.book_title                ? 
_citation.coordinate_linkage        ? 
_citation.country                   US 
_citation.database_id_Medline       ? 
_citation.details                   ? 
_citation.id                        primary 
_citation.journal_abbrev            Proc.Natl.Acad.Sci.USA 
_citation.journal_id_ASTM           PNASA6 
_citation.journal_id_CSD            0040 
_citation.journal_id_ISSN           1091-6490 
_citation.journal_full              ? 
_citation.journal_issue             ? 
_citation.journal_volume            112 
_citation.language                  ? 
_citation.page_first                5039 
_citation.page_last                 5044 
_citation.title                     'Homologous ligands accommodated by discrete conformations of a buried cavity.' 
_citation.year                      2015 
_citation.database_id_CSD           ? 
_citation.pdbx_database_id_DOI      10.1073/pnas.1500806112 
_citation.pdbx_database_id_PubMed   25847998 
_citation.unpublished_flag          ? 
# 
loop_
_citation_author.citation_id 
_citation_author.name 
_citation_author.ordinal 
_citation_author.identifier_ORCID 
primary 'Merski, M.'     1 ? 
primary 'Fischer, M.'    2 ? 
primary 'Balius, T.E.'   3 ? 
primary 'Eidam, O.'      4 ? 
primary 'Shoichet, B.K.' 5 ? 
# 
_cell.length_a           60.690 
_cell.length_b           60.690 
_cell.length_c           97.140 
_cell.angle_alpha        90.000 
_cell.angle_beta         90.000 
_cell.angle_gamma        120.000 
_cell.entry_id           4W58 
_cell.Z_PDB              6 
_cell.pdbx_unique_axis   ? 
# 
_symmetry.entry_id                         4W58 
_symmetry.cell_setting                     ? 
_symmetry.Int_Tables_number                154 
_symmetry.space_group_name_Hall            ? 
_symmetry.space_group_name_H-M             'P 32 2 1' 
_symmetry.pdbx_full_space_group_name_H-M   ? 
# 
loop_
_entity.id 
_entity.type 
_entity.src_method 
_entity.pdbx_description 
_entity.formula_weight 
_entity.pdbx_number_of_molecules 
_entity.pdbx_ec 
_entity.pdbx_mutation 
_entity.pdbx_fragment 
_entity.details 
1 polymer     man Endolysin                                             19691.541 1   3.2.1.17 L99A ? ? 
2 non-polymer syn pentylbenzene                                         148.245   1   ?        ?    ? ? 
3 non-polymer syn '4-(2-HYDROXYETHYL)-1-PIPERAZINE ETHANESULFONIC ACID' 238.305   1   ?        ?    ? ? 
4 water       nat water                                                 18.015    129 ?        ?    ? ? 
# 
_entity_name_com.entity_id   1 
_entity_name_com.name        'Lysis protein,Lysozyme,Muramidase' 
# 
_entity_poly.entity_id                      1 
_entity_poly.type                           'polypeptide(L)' 
_entity_poly.nstd_linkage                   no 
_entity_poly.nstd_monomer                   no 
_entity_poly.pdbx_seq_one_letter_code       
;MNIFEMLRIDEGLRLKIYKDTEGYYTIGIGHLLTKSPSLNAAKSELDKAIGRNCNGVITKDEAEKLFNQDVDAAVRGILR
NAKLKPVYDSLDAVRRCAAINMVFQMGETGVAGFTNSLRMLQQKRWDEAAVNLAKSRWYNQTPNRAKRVITTFRTGTWDA
YKNLLEHHHHHH
;
_entity_poly.pdbx_seq_one_letter_code_can   
;MNIFEMLRIDEGLRLKIYKDTEGYYTIGIGHLLTKSPSLNAAKSELDKAIGRNCNGVITKDEAEKLFNQDVDAAVRGILR
NAKLKPVYDSLDAVRRCAAINMVFQMGETGVAGFTNSLRMLQQKRWDEAAVNLAKSRWYNQTPNRAKRVITTFRTGTWDA
YKNLLEHHHHHH
;
_entity_poly.pdbx_strand_id                 A 
_entity_poly.pdbx_target_identifier         ? 
# 
loop_
_entity_poly_seq.entity_id 
_entity_poly_seq.num 
_entity_poly_seq.mon_id 
_entity_poly_seq.hetero 
1 1   MET n 
1 2   ASN n 
1 3   ILE n 
1 4   PHE n 
1 5   GLU n 
1 6   MET n 
1 7   LEU n 
1 8   ARG n 
1 9   ILE n 
1 10  ASP n 
1 11  GLU n 
1 12  GLY n 
1 13  LEU n 
1 14  ARG n 
1 15  LEU n 
1 16  LYS n 
1 17  ILE n 
1 18  TYR n 
1 19  LYS n 
1 20  ASP n 
1 21  THR n 
1 22  GLU n 
1 23  GLY n 
1 24  TYR n 
1 25  TYR n 
1 26  THR n 
1 27  ILE n 
1 28  GLY n 
1 29  ILE n 
1 30  GLY n 
1 31  HIS n 
1 32  LEU n 
1 33  LEU n 
1 34  THR n 
1 35  LYS n 
1 36  SER n 
1 37  PRO n 
1 38  SER n 
1 39  LEU n 
1 40  ASN n 
1 41  ALA n 
1 42  ALA n 
1 43  LYS n 
1 44  SER n 
1 45  GLU n 
1 46  LEU n 
1 47  ASP n 
1 48  LYS n 
1 49  ALA n 
1 50  ILE n 
1 51  GLY n 
1 52  ARG n 
1 53  ASN n 
1 54  CYS n 
1 55  ASN n 
1 56  GLY n 
1 57  VAL n 
1 58  ILE n 
1 59  THR n 
1 60  LYS n 
1 61  ASP n 
1 62  GLU n 
1 63  ALA n 
1 64  GLU n 
1 65  LYS n 
1 66  LEU n 
1 67  PHE n 
1 68  ASN n 
1 69  GLN n 
1 70  ASP n 
1 71  VAL n 
1 72  ASP n 
1 73  ALA n 
1 74  ALA n 
1 75  VAL n 
1 76  ARG n 
1 77  GLY n 
1 78  ILE n 
1 79  LEU n 
1 80  ARG n 
1 81  ASN n 
1 82  ALA n 
1 83  LYS n 
1 84  LEU n 
1 85  LYS n 
1 86  PRO n 
1 87  VAL n 
1 88  TYR n 
1 89  ASP n 
1 90  SER n 
1 91  LEU n 
1 92  ASP n 
1 93  ALA n 
1 94  VAL n 
1 95  ARG n 
1 96  ARG n 
1 97  CYS n 
1 98  ALA n 
1 99  ALA n 
1 100 ILE n 
1 101 ASN n 
1 102 MET n 
1 103 VAL n 
1 104 PHE n 
1 105 GLN n 
1 106 MET n 
1 107 GLY n 
1 108 GLU n 
1 109 THR n 
1 110 GLY n 
1 111 VAL n 
1 112 ALA n 
1 113 GLY n 
1 114 PHE n 
1 115 THR n 
1 116 ASN n 
1 117 SER n 
1 118 LEU n 
1 119 ARG n 
1 120 MET n 
1 121 LEU n 
1 122 GLN n 
1 123 GLN n 
1 124 LYS n 
1 125 ARG n 
1 126 TRP n 
1 127 ASP n 
1 128 GLU n 
1 129 ALA n 
1 130 ALA n 
1 131 VAL n 
1 132 ASN n 
1 133 LEU n 
1 134 ALA n 
1 135 LYS n 
1 136 SER n 
1 137 ARG n 
1 138 TRP n 
1 139 TYR n 
1 140 ASN n 
1 141 GLN n 
1 142 THR n 
1 143 PRO n 
1 144 ASN n 
1 145 ARG n 
1 146 ALA n 
1 147 LYS n 
1 148 ARG n 
1 149 VAL n 
1 150 ILE n 
1 151 THR n 
1 152 THR n 
1 153 PHE n 
1 154 ARG n 
1 155 THR n 
1 156 GLY n 
1 157 THR n 
1 158 TRP n 
1 159 ASP n 
1 160 ALA n 
1 161 TYR n 
1 162 LYS n 
1 163 ASN n 
1 164 LEU n 
1 165 LEU n 
1 166 GLU n 
1 167 HIS n 
1 168 HIS n 
1 169 HIS n 
1 170 HIS n 
1 171 HIS n 
1 172 HIS n 
# 
_entity_src_gen.entity_id                          1 
_entity_src_gen.pdbx_src_id                        1 
_entity_src_gen.pdbx_alt_source_flag               sample 
_entity_src_gen.pdbx_seq_type                      'Biological sequence' 
_entity_src_gen.pdbx_beg_seq_num                   1 
_entity_src_gen.pdbx_end_seq_num                   172 
_entity_src_gen.gene_src_common_name               ? 
_entity_src_gen.gene_src_genus                     ? 
_entity_src_gen.pdbx_gene_src_gene                 ? 
_entity_src_gen.gene_src_species                   ? 
_entity_src_gen.gene_src_strain                    ? 
_entity_src_gen.gene_src_tissue                    ? 
_entity_src_gen.gene_src_tissue_fraction           ? 
_entity_src_gen.gene_src_details                   ? 
_entity_src_gen.pdbx_gene_src_fragment             ? 
_entity_src_gen.pdbx_gene_src_scientific_name      'Enterobacteria phage T4' 
_entity_src_gen.pdbx_gene_src_ncbi_taxonomy_id     10665 
_entity_src_gen.pdbx_gene_src_variant              ? 
_entity_src_gen.pdbx_gene_src_cell_line            ? 
_entity_src_gen.pdbx_gene_src_atcc                 ? 
_entity_src_gen.pdbx_gene_src_organ                ? 
_entity_src_gen.pdbx_gene_src_organelle            ? 
_entity_src_gen.pdbx_gene_src_cell                 ? 
_entity_src_gen.pdbx_gene_src_cellular_location    ? 
_entity_src_gen.host_org_common_name               ? 
_entity_src_gen.pdbx_host_org_scientific_name      'Escherichia coli' 
_entity_src_gen.pdbx_host_org_ncbi_taxonomy_id     469008 
_entity_src_gen.host_org_genus                     ? 
_entity_src_gen.pdbx_host_org_gene                 ? 
_entity_src_gen.pdbx_host_org_organ                ? 
_entity_src_gen.host_org_species                   ? 
_entity_src_gen.pdbx_host_org_tissue               ? 
_entity_src_gen.pdbx_host_org_tissue_fraction      ? 
_entity_src_gen.pdbx_host_org_strain               'BL21(DE3)' 
_entity_src_gen.pdbx_host_org_variant              ? 
_entity_src_gen.pdbx_host_org_cell_line            ? 
_entity_src_gen.pdbx_host_org_atcc                 ? 
_entity_src_gen.pdbx_host_org_culture_collection   ? 
_entity_src_gen.pdbx_host_org_cell                 ? 
_entity_src_gen.pdbx_host_org_organelle            ? 
_entity_src_gen.pdbx_host_org_cellular_location    ? 
_entity_src_gen.pdbx_host_org_vector_type          plasmid 
_entity_src_gen.pdbx_host_org_vector               ? 
_entity_src_gen.host_org_details                   ? 
_entity_src_gen.expression_system_id               ? 
_entity_src_gen.plasmid_name                       pET29 
_entity_src_gen.plasmid_details                    ? 
_entity_src_gen.pdbx_description                   ? 
# 
_struct_ref.id                         1 
_struct_ref.db_name                    UNP 
_struct_ref.db_code                    ENLYS_BPT4 
_struct_ref.pdbx_db_accession          P00720 
_struct_ref.pdbx_db_isoform            ? 
_struct_ref.entity_id                  1 
_struct_ref.pdbx_seq_one_letter_code   
;MNIFEMLRIDERLRLKIYKDTEGYYTIGIGHLLTKSPSLNAAKSELDKAIGRNCNGVITKDEAEKLFNQDVDAAVRGILR
NAKLKPVYDSLDAVRRCALINMVFQMGETGVAGFTNSLRMLQQKRWDEAAVNLAKSIWYNQTPNRAKRVITTFRTGTWDA
YKNL
;
_struct_ref.pdbx_align_begin           1 
# 
_struct_ref_seq.align_id                      1 
_struct_ref_seq.ref_id                        1 
_struct_ref_seq.pdbx_PDB_id_code              4W58 
_struct_ref_seq.pdbx_strand_id                A 
_struct_ref_seq.seq_align_beg                 1 
_struct_ref_seq.pdbx_seq_align_beg_ins_code   ? 
_struct_ref_seq.seq_align_end                 164 
_struct_ref_seq.pdbx_seq_align_end_ins_code   ? 
_struct_ref_seq.pdbx_db_accession             P00720 
_struct_ref_seq.db_align_beg                  1 
_struct_ref_seq.pdbx_db_align_beg_ins_code    ? 
_struct_ref_seq.db_align_end                  164 
_struct_ref_seq.pdbx_db_align_end_ins_code    ? 
_struct_ref_seq.pdbx_auth_seq_align_beg       1 
_struct_ref_seq.pdbx_auth_seq_align_end       164 
# 
loop_
_struct_ref_seq_dif.align_id 
_struct_ref_seq_dif.pdbx_pdb_id_code 
_struct_ref_seq_dif.mon_id 
_struct_ref_seq_dif.pdbx_pdb_strand_id 
_struct_ref_seq_dif.seq_num 
_struct_ref_seq_dif.pdbx_pdb_ins_code 
_struct_ref_seq_dif.pdbx_seq_db_name 
_struct_ref_seq_dif.pdbx_seq_db_accession_code 
_struct_ref_seq_dif.db_mon_id 
_struct_ref_seq_dif.pdbx_seq_db_seq_num 
_struct_ref_seq_dif.details 
_struct_ref_seq_dif.pdbx_auth_seq_num 
_struct_ref_seq_dif.pdbx_ordinal 
1 4W58 GLY A 12  ? UNP P00720 ARG 12  variant               12  1  
1 4W58 ALA A 99  ? UNP P00720 LEU 99  'engineered mutation' 99  2  
1 4W58 ARG A 137 ? UNP P00720 ILE 137 variant               137 3  
1 4W58 LEU A 165 ? UNP P00720 ?   ?   'expression tag'      165 4  
1 4W58 GLU A 166 ? UNP P00720 ?   ?   'expression tag'      166 5  
1 4W58 HIS A 167 ? UNP P00720 ?   ?   'expression tag'      167 6  
1 4W58 HIS A 168 ? UNP P00720 ?   ?   'expression tag'      168 7  
1 4W58 HIS A 169 ? UNP P00720 ?   ?   'expression tag'      169 8  
1 4W58 HIS A 170 ? UNP P00720 ?   ?   'expression tag'      170 9  
1 4W58 HIS A 171 ? UNP P00720 ?   ?   'expression tag'      171 10 
1 4W58 HIS A 172 ? UNP P00720 ?   ?   'expression tag'      172 11 
# 
loop_
_chem_comp.id 
_chem_comp.type 
_chem_comp.mon_nstd_flag 
_chem_comp.name 
_chem_comp.pdbx_synonyms 
_chem_comp.formula 
_chem_comp.formula_weight 
3H2 non-polymer         . pentylbenzene                                         ?     'C11 H16'        148.245 
ALA 'L-peptide linking' y ALANINE                                               ?     'C3 H7 N O2'     89.093  
ARG 'L-peptide linking' y ARGININE                                              ?     'C6 H15 N4 O2 1' 175.209 
ASN 'L-peptide linking' y ASPARAGINE                                            ?     'C4 H8 N2 O3'    132.118 
ASP 'L-peptide linking' y 'ASPARTIC ACID'                                       ?     'C4 H7 N O4'     133.103 
CYS 'L-peptide linking' y CYSTEINE                                              ?     'C3 H7 N O2 S'   121.158 
EPE non-polymer         . '4-(2-HYDROXYETHYL)-1-PIPERAZINE ETHANESULFONIC ACID' HEPES 'C8 H18 N2 O4 S' 238.305 
GLN 'L-peptide linking' y GLUTAMINE                                             ?     'C5 H10 N2 O3'   146.144 
GLU 'L-peptide linking' y 'GLUTAMIC ACID'                                       ?     'C5 H9 N O4'     147.129 
GLY 'peptide linking'   y GLYCINE                                               ?     'C2 H5 N O2'     75.067  
HIS 'L-peptide linking' y HISTIDINE                                             ?     'C6 H10 N3 O2 1' 156.162 
HOH non-polymer         . WATER                                                 ?     'H2 O'           18.015  
ILE 'L-peptide linking' y ISOLEUCINE                                            ?     'C6 H13 N O2'    131.173 
LEU 'L-peptide linking' y LEUCINE                                               ?     'C6 H13 N O2'    131.173 
LYS 'L-peptide linking' y LYSINE                                                ?     'C6 H15 N2 O2 1' 147.195 
MET 'L-peptide linking' y METHIONINE                                            ?     'C5 H11 N O2 S'  149.211 
PHE 'L-peptide linking' y PHENYLALANINE                                         ?     'C9 H11 N O2'    165.189 
PRO 'L-peptide linking' y PROLINE                                               ?     'C5 H9 N O2'     115.130 
SER 'L-peptide linking' y SERINE                                                ?     'C3 H7 N O3'     105.093 
THR 'L-peptide linking' y THREONINE                                             ?     'C4 H9 N O3'     119.119 
TRP 'L-peptide linking' y TRYPTOPHAN                                            ?     'C11 H12 N2 O2'  204.225 
TYR 'L-peptide linking' y TYROSINE                                              ?     'C9 H11 N O3'    181.189 
VAL 'L-peptide linking' y VALINE                                                ?     'C5 H11 N O2'    117.146 
# 
_exptl.absorpt_coefficient_mu     ? 
_exptl.absorpt_correction_T_max   ? 
_exptl.absorpt_correction_T_min   ? 
_exptl.absorpt_correction_type    ? 
_exptl.absorpt_process_details    ? 
_exptl.entry_id                   4W58 
_exptl.crystals_number            1 
_exptl.details                    ? 
_exptl.method                     'X-RAY DIFFRACTION' 
_exptl.method_details             ? 
# 
_exptl_crystal.colour                      ? 
_exptl_crystal.density_diffrn              ? 
_exptl_crystal.density_Matthews            2.62 
_exptl_crystal.density_method              ? 
_exptl_crystal.density_percent_sol         53.10 
_exptl_crystal.description                 ? 
_exptl_crystal.F_000                       ? 
_exptl_crystal.id                          1 
_exptl_crystal.preparation                 ? 
_exptl_crystal.size_max                    ? 
_exptl_crystal.size_mid                    ? 
_exptl_crystal.size_min                    ? 
_exptl_crystal.size_rad                    ? 
_exptl_crystal.colour_lustre               ? 
_exptl_crystal.colour_modifier             ? 
_exptl_crystal.colour_primary              ? 
_exptl_crystal.density_meas                ? 
_exptl_crystal.density_meas_esd            ? 
_exptl_crystal.density_meas_gt             ? 
_exptl_crystal.density_meas_lt             ? 
_exptl_crystal.density_meas_temp           ? 
_exptl_crystal.density_meas_temp_esd       ? 
_exptl_crystal.density_meas_temp_gt        ? 
_exptl_crystal.density_meas_temp_lt        ? 
_exptl_crystal.pdbx_crystal_image_url      ? 
_exptl_crystal.pdbx_crystal_image_format   ? 
_exptl_crystal.pdbx_mosaicity              ? 
_exptl_crystal.pdbx_mosaicity_esd          ? 
# 
_exptl_crystal_grow.apparatus       ? 
_exptl_crystal_grow.atmosphere      ? 
_exptl_crystal_grow.crystal_id      1 
_exptl_crystal_grow.details         ? 
_exptl_crystal_grow.method          'VAPOR DIFFUSION, HANGING DROP' 
_exptl_crystal_grow.method_ref      ? 
_exptl_crystal_grow.pH              7.5 
_exptl_crystal_grow.pressure        ? 
_exptl_crystal_grow.pressure_esd    ? 
_exptl_crystal_grow.seeding         ? 
_exptl_crystal_grow.seeding_ref     ? 
_exptl_crystal_grow.temp            277 
_exptl_crystal_grow.temp_details    ? 
_exptl_crystal_grow.temp_esd        ? 
_exptl_crystal_grow.time            ? 
_exptl_crystal_grow.pdbx_details    
'20% (w/v) PEGF-4000, 10% 2-propanol, 0.1 M HEPES, 50 mM 2-mercaptoethanol, 50 mM 2-hydroxyethyl disulfide' 
_exptl_crystal_grow.pdbx_pH_range   ? 
# 
_diffrn.ambient_environment    ? 
_diffrn.ambient_temp           100 
_diffrn.ambient_temp_details   ? 
_diffrn.ambient_temp_esd       ? 
_diffrn.crystal_id             1 
_diffrn.crystal_support        ? 
_diffrn.crystal_treatment      ? 
_diffrn.details                ? 
_diffrn.id                     1 
_diffrn.ambient_pressure       ? 
_diffrn.ambient_pressure_esd   ? 
_diffrn.ambient_pressure_gt    ? 
_diffrn.ambient_pressure_lt    ? 
_diffrn.ambient_temp_gt        ? 
_diffrn.ambient_temp_lt        ? 
# 
_diffrn_detector.details                      ? 
_diffrn_detector.detector                     CCD 
_diffrn_detector.diffrn_id                    1 
_diffrn_detector.type                         'ADSC QUANTUM 315r' 
_diffrn_detector.area_resol_mean              ? 
_diffrn_detector.dtime                        ? 
_diffrn_detector.pdbx_frames_total            ? 
_diffrn_detector.pdbx_collection_time_total   ? 
_diffrn_detector.pdbx_collection_date         2009-06-30 
# 
_diffrn_radiation.collimation                      ? 
_diffrn_radiation.diffrn_id                        1 
_diffrn_radiation.filter_edge                      ? 
_diffrn_radiation.inhomogeneity                    ? 
_diffrn_radiation.monochromator                    'two flat Si(111) crystals, mounted in a model DCM from Khozu' 
_diffrn_radiation.polarisn_norm                    ? 
_diffrn_radiation.polarisn_ratio                   ? 
_diffrn_radiation.probe                            ? 
_diffrn_radiation.type                             ? 
_diffrn_radiation.xray_symbol                      ? 
_diffrn_radiation.wavelength_id                    1 
_diffrn_radiation.pdbx_monochromatic_or_laue_m_l   M 
_diffrn_radiation.pdbx_wavelength_list             ? 
_diffrn_radiation.pdbx_wavelength                  ? 
_diffrn_radiation.pdbx_diffrn_protocol             'SINGLE WAVELENGTH' 
_diffrn_radiation.pdbx_analyzer                    ? 
_diffrn_radiation.pdbx_scattering_type             x-ray 
# 
_diffrn_radiation_wavelength.id           1 
_diffrn_radiation_wavelength.wavelength   1.116 
_diffrn_radiation_wavelength.wt           1.0 
# 
_diffrn_source.current                     ? 
_diffrn_source.details                     ? 
_diffrn_source.diffrn_id                   1 
_diffrn_source.power                       ? 
_diffrn_source.size                        ? 
_diffrn_source.source                      SYNCHROTRON 
_diffrn_source.target                      ? 
_diffrn_source.type                        'ALS BEAMLINE 8.3.1' 
_diffrn_source.voltage                     ? 
_diffrn_source.take-off_angle              ? 
_diffrn_source.pdbx_wavelength_list        1.116 
_diffrn_source.pdbx_wavelength             ? 
_diffrn_source.pdbx_synchrotron_beamline   8.3.1 
_diffrn_source.pdbx_synchrotron_site       ALS 
# 
_reflns.B_iso_Wilson_estimate            16.460 
_reflns.entry_id                         4W58 
_reflns.data_reduction_details           ? 
_reflns.data_reduction_method            ? 
_reflns.d_resolution_high                1.80 
_reflns.d_resolution_low                 50.0 
_reflns.details                          ? 
_reflns.limit_h_max                      ? 
_reflns.limit_h_min                      ? 
_reflns.limit_k_max                      ? 
_reflns.limit_k_min                      ? 
_reflns.limit_l_max                      ? 
_reflns.limit_l_min                      ? 
_reflns.number_all                       ? 
_reflns.number_obs                       23258 
_reflns.observed_criterion               ? 
_reflns.observed_criterion_F_max         ? 
_reflns.observed_criterion_F_min         ? 
_reflns.observed_criterion_I_max         ? 
_reflns.observed_criterion_I_min         ? 
_reflns.observed_criterion_sigma_F       ? 
_reflns.observed_criterion_sigma_I       -3.000 
_reflns.percent_possible_obs             100.000 
_reflns.R_free_details                   ? 
_reflns.Rmerge_F_all                     ? 
_reflns.Rmerge_F_obs                     0.074 
_reflns.Friedel_coverage                 ? 
_reflns.number_gt                        ? 
_reflns.threshold_expression             ? 
_reflns.pdbx_redundancy                  9.0 
_reflns.pdbx_Rmerge_I_obs                0.084 
_reflns.pdbx_Rmerge_I_all                ? 
_reflns.pdbx_Rsym_value                  ? 
_reflns.pdbx_netI_over_av_sigmaI         ? 
_reflns.pdbx_netI_over_sigmaI            20.500 
_reflns.pdbx_res_netI_over_av_sigmaI_2   ? 
_reflns.pdbx_res_netI_over_sigmaI_2      ? 
_reflns.pdbx_chi_squared                 1.036 
_reflns.pdbx_scaling_rejects             ? 
_reflns.pdbx_d_res_high_opt              ? 
_reflns.pdbx_d_res_low_opt               ? 
_reflns.pdbx_d_res_opt_method            ? 
_reflns.phase_calculation_details        ? 
_reflns.pdbx_Rrim_I_all                  0.089 
_reflns.pdbx_Rpim_I_all                  ? 
_reflns.pdbx_d_opt                       ? 
_reflns.pdbx_number_measured_all         176887 
_reflns.pdbx_diffrn_id                   1 
_reflns.pdbx_ordinal                     1 
_reflns.pdbx_CC_half                     ? 
_reflns.pdbx_R_split                     ? 
# 
loop_
_reflns_shell.d_res_high 
_reflns_shell.d_res_low 
_reflns_shell.meanI_over_sigI_all 
_reflns_shell.meanI_over_sigI_obs 
_reflns_shell.number_measured_all 
_reflns_shell.number_measured_obs 
_reflns_shell.number_possible 
_reflns_shell.number_unique_all 
_reflns_shell.number_unique_obs 
_reflns_shell.percent_possible_all 
_reflns_shell.percent_possible_obs 
_reflns_shell.Rmerge_F_all 
_reflns_shell.Rmerge_F_obs 
_reflns_shell.Rmerge_I_all 
_reflns_shell.Rmerge_I_obs 
_reflns_shell.meanI_over_sigI_gt 
_reflns_shell.meanI_over_uI_all 
_reflns_shell.meanI_over_uI_gt 
_reflns_shell.number_measured_gt 
_reflns_shell.number_unique_gt 
_reflns_shell.percent_possible_gt 
_reflns_shell.Rmerge_F_gt 
_reflns_shell.Rmerge_I_gt 
_reflns_shell.pdbx_redundancy 
_reflns_shell.pdbx_Rsym_value 
_reflns_shell.pdbx_chi_squared 
_reflns_shell.pdbx_netI_over_sigmaI_all 
_reflns_shell.pdbx_netI_over_sigmaI_obs 
_reflns_shell.pdbx_Rrim_I_all 
_reflns_shell.pdbx_Rpim_I_all 
_reflns_shell.pdbx_rejects 
_reflns_shell.pdbx_ordinal 
_reflns_shell.pdbx_diffrn_id 
_reflns_shell.pdbx_CC_half 
_reflns_shell.pdbx_R_split 
1.800 1.910 ? 5.860  ? 29122 3186 ? 3186 100.000 ? ? 0.278 ? 0.481 ? ? ? ? ? ? ? ? ? ? ? ? ? 0.510 ? 0 1 1 ? ? 
1.910 2.050 ? 9.240  ? 28365 3098 ? 3098 100.000 ? ? 0.174 ? 0.301 ? ? ? ? ? ? ? ? ? ? ? ? ? 0.319 ? 0 2 1 ? ? 
2.050 2.280 ? 14.920 ? 33016 3610 ? 3610 100.000 ? ? 0.099 ? 0.160 ? ? ? ? ? ? ? ? ? ? ? ? ? 0.170 ? 0 3 1 ? ? 
2.280 2.550 ? 20.120 ? 25140 2765 ? 2764 100.000 ? ? 0.068 ? 0.109 ? ? ? ? ? ? ? ? ? ? ? ? ? 0.116 ? 0 4 1 ? ? 
2.550 2.940 ? 25.120 ? 21590 2416 ? 2416 100.000 ? ? 0.051 ? 0.082 ? ? ? ? ? ? ? ? ? ? ? ? ? 0.087 ? 0 5 1 ? ? 
2.940 3.600 ? 34.250 ? 17988 2093 ? 2093 100.000 ? ? 0.033 ? 0.053 ? ? ? ? ? ? ? ? ? ? ? ? ? 0.057 ? 0 6 1 ? ? 
3.600 5.080 ? 45.140 ? 13850 1642 ? 1642 100.000 ? ? 0.020 ? 0.037 ? ? ? ? ? ? ? ? ? ? ? ? ? 0.040 ? 0 7 1 ? ? 
5.080 ?     ? 43.460 ? 7816  975  ? 973  99.800  ? ? 0.019 ? 0.034 ? ? ? ? ? ? ? ? ? ? ? ? ? 0.037 ? 0 8 1 ? ? 
# 
_refine.aniso_B[1][1]                            1.7269 
_refine.aniso_B[1][2]                            -0.0000 
_refine.aniso_B[1][3]                            -0.0000 
_refine.aniso_B[2][2]                            1.7269 
_refine.aniso_B[2][3]                            0.0000 
_refine.aniso_B[3][3]                            -3.4537 
_refine.B_iso_max                                73.150 
_refine.B_iso_mean                               18.4039 
_refine.B_iso_min                                6.600 
_refine.correlation_coeff_Fo_to_Fc               ? 
_refine.correlation_coeff_Fo_to_Fc_free          ? 
_refine.details                                  ? 
_refine.diff_density_max                         ? 
_refine.diff_density_max_esd                     ? 
_refine.diff_density_min                         ? 
_refine.diff_density_min_esd                     ? 
_refine.diff_density_rms                         ? 
_refine.diff_density_rms_esd                     ? 
_refine.entry_id                                 4W58 
_refine.pdbx_refine_id                           'X-RAY DIFFRACTION' 
_refine.ls_abs_structure_details                 ? 
_refine.ls_abs_structure_Flack                   ? 
_refine.ls_abs_structure_Flack_esd               ? 
_refine.ls_abs_structure_Rogers                  ? 
_refine.ls_abs_structure_Rogers_esd              ? 
_refine.ls_d_res_high                            1.8000 
_refine.ls_d_res_low                             46.2260 
_refine.ls_extinction_coef                       ? 
_refine.ls_extinction_coef_esd                   ? 
_refine.ls_extinction_expression                 ? 
_refine.ls_extinction_method                     ? 
_refine.ls_goodness_of_fit_all                   ? 
_refine.ls_goodness_of_fit_all_esd               ? 
_refine.ls_goodness_of_fit_obs                   ? 
_refine.ls_goodness_of_fit_obs_esd               ? 
_refine.ls_hydrogen_treatment                    ? 
_refine.ls_matrix_type                           ? 
_refine.ls_number_constraints                    ? 
_refine.ls_number_parameters                     ? 
_refine.ls_number_reflns_all                     ? 
_refine.ls_number_reflns_obs                     19779 
_refine.ls_number_reflns_R_free                  1186 
_refine.ls_number_reflns_R_work                  18593 
_refine.ls_number_restraints                     ? 
_refine.ls_percent_reflns_obs                    99.9700 
_refine.ls_percent_reflns_R_free                 6.0000 
_refine.ls_R_factor_all                          ? 
_refine.ls_R_factor_obs                          0.1624 
_refine.ls_R_factor_R_free                       0.1843 
_refine.ls_R_factor_R_free_error                 ? 
_refine.ls_R_factor_R_free_error_details         ? 
_refine.ls_R_factor_R_work                       0.1611 
_refine.ls_R_Fsqd_factor_obs                     ? 
_refine.ls_R_I_factor_obs                        ? 
_refine.ls_redundancy_reflns_all                 ? 
_refine.ls_redundancy_reflns_obs                 ? 
_refine.ls_restrained_S_all                      ? 
_refine.ls_restrained_S_obs                      ? 
_refine.ls_shift_over_esd_max                    ? 
_refine.ls_shift_over_esd_mean                   ? 
_refine.ls_structure_factor_coef                 ? 
_refine.ls_weighting_details                     ? 
_refine.ls_weighting_scheme                      ? 
_refine.ls_wR_factor_all                         ? 
_refine.ls_wR_factor_obs                         ? 
_refine.ls_wR_factor_R_free                      ? 
_refine.ls_wR_factor_R_work                      ? 
_refine.occupancy_max                            ? 
_refine.occupancy_min                            ? 
_refine.solvent_model_details                    'FLAT BULK SOLVENT MODEL' 
_refine.solvent_model_param_bsol                 61.9840 
_refine.solvent_model_param_ksol                 0.4380 
_refine.ls_R_factor_gt                           ? 
_refine.ls_goodness_of_fit_gt                    ? 
_refine.ls_goodness_of_fit_ref                   ? 
_refine.ls_shift_over_su_max                     ? 
_refine.ls_shift_over_su_max_lt                  ? 
_refine.ls_shift_over_su_mean                    ? 
_refine.ls_shift_over_su_mean_lt                 ? 
_refine.pdbx_ls_sigma_I                          ? 
_refine.pdbx_ls_sigma_F                          2.010 
_refine.pdbx_ls_sigma_Fsqd                       ? 
_refine.pdbx_data_cutoff_high_absF               ? 
_refine.pdbx_data_cutoff_high_rms_absF           ? 
_refine.pdbx_data_cutoff_low_absF                ? 
_refine.pdbx_isotropic_thermal_model             ? 
_refine.pdbx_ls_cross_valid_method               'FREE R-VALUE' 
_refine.pdbx_method_to_determine_struct          'MOLECULAR REPLACEMENT' 
_refine.pdbx_starting_model                      181L 
_refine.pdbx_stereochemistry_target_values       ML 
_refine.pdbx_R_Free_selection_details            'Random selection' 
_refine.pdbx_stereochem_target_val_spec_case     ? 
_refine.pdbx_overall_ESU_R                       ? 
_refine.pdbx_overall_ESU_R_Free                  ? 
_refine.pdbx_solvent_vdw_probe_radii             0.9000 
_refine.pdbx_solvent_ion_probe_radii             ? 
_refine.pdbx_solvent_shrinkage_radii             0.6100 
_refine.pdbx_real_space_R                        ? 
_refine.pdbx_density_correlation                 ? 
_refine.pdbx_pd_number_of_powder_patterns        ? 
_refine.pdbx_pd_number_of_points                 ? 
_refine.pdbx_pd_meas_number_of_points            ? 
_refine.pdbx_pd_proc_ls_prof_R_factor            ? 
_refine.pdbx_pd_proc_ls_prof_wR_factor           ? 
_refine.pdbx_pd_Marquardt_correlation_coeff      ? 
_refine.pdbx_pd_Fsqrd_R_factor                   ? 
_refine.pdbx_pd_ls_matrix_band_width             ? 
_refine.pdbx_overall_phase_error                 15.7700 
_refine.pdbx_overall_SU_R_free_Cruickshank_DPI   ? 
_refine.pdbx_overall_SU_R_free_Blow_DPI          ? 
_refine.pdbx_overall_SU_R_Blow_DPI               ? 
_refine.pdbx_TLS_residual_ADP_flag               ? 
_refine.pdbx_diffrn_id                           1 
_refine.overall_SU_B                             ? 
_refine.overall_SU_ML                            0.2800 
_refine.overall_SU_R_Cruickshank_DPI             ? 
_refine.overall_SU_R_free                        ? 
_refine.overall_FOM_free_R_set                   ? 
_refine.overall_FOM_work_R_set                   ? 
# 
_refine_hist.cycle_id                         final 
_refine_hist.pdbx_refine_id                   'X-RAY DIFFRACTION' 
_refine_hist.d_res_high                       1.8000 
_refine_hist.d_res_low                        46.2260 
_refine_hist.pdbx_number_atoms_ligand         26 
_refine_hist.number_atoms_solvent             129 
_refine_hist.number_atoms_total               1447 
_refine_hist.pdbx_number_residues_total       165 
_refine_hist.pdbx_B_iso_mean_ligand           27.04 
_refine_hist.pdbx_B_iso_mean_solvent          30.01 
_refine_hist.pdbx_number_atoms_protein        1292 
_refine_hist.pdbx_number_atoms_nucleic_acid   0 
# 
loop_
_refine_ls_restr.pdbx_refine_id 
_refine_ls_restr.criterion 
_refine_ls_restr.dev_ideal 
_refine_ls_restr.dev_ideal_target 
_refine_ls_restr.number 
_refine_ls_restr.rejects 
_refine_ls_restr.type 
_refine_ls_restr.weight 
_refine_ls_restr.pdbx_restraint_function 
'X-RAY DIFFRACTION' ? 0.016  ? 1489 ? f_bond_d           ? ? 
'X-RAY DIFFRACTION' ? 1.489  ? 2026 ? f_angle_d          ? ? 
'X-RAY DIFFRACTION' ? 0.103  ? 224  ? f_chiral_restr     ? ? 
'X-RAY DIFFRACTION' ? 0.007  ? 260  ? f_plane_restr      ? ? 
'X-RAY DIFFRACTION' ? 11.759 ? 588  ? f_dihedral_angle_d ? ? 
# 
loop_
_refine_ls_shell.pdbx_refine_id 
_refine_ls_shell.d_res_high 
_refine_ls_shell.d_res_low 
_refine_ls_shell.number_reflns_all 
_refine_ls_shell.number_reflns_obs 
_refine_ls_shell.number_reflns_R_free 
_refine_ls_shell.number_reflns_R_work 
_refine_ls_shell.percent_reflns_obs 
_refine_ls_shell.percent_reflns_R_free 
_refine_ls_shell.R_factor_all 
_refine_ls_shell.R_factor_obs 
_refine_ls_shell.R_factor_R_free 
_refine_ls_shell.R_factor_R_free_error 
_refine_ls_shell.R_factor_R_work 
_refine_ls_shell.redundancy_reflns_all 
_refine_ls_shell.redundancy_reflns_obs 
_refine_ls_shell.wR_factor_all 
_refine_ls_shell.wR_factor_obs 
_refine_ls_shell.wR_factor_R_free 
_refine_ls_shell.wR_factor_R_work 
_refine_ls_shell.pdbx_total_number_of_bins_used 
_refine_ls_shell.pdbx_phase_error 
'X-RAY DIFFRACTION' 1.8000 1.8819  2432 . 146 2286 100.0000 . . . 0.2536 . 0.1788 . . . . . . 8 . 
'X-RAY DIFFRACTION' 1.8819 1.9811  2428 . 145 2283 100.0000 . . . 0.1980 . 0.1531 . . . . . . 8 . 
'X-RAY DIFFRACTION' 1.9811 2.1053  2466 . 148 2318 100.0000 . . . 0.1664 . 0.1370 . . . . . . 8 . 
'X-RAY DIFFRACTION' 2.1053 2.2678  2408 . 145 2263 100.0000 . . . 0.1472 . 0.1355 . . . . . . 8 . 
'X-RAY DIFFRACTION' 2.2678 2.4960  2462 . 147 2315 100.0000 . . . 0.2155 . 0.1490 . . . . . . 8 . 
'X-RAY DIFFRACTION' 2.4960 2.8572  2464 . 148 2316 100.0000 . . . 0.2070 . 0.1704 . . . . . . 8 . 
'X-RAY DIFFRACTION' 2.8572 3.5995  2505 . 151 2354 100.0000 . . . 0.1768 . 0.1562 . . . . . . 8 . 
'X-RAY DIFFRACTION' 3.5995 46.2416 2614 . 156 2458 100.0000 . . . 0.1703 . 0.1785 . . . . . . 8 . 
# 
_struct.entry_id                     4W58 
_struct.title                        'T4 Lysozyme L99A with n-Pentylbenzene Bound' 
_struct.pdbx_model_details           ? 
_struct.pdbx_formula_weight          ? 
_struct.pdbx_formula_weight_method   ? 
_struct.pdbx_model_type_details      ? 
_struct.pdbx_CASP_flag               ? 
# 
_struct_keywords.entry_id        4W58 
_struct_keywords.text            HYDROLASE 
_struct_keywords.pdbx_keywords   HYDROLASE 
# 
loop_
_struct_asym.id 
_struct_asym.pdbx_blank_PDB_chainid_flag 
_struct_asym.pdbx_modified 
_struct_asym.entity_id 
_struct_asym.details 
A N N 1 ? 
B N N 2 ? 
C N N 3 ? 
D N N 4 ? 
# 
loop_
_struct_conf.conf_type_id 
_struct_conf.id 
_struct_conf.pdbx_PDB_helix_id 
_struct_conf.beg_label_comp_id 
_struct_conf.beg_label_asym_id 
_struct_conf.beg_label_seq_id 
_struct_conf.pdbx_beg_PDB_ins_code 
_struct_conf.end_label_comp_id 
_struct_conf.end_label_asym_id 
_struct_conf.end_label_seq_id 
_struct_conf.pdbx_end_PDB_ins_code 
_struct_conf.beg_auth_comp_id 
_struct_conf.beg_auth_asym_id 
_struct_conf.beg_auth_seq_id 
_struct_conf.end_auth_comp_id 
_struct_conf.end_auth_asym_id 
_struct_conf.end_auth_seq_id 
_struct_conf.pdbx_PDB_helix_class 
_struct_conf.details 
_struct_conf.pdbx_PDB_helix_length 
HELX_P HELX_P1  AA1 ASN A 2   ? GLY A 12  ? ASN A 2   GLY A 12  1 ? 11 
HELX_P HELX_P2  AA2 SER A 38  ? GLY A 51  ? SER A 38  GLY A 51  1 ? 14 
HELX_P HELX_P3  AA3 THR A 59  ? ASN A 81  ? THR A 59  ASN A 81  1 ? 23 
HELX_P HELX_P4  AA4 LYS A 83  ? LEU A 91  ? LYS A 83  LEU A 91  1 ? 9  
HELX_P HELX_P5  AA5 ASP A 92  ? GLY A 107 ? ASP A 92  GLY A 107 1 ? 16 
HELX_P HELX_P6  AA6 GLY A 110 ? GLY A 113 ? GLY A 110 GLY A 113 5 ? 4  
HELX_P HELX_P7  AA7 PHE A 114 ? GLN A 123 ? PHE A 114 GLN A 123 1 ? 10 
HELX_P HELX_P8  AA8 ARG A 125 ? LYS A 135 ? ARG A 125 LYS A 135 1 ? 11 
HELX_P HELX_P9  AA9 SER A 136 ? THR A 142 ? SER A 136 THR A 142 1 ? 7  
HELX_P HELX_P10 AB1 THR A 142 ? GLY A 156 ? THR A 142 GLY A 156 1 ? 15 
HELX_P HELX_P11 AB2 TRP A 158 ? LEU A 164 ? TRP A 158 LEU A 164 1 ? 7  
# 
_struct_conf_type.id          HELX_P 
_struct_conf_type.criteria    ? 
_struct_conf_type.reference   ? 
# 
_struct_sheet.id               AA1 
_struct_sheet.type             ? 
_struct_sheet.number_strands   3 
_struct_sheet.details          ? 
# 
loop_
_struct_sheet_order.sheet_id 
_struct_sheet_order.range_id_1 
_struct_sheet_order.range_id_2 
_struct_sheet_order.offset 
_struct_sheet_order.sense 
AA1 1 2 ? anti-parallel 
AA1 2 3 ? anti-parallel 
# 
loop_
_struct_sheet_range.sheet_id 
_struct_sheet_range.id 
_struct_sheet_range.beg_label_comp_id 
_struct_sheet_range.beg_label_asym_id 
_struct_sheet_range.beg_label_seq_id 
_struct_sheet_range.pdbx_beg_PDB_ins_code 
_struct_sheet_range.end_label_comp_id 
_struct_sheet_range.end_label_asym_id 
_struct_sheet_range.end_label_seq_id 
_struct_sheet_range.pdbx_end_PDB_ins_code 
_struct_sheet_range.beg_auth_comp_id 
_struct_sheet_range.beg_auth_asym_id 
_struct_sheet_range.beg_auth_seq_id 
_struct_sheet_range.end_auth_comp_id 
_struct_sheet_range.end_auth_asym_id 
_struct_sheet_range.end_auth_seq_id 
AA1 1 ARG A 14 ? LYS A 19 ? ARG A 14 LYS A 19 
AA1 2 TYR A 25 ? GLY A 28 ? TYR A 25 GLY A 28 
AA1 3 HIS A 31 ? THR A 34 ? HIS A 31 THR A 34 
# 
loop_
_pdbx_struct_sheet_hbond.sheet_id 
_pdbx_struct_sheet_hbond.range_id_1 
_pdbx_struct_sheet_hbond.range_id_2 
_pdbx_struct_sheet_hbond.range_1_label_atom_id 
_pdbx_struct_sheet_hbond.range_1_label_comp_id 
_pdbx_struct_sheet_hbond.range_1_label_asym_id 
_pdbx_struct_sheet_hbond.range_1_label_seq_id 
_pdbx_struct_sheet_hbond.range_1_PDB_ins_code 
_pdbx_struct_sheet_hbond.range_1_auth_atom_id 
_pdbx_struct_sheet_hbond.range_1_auth_comp_id 
_pdbx_struct_sheet_hbond.range_1_auth_asym_id 
_pdbx_struct_sheet_hbond.range_1_auth_seq_id 
_pdbx_struct_sheet_hbond.range_2_label_atom_id 
_pdbx_struct_sheet_hbond.range_2_label_comp_id 
_pdbx_struct_sheet_hbond.range_2_label_asym_id 
_pdbx_struct_sheet_hbond.range_2_label_seq_id 
_pdbx_struct_sheet_hbond.range_2_PDB_ins_code 
_pdbx_struct_sheet_hbond.range_2_auth_atom_id 
_pdbx_struct_sheet_hbond.range_2_auth_comp_id 
_pdbx_struct_sheet_hbond.range_2_auth_asym_id 
_pdbx_struct_sheet_hbond.range_2_auth_seq_id 
AA1 1 2 N TYR A 18 ? N TYR A 18 O THR A 26 ? O THR A 26 
AA1 2 3 N TYR A 25 ? N TYR A 25 O LEU A 33 ? O LEU A 33 
# 
loop_
_struct_site.id 
_struct_site.pdbx_evidence_code 
_struct_site.pdbx_auth_asym_id 
_struct_site.pdbx_auth_comp_id 
_struct_site.pdbx_auth_seq_id 
_struct_site.pdbx_auth_ins_code 
_struct_site.pdbx_num_residues 
_struct_site.details 
AC1 Software A 3H2 200 ? 7 'binding site for residue 3H2 A 200' 
AC2 Software A EPE 201 ? 9 'binding site for residue EPE A 201' 
# 
loop_
_struct_site_gen.id 
_struct_site_gen.site_id 
_struct_site_gen.pdbx_num_res 
_struct_site_gen.label_comp_id 
_struct_site_gen.label_asym_id 
_struct_site_gen.label_seq_id 
_struct_site_gen.pdbx_auth_ins_code 
_struct_site_gen.auth_comp_id 
_struct_site_gen.auth_asym_id 
_struct_site_gen.auth_seq_id 
_struct_site_gen.label_atom_id 
_struct_site_gen.label_alt_id 
_struct_site_gen.symmetry 
_struct_site_gen.details 
1  AC1 7 ALA A 99  ? ALA A 99  . ? 1_555 ? 
2  AC1 7 MET A 106 ? MET A 106 . ? 1_555 ? 
3  AC1 7 GLY A 107 ? GLY A 107 . ? 1_555 ? 
4  AC1 7 GLY A 110 ? GLY A 110 . ? 1_555 ? 
5  AC1 7 VAL A 111 ? VAL A 111 . ? 1_555 ? 
6  AC1 7 ALA A 112 ? ALA A 112 . ? 1_555 ? 
7  AC1 7 LEU A 118 ? LEU A 118 . ? 1_555 ? 
8  AC2 9 GLY A 30  ? GLY A 30  . ? 1_555 ? 
9  AC2 9 LEU A 32  ? LEU A 32  . ? 1_555 ? 
10 AC2 9 LYS A 35  ? LYS A 35  . ? 1_555 ? 
11 AC2 9 ASP A 70  ? ASP A 70  . ? 1_555 ? 
12 AC2 9 PHE A 104 ? PHE A 104 . ? 1_555 ? 
13 AC2 9 MET A 106 ? MET A 106 . ? 1_555 ? 
14 AC2 9 HOH D .   ? HOH A 375 . ? 1_555 ? 
15 AC2 9 HOH D .   ? HOH A 420 . ? 1_555 ? 
16 AC2 9 HOH D .   ? HOH A 422 . ? 1_555 ? 
# 
_atom_sites.entry_id                    4W58 
_atom_sites.fract_transf_matrix[1][1]   -0.01227727 
_atom_sites.fract_transf_matrix[1][2]   0.01306952 
_atom_sites.fract_transf_matrix[1][3]   0.00635963 
_atom_sites.fract_transf_matrix[2][1]   -0.01041894 
_atom_sites.fract_transf_matrix[2][2]   -0.00349616 
_atom_sites.fract_transf_matrix[2][3]   0.01553098 
_atom_sites.fract_transf_matrix[3][1]   0.00739536 
_atom_sites.fract_transf_matrix[3][2]   0.00408545 
_atom_sites.fract_transf_matrix[3][3]   0.00588084 
_atom_sites.fract_transf_vector[1]      -0.323245 
_atom_sites.fract_transf_vector[2]      0.220744 
_atom_sites.fract_transf_vector[3]      0.099846 
# 
loop_
_atom_type.symbol 
C 
N 
O 
S 
# 
loop_
_atom_site.group_PDB 
_atom_site.id 
_atom_site.type_symbol 
_atom_site.label_atom_id 
_atom_site.label_alt_id 
_atom_site.label_comp_id 
_atom_site.label_asym_id 
_atom_site.label_entity_id 
_atom_site.label_seq_id 
_atom_site.pdbx_PDB_ins_code 
_atom_site.Cartn_x 
_atom_site.Cartn_y 
_atom_site.Cartn_z 
_atom_site.occupancy 
_atom_site.B_iso_or_equiv 
_atom_site.pdbx_formal_charge 
_atom_site.auth_seq_id 
_atom_site.auth_comp_id 
_atom_site.auth_asym_id 
_atom_site.auth_atom_id 
_atom_site.pdbx_PDB_model_num 
ATOM   1    N N   . MET A 1 1   ? 3.599   10.468  -13.472 1.00 31.50 ? 1   MET A N   1 
ATOM   2    C CA  A MET A 1 1   ? 3.326   9.958   -12.136 0.50 25.98 ? 1   MET A CA  1 
ATOM   3    C CA  B MET A 1 1   ? 3.274   9.897   -12.157 0.50 26.06 ? 1   MET A CA  1 
ATOM   4    C C   . MET A 1 1   ? 4.363   8.916   -11.752 1.00 16.20 ? 1   MET A C   1 
ATOM   5    O O   . MET A 1 1   ? 5.013   8.306   -12.613 1.00 18.48 ? 1   MET A O   1 
ATOM   6    C CB  A MET A 1 1   ? 1.932   9.341   -12.103 0.50 22.27 ? 1   MET A CB  1 
ATOM   7    C CB  B MET A 1 1   ? 1.940   9.132   -12.205 0.50 22.20 ? 1   MET A CB  1 
ATOM   8    C CG  A MET A 1 1   ? 1.489   8.834   -10.758 0.50 24.68 ? 1   MET A CG  1 
ATOM   9    C CG  B MET A 1 1   ? 0.669   9.968   -12.281 0.50 27.01 ? 1   MET A CG  1 
ATOM   10   S SD  A MET A 1 1   ? -0.299  8.845   -10.716 0.50 40.16 ? 1   MET A SD  1 
ATOM   11   S SD  B MET A 1 1   ? 0.161   10.609  -10.677 0.50 33.64 ? 1   MET A SD  1 
ATOM   12   C CE  A MET A 1 1   ? -0.524  10.592  -10.437 0.50 40.67 ? 1   MET A CE  1 
ATOM   13   C CE  B MET A 1 1   ? 0.684   9.301   -9.594  0.50 12.85 ? 1   MET A CE  1 
ATOM   14   N N   . ASN A 1 2   ? 4.527   8.716   -10.452 1.00 14.08 ? 2   ASN A N   1 
ATOM   15   C CA  . ASN A 1 2   ? 5.432   7.716   -9.927  1.00 12.17 ? 2   ASN A CA  1 
ATOM   16   C C   . ASN A 1 2   ? 4.779   7.135   -8.665  1.00 13.11 ? 2   ASN A C   1 
ATOM   17   O O   . ASN A 1 2   ? 3.710   7.624   -8.234  1.00 11.18 ? 2   ASN A O   1 
ATOM   18   C CB  . ASN A 1 2   ? 6.809   8.372   -9.612  1.00 13.63 ? 2   ASN A CB  1 
ATOM   19   C CG  . ASN A 1 2   ? 6.696   9.513   -8.625  1.00 17.49 ? 2   ASN A CG  1 
ATOM   20   O OD1 . ASN A 1 2   ? 6.186   9.328   -7.522  1.00 15.59 ? 2   ASN A OD1 1 
ATOM   21   N ND2 . ASN A 1 2   ? 7.193   10.704  -8.998  1.00 16.08 ? 2   ASN A ND2 1 
ATOM   22   N N   . ILE A 1 3   ? 5.406   6.120   -8.059  1.00 10.03 ? 3   ILE A N   1 
ATOM   23   C CA  . ILE A 1 3   ? 4.783   5.430   -6.902  1.00 12.51 ? 3   ILE A CA  1 
ATOM   24   C C   . ILE A 1 3   ? 4.522   6.393   -5.738  1.00 13.40 ? 3   ILE A C   1 
ATOM   25   O O   . ILE A 1 3   ? 3.543   6.233   -4.986  1.00 10.34 ? 3   ILE A O   1 
ATOM   26   C CB  . ILE A 1 3   ? 5.654   4.192   -6.413  1.00 10.50 ? 3   ILE A CB  1 
ATOM   27   C CG1 . ILE A 1 3   ? 4.978   3.415   -5.290  1.00 9.79  ? 3   ILE A CG1 1 
ATOM   28   C CG2 . ILE A 1 3   ? 7.064   4.650   -6.021  1.00 11.42 ? 3   ILE A CG2 1 
ATOM   29   C CD1 . ILE A 1 3   ? 3.555   2.870   -5.673  1.00 11.30 ? 3   ILE A CD1 1 
ATOM   30   N N   . PHE A 1 4   ? 5.396   7.393   -5.551  1.00 10.72 ? 4   PHE A N   1 
ATOM   31   C CA  . PHE A 1 4   ? 5.158   8.320   -4.431  1.00 10.98 ? 4   PHE A CA  1 
ATOM   32   C C   . PHE A 1 4   ? 3.931   9.182   -4.647  1.00 12.91 ? 4   PHE A C   1 
ATOM   33   O O   . PHE A 1 4   ? 3.148   9.388   -3.732  1.00 12.34 ? 4   PHE A O   1 
ATOM   34   C CB  . PHE A 1 4   ? 6.407   9.188   -4.132  1.00 9.09  ? 4   PHE A CB  1 
ATOM   35   C CG  . PHE A 1 4   ? 7.551   8.375   -3.653  1.00 10.19 ? 4   PHE A CG  1 
ATOM   36   C CD1 . PHE A 1 4   ? 7.695   8.103   -2.300  1.00 17.17 ? 4   PHE A CD1 1 
ATOM   37   C CD2 . PHE A 1 4   ? 8.464   7.850   -4.554  1.00 12.10 ? 4   PHE A CD2 1 
ATOM   38   C CE1 . PHE A 1 4   ? 8.751   7.310   -1.859  1.00 17.84 ? 4   PHE A CE1 1 
ATOM   39   C CE2 . PHE A 1 4   ? 9.493   7.069   -4.128  1.00 14.12 ? 4   PHE A CE2 1 
ATOM   40   C CZ  . PHE A 1 4   ? 9.636   6.799   -2.789  1.00 15.75 ? 4   PHE A CZ  1 
ATOM   41   N N   . GLU A 1 5   ? 3.770   9.709   -5.857  1.00 12.04 ? 5   GLU A N   1 
ATOM   42   C CA  . GLU A 1 5   ? 2.593   10.518  -6.150  1.00 11.55 ? 5   GLU A CA  1 
ATOM   43   C C   . GLU A 1 5   ? 1.327   9.664   -6.029  1.00 11.59 ? 5   GLU A C   1 
ATOM   44   O O   . GLU A 1 5   ? 0.275   10.131  -5.578  1.00 13.60 ? 5   GLU A O   1 
ATOM   45   C CB  . GLU A 1 5   ? 2.692   11.140  -7.563  1.00 10.59 ? 5   GLU A CB  1 
ATOM   46   C CG  . GLU A 1 5   ? 3.824   12.244  -7.639  1.00 15.06 ? 5   GLU A CG  1 
ATOM   47   C CD  . GLU A 1 5   ? 4.087   12.750  -9.057  0.60 27.39 ? 5   GLU A CD  1 
ATOM   48   O OE1 . GLU A 1 5   ? 3.730   12.019  -9.983  0.60 20.32 ? 5   GLU A OE1 1 
ATOM   49   O OE2 . GLU A 1 5   ? 4.647   13.860  -9.254  0.60 21.97 ? 5   GLU A OE2 1 
ATOM   50   N N   . MET A 1 6   ? 1.406   8.425   -6.487  1.00 10.99 ? 6   MET A N   1 
ATOM   51   C CA  . MET A 1 6   ? 0.222   7.556   -6.516  1.00 7.97  ? 6   MET A CA  1 
ATOM   52   C C   . MET A 1 6   ? -0.215  7.264   -5.087  1.00 10.81 ? 6   MET A C   1 
ATOM   53   O O   . MET A 1 6   ? -1.409  7.375   -4.716  1.00 9.78  ? 6   MET A O   1 
ATOM   54   C CB  . MET A 1 6   ? 0.623   6.250   -7.195  1.00 8.42  ? 6   MET A CB  1 
ATOM   55   C CG  . MET A 1 6   ? -0.546  5.242   -7.399  1.00 9.36  ? 6   MET A CG  1 
ATOM   56   S SD  . MET A 1 6   ? 0.198   3.597   -7.723  1.00 11.47 ? 6   MET A SD  1 
ATOM   57   C CE  . MET A 1 6   ? -1.178  2.838   -8.597  1.00 10.43 ? 6   MET A CE  1 
ATOM   58   N N   . LEU A 1 7   ? 0.736   6.865   -4.250  1.00 9.51  ? 7   LEU A N   1 
ATOM   59   C CA  . LEU A 1 7   ? 0.354   6.543   -2.870  1.00 9.51  ? 7   LEU A CA  1 
ATOM   60   C C   . LEU A 1 7   ? -0.004  7.804   -2.084  1.00 12.18 ? 7   LEU A C   1 
ATOM   61   O O   . LEU A 1 7   ? -0.825  7.732   -1.182  1.00 13.96 ? 7   LEU A O   1 
ATOM   62   C CB  . LEU A 1 7   ? 1.470   5.759   -2.148  1.00 10.22 ? 7   LEU A CB  1 
ATOM   63   C CG  . LEU A 1 7   ? 1.422   4.251   -2.437  1.00 10.27 ? 7   LEU A CG  1 
ATOM   64   C CD1 . LEU A 1 7   ? 2.753   3.595   -2.040  1.00 11.81 ? 7   LEU A CD1 1 
ATOM   65   C CD2 . LEU A 1 7   ? 0.230   3.592   -1.708  1.00 10.56 ? 7   LEU A CD2 1 
ATOM   66   N N   . ARG A 1 8   ? 0.595   8.948   -2.417  1.00 8.31  ? 8   ARG A N   1 
ATOM   67   C CA  . ARG A 1 8   ? 0.184   10.201  -1.721  1.00 10.88 ? 8   ARG A CA  1 
ATOM   68   C C   . ARG A 1 8   ? -1.289  10.507  -2.042  1.00 15.97 ? 8   ARG A C   1 
ATOM   69   O O   . ARG A 1 8   ? -2.062  10.920  -1.187  1.00 13.14 ? 8   ARG A O   1 
ATOM   70   C CB  . ARG A 1 8   ? 1.087   11.358  -2.101  1.00 16.14 ? 8   ARG A CB  1 
ATOM   71   C CG  . ARG A 1 8   ? 0.579   12.732  -1.676  1.00 21.65 ? 8   ARG A CG  1 
ATOM   72   C CD  . ARG A 1 8   ? 0.531   12.906  -0.159  1.00 27.08 ? 8   ARG A CD  1 
ATOM   73   N NE  . ARG A 1 8   ? 0.199   14.293  0.189   1.00 34.48 ? 8   ARG A NE  1 
ATOM   74   C CZ  . ARG A 1 8   ? -1.034  14.803  0.158   1.00 41.39 ? 8   ARG A CZ  1 
ATOM   75   N NH1 . ARG A 1 8   ? -2.068  14.051  -0.197  1.00 30.63 ? 8   ARG A NH1 1 
ATOM   76   N NH2 . ARG A 1 8   ? -1.239  16.078  0.475   1.00 35.41 ? 8   ARG A NH2 1 
ATOM   77   N N   . ILE A 1 9   ? -1.697  10.277  -3.278  1.00 11.00 ? 9   ILE A N   1 
ATOM   78   C CA  . ILE A 1 9   ? -3.120  10.452  -3.603  1.00 13.32 ? 9   ILE A CA  1 
ATOM   79   C C   . ILE A 1 9   ? -4.009  9.456   -2.857  1.00 15.05 ? 9   ILE A C   1 
ATOM   80   O O   . ILE A 1 9   ? -5.061  9.813   -2.309  1.00 12.70 ? 9   ILE A O   1 
ATOM   81   C CB  . ILE A 1 9   ? -3.322  10.317  -5.143  1.00 12.89 ? 9   ILE A CB  1 
ATOM   82   C CG1 . ILE A 1 9   ? -2.736  11.526  -5.864  1.00 17.98 ? 9   ILE A CG1 1 
ATOM   83   C CG2 . ILE A 1 9   ? -4.811  10.043  -5.531  1.00 17.02 ? 9   ILE A CG2 1 
ATOM   84   C CD1 . ILE A 1 9   ? -2.582  11.241  -7.329  1.00 17.38 ? 9   ILE A CD1 1 
ATOM   85   N N   . ASP A 1 10  ? -3.595  8.204   -2.808  1.00 9.31  ? 10  ASP A N   1 
ATOM   86   C CA  . ASP A 1 10  ? -4.424  7.184   -2.187  1.00 12.51 ? 10  ASP A CA  1 
ATOM   87   C C   . ASP A 1 10  ? -4.465  7.262   -0.644  1.00 16.51 ? 10  ASP A C   1 
ATOM   88   O O   . ASP A 1 10  ? -5.480  6.922   -0.042  1.00 15.96 ? 10  ASP A O   1 
ATOM   89   C CB  . ASP A 1 10  ? -3.954  5.778   -2.597  1.00 11.31 ? 10  ASP A CB  1 
ATOM   90   C CG  . ASP A 1 10  ? -4.356  5.427   -4.025  1.00 13.21 ? 10  ASP A CG  1 
ATOM   91   O OD1 . ASP A 1 10  ? -5.350  6.001   -4.542  1.00 13.95 ? 10  ASP A OD1 1 
ATOM   92   O OD2 . ASP A 1 10  ? -3.704  4.541   -4.616  1.00 14.04 ? 10  ASP A OD2 1 
ATOM   93   N N   . GLU A 1 11  ? -3.384  7.714   -0.016  1.00 12.91 ? 11  GLU A N   1 
ATOM   94   C CA  . GLU A 1 11  ? -3.310  7.665   1.446   1.00 11.30 ? 11  GLU A CA  1 
ATOM   95   C C   . GLU A 1 11  ? -3.542  9.021   2.096   1.00 14.53 ? 11  GLU A C   1 
ATOM   96   O O   . GLU A 1 11  ? -3.823  9.087   3.282   1.00 15.69 ? 11  GLU A O   1 
ATOM   97   C CB  . GLU A 1 11  ? -1.916  7.151   1.892   1.00 11.01 ? 11  GLU A CB  1 
ATOM   98   C CG  . GLU A 1 11  ? -1.588  5.699   1.449   1.00 15.20 ? 11  GLU A CG  1 
ATOM   99   C CD  . GLU A 1 11  ? -2.381  4.621   2.193   1.00 26.61 ? 11  GLU A CD  1 
ATOM   100  O OE1 . GLU A 1 11  ? -3.134  4.983   3.138   1.00 24.21 ? 11  GLU A OE1 1 
ATOM   101  O OE2 . GLU A 1 11  ? -2.260  3.408   1.848   1.00 26.14 ? 11  GLU A OE2 1 
ATOM   102  N N   . GLY A 1 12  ? -3.348  10.097  1.347   1.00 13.33 ? 12  GLY A N   1 
ATOM   103  C CA  . GLY A 1 12  ? -3.459  11.437  1.888   1.00 17.07 ? 12  GLY A CA  1 
ATOM   104  C C   . GLY A 1 12  ? -2.255  11.781  2.761   1.00 21.39 ? 12  GLY A C   1 
ATOM   105  O O   . GLY A 1 12  ? -1.325  10.997  2.868   1.00 16.29 ? 12  GLY A O   1 
ATOM   106  N N   . LEU A 1 13  ? -2.291  12.941  3.410   1.00 15.23 ? 13  LEU A N   1 
ATOM   107  C CA  . LEU A 1 13  ? -1.221  13.308  4.351   1.00 14.48 ? 13  LEU A CA  1 
ATOM   108  C C   . LEU A 1 13  ? -1.894  13.894  5.565   1.00 16.82 ? 13  LEU A C   1 
ATOM   109  O O   . LEU A 1 13  ? -2.657  14.849  5.456   1.00 16.09 ? 13  LEU A O   1 
ATOM   110  C CB  . LEU A 1 13  ? -0.293  14.346  3.740   1.00 15.50 ? 13  LEU A CB  1 
ATOM   111  C CG  . LEU A 1 13  ? 0.670   15.102  4.675   1.00 25.97 ? 13  LEU A CG  1 
ATOM   112  C CD1 . LEU A 1 13  ? 1.721   14.131  5.232   1.00 18.26 ? 13  LEU A CD1 1 
ATOM   113  C CD2 . LEU A 1 13  ? 1.354   16.214  3.906   1.00 30.60 ? 13  LEU A CD2 1 
ATOM   114  N N   . ARG A 1 14  ? -1.628  13.310  6.718   1.00 15.86 ? 14  ARG A N   1 
ATOM   115  C CA  A ARG A 1 14  ? -2.121  13.848  7.980   0.60 14.28 ? 14  ARG A CA  1 
ATOM   116  C CA  B ARG A 1 14  ? -2.099  13.879  7.971   0.40 14.33 ? 14  ARG A CA  1 
ATOM   117  C C   . ARG A 1 14  ? -0.957  13.929  8.978   1.00 19.25 ? 14  ARG A C   1 
ATOM   118  O O   . ARG A 1 14  ? -0.221  12.967  9.147   1.00 16.74 ? 14  ARG A O   1 
ATOM   119  C CB  A ARG A 1 14  ? -3.305  12.999  8.509   0.60 17.76 ? 14  ARG A CB  1 
ATOM   120  C CB  B ARG A 1 14  ? -3.316  13.109  8.505   0.40 17.94 ? 14  ARG A CB  1 
ATOM   121  C CG  A ARG A 1 14  ? -4.559  13.075  7.573   0.60 21.90 ? 14  ARG A CG  1 
ATOM   122  C CG  B ARG A 1 14  ? -4.614  13.487  7.760   0.40 20.18 ? 14  ARG A CG  1 
ATOM   123  C CD  A ARG A 1 14  ? -5.880  12.537  8.190   0.60 31.53 ? 14  ARG A CD  1 
ATOM   124  C CD  B ARG A 1 14  ? -5.842  12.786  8.325   0.40 32.88 ? 14  ARG A CD  1 
ATOM   125  N NE  A ARG A 1 14  ? -6.298  13.319  9.358   0.60 36.68 ? 14  ARG A NE  1 
ATOM   126  N NE  B ARG A 1 14  ? -6.423  11.827  7.393   0.40 28.38 ? 14  ARG A NE  1 
ATOM   127  C CZ  A ARG A 1 14  ? -7.406  13.115  10.069  0.60 34.34 ? 14  ARG A CZ  1 
ATOM   128  C CZ  B ARG A 1 14  ? -7.463  11.048  7.685   0.40 36.53 ? 14  ARG A CZ  1 
ATOM   129  N NH1 A ARG A 1 14  ? -8.261  12.150  9.746   0.60 30.61 ? 14  ARG A NH1 1 
ATOM   130  N NH1 B ARG A 1 14  ? -8.026  11.111  8.886   0.40 32.01 ? 14  ARG A NH1 1 
ATOM   131  N NH2 A ARG A 1 14  ? -7.659  13.890  11.116  0.60 35.64 ? 14  ARG A NH2 1 
ATOM   132  N NH2 B ARG A 1 14  ? -7.936  10.201  6.783   0.40 25.41 ? 14  ARG A NH2 1 
ATOM   133  N N   . LEU A 1 15  ? -0.785  15.078  9.637   1.00 12.96 ? 15  LEU A N   1 
ATOM   134  C CA  . LEU A 1 15  ? 0.362   15.225  10.537  1.00 11.77 ? 15  LEU A CA  1 
ATOM   135  C C   . LEU A 1 15  ? 0.049   14.895  12.001  1.00 16.41 ? 15  LEU A C   1 
ATOM   136  O O   . LEU A 1 15  ? 0.944   14.910  12.855  1.00 18.12 ? 15  LEU A O   1 
ATOM   137  C CB  . LEU A 1 15  ? 0.923   16.645  10.443  1.00 17.98 ? 15  LEU A CB  1 
ATOM   138  C CG  . LEU A 1 15  ? 1.341   17.099  9.031   1.00 22.79 ? 15  LEU A CG  1 
ATOM   139  C CD1 . LEU A 1 15  ? 1.934   18.510  9.091   1.00 27.35 ? 15  LEU A CD1 1 
ATOM   140  C CD2 . LEU A 1 15  ? 2.345   16.132  8.458   1.00 18.80 ? 15  LEU A CD2 1 
ATOM   141  N N   . LYS A 1 16  ? -1.211  14.591  12.291  1.00 13.49 ? 16  LYS A N   1 
ATOM   142  C CA  . LYS A 1 16  ? -1.595  14.173  13.633  1.00 14.97 ? 16  LYS A CA  1 
ATOM   143  C C   . LYS A 1 16  ? -2.104  12.722  13.575  1.00 14.88 ? 16  LYS A C   1 
ATOM   144  O O   . LYS A 1 16  ? -2.659  12.306  12.552  1.00 17.58 ? 16  LYS A O   1 
ATOM   145  C CB  . LYS A 1 16  ? -2.713  15.110  14.167  1.00 20.45 ? 16  LYS A CB  1 
ATOM   146  N N   . ILE A 1 17  ? -1.931  11.964  14.650  1.00 12.21 ? 17  ILE A N   1 
ATOM   147  C CA  . ILE A 1 17  ? -2.405  10.569  14.677  1.00 10.02 ? 17  ILE A CA  1 
ATOM   148  C C   . ILE A 1 17  ? -3.880  10.512  14.309  1.00 18.89 ? 17  ILE A C   1 
ATOM   149  O O   . ILE A 1 17  ? -4.690  11.291  14.852  1.00 16.51 ? 17  ILE A O   1 
ATOM   150  C CB  . ILE A 1 17  ? -2.212  9.949   16.061  1.00 11.98 ? 17  ILE A CB  1 
ATOM   151  C CG1 . ILE A 1 17  ? -0.707  9.714   16.316  1.00 11.61 ? 17  ILE A CG1 1 
ATOM   152  C CG2 . ILE A 1 17  ? -2.972  8.641   16.184  1.00 14.08 ? 17  ILE A CG2 1 
ATOM   153  C CD1 . ILE A 1 17  ? -0.400  9.169   17.727  1.00 15.78 ? 17  ILE A CD1 1 
ATOM   154  N N   . TYR A 1 18  ? -4.241  9.567   13.437  1.00 10.99 ? 18  TYR A N   1 
ATOM   155  C CA  . TYR A 1 18  ? -5.645  9.440   13.003  1.00 16.26 ? 18  TYR A CA  1 
ATOM   156  C C   . TYR A 1 18  ? -5.972  7.957   12.898  1.00 18.09 ? 18  TYR A C   1 
ATOM   157  O O   . TYR A 1 18  ? -5.075  7.101   12.991  1.00 12.88 ? 18  TYR A O   1 
ATOM   158  C CB  . TYR A 1 18  ? -5.889  10.159  11.659  1.00 17.18 ? 18  TYR A CB  1 
ATOM   159  C CG  . TYR A 1 18  ? -5.164  9.569   10.445  1.00 18.41 ? 18  TYR A CG  1 
ATOM   160  C CD1 . TYR A 1 18  ? -3.872  9.921   10.162  1.00 14.31 ? 18  TYR A CD1 1 
ATOM   161  C CD2 . TYR A 1 18  ? -5.808  8.688   9.545   1.00 22.41 ? 18  TYR A CD2 1 
ATOM   162  C CE1 . TYR A 1 18  ? -3.192  9.429   9.046   1.00 18.54 ? 18  TYR A CE1 1 
ATOM   163  C CE2 . TYR A 1 18  ? -5.121  8.171   8.419   1.00 21.93 ? 18  TYR A CE2 1 
ATOM   164  C CZ  . TYR A 1 18  ? -3.827  8.546   8.182   1.00 28.98 ? 18  TYR A CZ  1 
ATOM   165  O OH  . TYR A 1 18  ? -3.114  8.083   7.087   1.00 26.49 ? 18  TYR A OH  1 
ATOM   166  N N   . LYS A 1 19  ? -7.244  7.619   12.703  1.00 14.36 ? 19  LYS A N   1 
ATOM   167  C CA  . LYS A 1 19  ? -7.554  6.215   12.465  1.00 16.36 ? 19  LYS A CA  1 
ATOM   168  C C   . LYS A 1 19  ? -7.779  5.956   10.989  1.00 18.16 ? 19  LYS A C   1 
ATOM   169  O O   . LYS A 1 19  ? -8.456  6.731   10.331  1.00 22.28 ? 19  LYS A O   1 
ATOM   170  C CB  . LYS A 1 19  ? -8.777  5.774   13.276  1.00 20.84 ? 19  LYS A CB  1 
ATOM   171  C CG  . LYS A 1 19  ? -8.529  5.672   14.747  1.00 18.68 ? 19  LYS A CG  1 
ATOM   172  C CD  . LYS A 1 19  ? -9.805  5.191   15.429  1.00 26.29 ? 19  LYS A CD  1 
ATOM   173  C CE  . LYS A 1 19  ? -9.599  5.015   16.915  1.00 28.36 ? 19  LYS A CE  1 
ATOM   174  N NZ  . LYS A 1 19  ? -10.903 4.676   17.539  1.00 34.87 ? 19  LYS A NZ  1 
ATOM   175  N N   . ASP A 1 20  ? -7.175  4.902   10.448  1.00 15.47 ? 20  ASP A N   1 
ATOM   176  C CA  . ASP A 1 20  ? -7.338  4.602   9.026   1.00 15.90 ? 20  ASP A CA  1 
ATOM   177  C C   . ASP A 1 20  ? -8.705  3.968   8.765   1.00 21.42 ? 20  ASP A C   1 
ATOM   178  O O   . ASP A 1 20  ? -9.558  3.950   9.651   1.00 16.19 ? 20  ASP A O   1 
ATOM   179  C CB  . ASP A 1 20  ? -6.203  3.710   8.513   1.00 16.03 ? 20  ASP A CB  1 
ATOM   180  C CG  . ASP A 1 20  ? -6.335  2.276   8.973   1.00 22.04 ? 20  ASP A CG  1 
ATOM   181  O OD1 . ASP A 1 20  ? -7.280  1.982   9.734   1.00 22.34 ? 20  ASP A OD1 1 
ATOM   182  O OD2 . ASP A 1 20  ? -5.498  1.446   8.565   1.00 30.26 ? 20  ASP A OD2 1 
ATOM   183  N N   . THR A 1 21  ? -8.918  3.465   7.553   1.00 17.21 ? 21  THR A N   1 
ATOM   184  C CA  A THR A 1 21  ? -10.224 2.972   7.177   0.80 19.01 ? 21  THR A CA  1 
ATOM   185  C CA  B THR A 1 21  ? -10.213 2.966   7.166   0.20 19.12 ? 21  THR A CA  1 
ATOM   186  C C   . THR A 1 21  ? -10.624 1.760   8.020   1.00 21.17 ? 21  THR A C   1 
ATOM   187  O O   . THR A 1 21  ? -11.795 1.548   8.141   1.00 19.51 ? 21  THR A O   1 
ATOM   188  C CB  A THR A 1 21  ? -10.304 2.626   5.681   0.80 25.54 ? 21  THR A CB  1 
ATOM   189  C CB  B THR A 1 21  ? -10.268 2.596   5.685   0.20 25.32 ? 21  THR A CB  1 
ATOM   190  O OG1 A THR A 1 21  ? -9.444  1.519   5.410   0.80 23.86 ? 21  THR A OG1 1 
ATOM   191  O OG1 B THR A 1 21  ? -11.593 2.319   5.337   0.20 23.98 ? 21  THR A OG1 1 
ATOM   192  C CG2 A THR A 1 21  ? -9.861  3.809   4.814   0.80 23.06 ? 21  THR A CG2 1 
ATOM   193  C CG2 B THR A 1 21  ? -9.462  1.354   5.392   0.20 23.96 ? 21  THR A CG2 1 
ATOM   194  N N   . GLU A 1 22  ? -9.661  1.019   8.588   1.00 14.42 ? 22  GLU A N   1 
ATOM   195  C CA  . GLU A 1 22  ? -9.939  -0.144  9.448   1.00 16.43 ? 22  GLU A CA  1 
ATOM   196  C C   . GLU A 1 22  ? -10.019 0.184   10.936  1.00 20.18 ? 22  GLU A C   1 
ATOM   197  O O   . GLU A 1 22  ? -10.267 -0.692  11.758  1.00 20.41 ? 22  GLU A O   1 
ATOM   198  C CB  . GLU A 1 22  ? -8.892  -1.256  9.267   1.00 17.39 ? 22  GLU A CB  1 
ATOM   199  C CG  . GLU A 1 22  ? -8.729  -1.718  7.844   1.00 24.43 ? 22  GLU A CG  1 
ATOM   200  C CD  . GLU A 1 22  ? -9.885  -2.594  7.379   0.60 19.58 ? 22  GLU A CD  1 
ATOM   201  O OE1 . GLU A 1 22  ? -10.651 -3.084  8.231   0.60 23.17 ? 22  GLU A OE1 1 
ATOM   202  O OE2 . GLU A 1 22  ? -10.014 -2.787  6.154   0.60 27.79 ? 22  GLU A OE2 1 
ATOM   203  N N   . GLY A 1 23  ? -9.824  1.449   11.257  1.00 15.24 ? 23  GLY A N   1 
ATOM   204  C CA  . GLY A 1 23  ? -9.907  1.921   12.617  1.00 14.89 ? 23  GLY A CA  1 
ATOM   205  C C   . GLY A 1 23  ? -8.574  1.835   13.342  1.00 22.85 ? 23  GLY A C   1 
ATOM   206  O O   . GLY A 1 23  ? -8.544  1.938   14.564  1.00 18.80 ? 23  GLY A O   1 
ATOM   207  N N   . TYR A 1 24  ? -7.475  1.662   12.602  1.00 12.08 ? 24  TYR A N   1 
ATOM   208  C CA  . TYR A 1 24  ? -6.147  1.558   13.248  1.00 14.07 ? 24  TYR A CA  1 
ATOM   209  C C   . TYR A 1 24  ? -5.415  2.889   13.279  1.00 11.86 ? 24  TYR A C   1 
ATOM   210  O O   . TYR A 1 24  ? -5.439  3.636   12.302  1.00 13.69 ? 24  TYR A O   1 
ATOM   211  C CB  . TYR A 1 24  ? -5.259  0.607   12.485  1.00 14.78 ? 24  TYR A CB  1 
ATOM   212  C CG  . TYR A 1 24  ? -5.778  -0.797  12.359  1.00 18.88 ? 24  TYR A CG  1 
ATOM   213  C CD1 . TYR A 1 24  ? -6.347  -1.451  13.450  1.00 21.45 ? 24  TYR A CD1 1 
ATOM   214  C CD2 . TYR A 1 24  ? -5.670  -1.476  11.153  1.00 18.61 ? 24  TYR A CD2 1 
ATOM   215  C CE1 . TYR A 1 24  ? -6.815  -2.766  13.337  1.00 29.32 ? 24  TYR A CE1 1 
ATOM   216  C CE2 . TYR A 1 24  ? -6.139  -2.795  11.022  1.00 26.79 ? 24  TYR A CE2 1 
ATOM   217  C CZ  . TYR A 1 24  ? -6.707  -3.424  12.110  1.00 32.99 ? 24  TYR A CZ  1 
ATOM   218  O OH  . TYR A 1 24  ? -7.166  -4.730  11.971  1.00 31.95 ? 24  TYR A OH  1 
ATOM   219  N N   . TYR A 1 25  ? -4.687  3.137   14.370  1.00 13.06 ? 25  TYR A N   1 
ATOM   220  C CA  . TYR A 1 25  ? -3.956  4.394   14.516  1.00 8.99  ? 25  TYR A CA  1 
ATOM   221  C C   . TYR A 1 25  ? -2.840  4.458   13.493  1.00 13.20 ? 25  TYR A C   1 
ATOM   222  O O   . TYR A 1 25  ? -2.028  3.540   13.405  1.00 12.06 ? 25  TYR A O   1 
ATOM   223  C CB  . TYR A 1 25  ? -3.334  4.479   15.917  1.00 11.62 ? 25  TYR A CB  1 
ATOM   224  C CG  . TYR A 1 25  ? -4.400  4.730   16.954  1.00 10.93 ? 25  TYR A CG  1 
ATOM   225  C CD1 . TYR A 1 25  ? -5.163  5.895   16.895  1.00 17.10 ? 25  TYR A CD1 1 
ATOM   226  C CD2 . TYR A 1 25  ? -4.632  3.816   17.991  1.00 18.87 ? 25  TYR A CD2 1 
ATOM   227  C CE1 . TYR A 1 25  ? -6.168  6.148   17.854  1.00 21.32 ? 25  TYR A CE1 1 
ATOM   228  C CE2 . TYR A 1 25  ? -5.625  4.069   18.944  1.00 21.43 ? 25  TYR A CE2 1 
ATOM   229  C CZ  . TYR A 1 25  ? -6.366  5.240   18.862  1.00 27.46 ? 25  TYR A CZ  1 
ATOM   230  O OH  . TYR A 1 25  ? -7.359  5.512   19.778  1.00 33.82 ? 25  TYR A OH  1 
ATOM   231  N N   . THR A 1 26  ? -2.766  5.598   12.828  1.00 11.25 ? 26  THR A N   1 
ATOM   232  C CA  . THR A 1 26  ? -1.933  5.798   11.657  1.00 12.87 ? 26  THR A CA  1 
ATOM   233  C C   . THR A 1 26  ? -1.461  7.245   11.709  1.00 11.96 ? 26  THR A C   1 
ATOM   234  O O   . THR A 1 26  ? -2.051  8.072   12.417  1.00 13.74 ? 26  THR A O   1 
ATOM   235  C CB  . THR A 1 26  ? -2.825  5.544   10.396  1.00 12.23 ? 26  THR A CB  1 
ATOM   236  O OG1 . THR A 1 26  ? -3.313  4.216   10.483  1.00 14.08 ? 26  THR A OG1 1 
ATOM   237  C CG2 . THR A 1 26  ? -2.031  5.625   9.076   1.00 13.55 ? 26  THR A CG2 1 
ATOM   238  N N   . ILE A 1 27  ? -0.414  7.583   10.965  1.00 11.83 ? 27  ILE A N   1 
ATOM   239  C CA  . ILE A 1 27  ? -0.017  8.987   10.844  1.00 10.06 ? 27  ILE A CA  1 
ATOM   240  C C   . ILE A 1 27  ? 0.664   9.236   9.490   1.00 11.46 ? 27  ILE A C   1 
ATOM   241  O O   . ILE A 1 27  ? 1.057   8.293   8.810   1.00 10.94 ? 27  ILE A O   1 
ATOM   242  C CB  . ILE A 1 27  ? 0.929   9.403   11.990  1.00 12.15 ? 27  ILE A CB  1 
ATOM   243  C CG1 . ILE A 1 27  ? 1.061   10.944  12.114  1.00 14.23 ? 27  ILE A CG1 1 
ATOM   244  C CG2 . ILE A 1 27  ? 2.338   8.727   11.841  1.00 12.98 ? 27  ILE A CG2 1 
ATOM   245  C CD1 . ILE A 1 27  ? 1.543   11.397  13.546  1.00 13.90 ? 27  ILE A CD1 1 
ATOM   246  N N   . GLY A 1 28  ? 0.826   10.498  9.108   1.00 9.72  ? 28  GLY A N   1 
ATOM   247  C CA  . GLY A 1 28  ? 1.526   10.821  7.875   1.00 11.38 ? 28  GLY A CA  1 
ATOM   248  C C   . GLY A 1 28  ? 0.839   10.302  6.624   1.00 11.48 ? 28  GLY A C   1 
ATOM   249  O O   . GLY A 1 28  ? -0.369  10.480  6.459   1.00 14.76 ? 28  GLY A O   1 
ATOM   250  N N   . ILE A 1 29  ? 1.600   9.664   5.735   1.00 9.47  ? 29  ILE A N   1 
ATOM   251  C CA  . ILE A 1 29  ? 1.034   9.179   4.484   1.00 10.24 ? 29  ILE A CA  1 
ATOM   252  C C   . ILE A 1 29  ? 0.848   7.680   4.679   1.00 13.59 ? 29  ILE A C   1 
ATOM   253  O O   . ILE A 1 29  ? 1.634   6.881   4.169   1.00 12.97 ? 29  ILE A O   1 
ATOM   254  C CB  . ILE A 1 29  ? 1.973   9.455   3.295   1.00 10.52 ? 29  ILE A CB  1 
ATOM   255  C CG1 . ILE A 1 29  ? 2.218   10.958  3.147   1.00 15.47 ? 29  ILE A CG1 1 
ATOM   256  C CG2 . ILE A 1 29  ? 1.395   8.875   2.013   1.00 14.03 ? 29  ILE A CG2 1 
ATOM   257  C CD1 . ILE A 1 29  ? 3.564   11.301  2.546   1.00 19.85 ? 29  ILE A CD1 1 
ATOM   258  N N   . GLY A 1 30  ? -0.188  7.297   5.418   1.00 11.93 ? 30  GLY A N   1 
ATOM   259  C CA  . GLY A 1 30  ? -0.522  5.913   5.551   1.00 11.60 ? 30  GLY A CA  1 
ATOM   260  C C   . GLY A 1 30  ? 0.442   5.088   6.380   1.00 14.40 ? 30  GLY A C   1 
ATOM   261  O O   . GLY A 1 30  ? 0.527   3.905   6.212   1.00 13.03 ? 30  GLY A O   1 
ATOM   262  N N   . HIS A 1 31  ? 1.120   5.743   7.297   1.00 10.20 ? 31  HIS A N   1 
ATOM   263  C CA  . HIS A 1 31  ? 2.034   4.970   8.156   1.00 9.76  ? 31  HIS A CA  1 
ATOM   264  C C   . HIS A 1 31  ? 1.327   4.356   9.369   1.00 10.09 ? 31  HIS A C   1 
ATOM   265  O O   . HIS A 1 31  ? 0.978   5.067   10.329  1.00 11.35 ? 31  HIS A O   1 
ATOM   266  C CB  . HIS A 1 31  ? 3.224   5.832   8.636   1.00 9.62  ? 31  HIS A CB  1 
ATOM   267  C CG  . HIS A 1 31  ? 4.170   5.068   9.527   1.00 11.41 ? 31  HIS A CG  1 
ATOM   268  N ND1 . HIS A 1 31  ? 5.179   4.276   9.020   1.00 14.76 ? 31  HIS A ND1 1 
ATOM   269  C CD2 . HIS A 1 31  ? 4.201   4.900   10.878  1.00 16.12 ? 31  HIS A CD2 1 
ATOM   270  C CE1 . HIS A 1 31  ? 5.830   3.694   10.020  1.00 17.51 ? 31  HIS A CE1 1 
ATOM   271  N NE2 . HIS A 1 31  ? 5.247   4.043   11.158  1.00 15.71 ? 31  HIS A NE2 1 
ATOM   272  N N   . LEU A 1 32  ? 1.115   3.034   9.341   1.00 10.09 ? 32  LEU A N   1 
ATOM   273  C CA  . LEU A 1 32  ? 0.409   2.350   10.423  1.00 11.03 ? 32  LEU A CA  1 
ATOM   274  C C   . LEU A 1 32  ? 1.252   2.378   11.690  1.00 13.18 ? 32  LEU A C   1 
ATOM   275  O O   . LEU A 1 32  ? 2.432   2.007   11.661  1.00 14.05 ? 32  LEU A O   1 
ATOM   276  C CB  . LEU A 1 32  ? 0.153   0.889   10.027  1.00 10.59 ? 32  LEU A CB  1 
ATOM   277  C CG  . LEU A 1 32  ? -0.366  -0.016  11.145  1.00 14.35 ? 32  LEU A CG  1 
ATOM   278  C CD1 . LEU A 1 32  ? -1.754  0.458   11.521  1.00 16.46 ? 32  LEU A CD1 1 
ATOM   279  C CD2 . LEU A 1 32  ? -0.394  -1.477  10.634  1.00 20.39 ? 32  LEU A CD2 1 
ATOM   280  N N   . LEU A 1 33  ? 0.669   2.824   12.796  1.00 10.53 ? 33  LEU A N   1 
ATOM   281  C CA  . LEU A 1 33  ? 1.426   2.826   14.054  1.00 11.77 ? 33  LEU A CA  1 
ATOM   282  C C   . LEU A 1 33  ? 1.182   1.555   14.847  1.00 15.96 ? 33  LEU A C   1 
ATOM   283  O O   . LEU A 1 33  ? 2.126   0.932   15.341  1.00 16.18 ? 33  LEU A O   1 
ATOM   284  C CB  . LEU A 1 33  ? 1.055   4.047   14.883  1.00 10.58 ? 33  LEU A CB  1 
ATOM   285  C CG  . LEU A 1 33  ? 1.526   5.342   14.259  1.00 11.26 ? 33  LEU A CG  1 
ATOM   286  C CD1 . LEU A 1 33  ? 0.844   6.486   15.038  1.00 14.33 ? 33  LEU A CD1 1 
ATOM   287  C CD2 . LEU A 1 33  ? 3.068   5.469   14.397  1.00 9.71  ? 33  LEU A CD2 1 
ATOM   288  N N   . THR A 1 34  ? -0.077  1.144   14.954  1.00 15.82 ? 34  THR A N   1 
ATOM   289  C CA  . THR A 1 34  ? -0.390  -0.043  15.728  1.00 17.72 ? 34  THR A CA  1 
ATOM   290  C C   . THR A 1 34  ? -1.808  -0.447  15.462  1.00 16.95 ? 34  THR A C   1 
ATOM   291  O O   . THR A 1 34  ? -2.653  0.393   15.131  1.00 18.58 ? 34  THR A O   1 
ATOM   292  C CB  . THR A 1 34  ? -0.244  0.163   17.274  1.00 24.44 ? 34  THR A CB  1 
ATOM   293  O OG1 . THR A 1 34  ? -0.568  -1.074  17.951  1.00 21.91 ? 34  THR A OG1 1 
ATOM   294  C CG2 . THR A 1 34  ? -1.166  1.263   17.771  1.00 16.39 ? 34  THR A CG2 1 
ATOM   295  N N   . LYS A 1 35  ? -2.074  -1.725  15.650  1.00 15.57 ? 35  LYS A N   1 
ATOM   296  C CA  . LYS A 1 35  ? -3.445  -2.226  15.518  1.00 20.18 ? 35  LYS A CA  1 
ATOM   297  C C   . LYS A 1 35  ? -4.108  -2.284  16.899  1.00 27.58 ? 35  LYS A C   1 
ATOM   298  O O   . LYS A 1 35  ? -5.290  -2.582  17.031  1.00 24.20 ? 35  LYS A O   1 
ATOM   299  C CB  . LYS A 1 35  ? -3.435  -3.607  14.855  1.00 22.05 ? 35  LYS A CB  1 
ATOM   300  C CG  . LYS A 1 35  ? -3.040  -3.536  13.379  1.00 17.92 ? 35  LYS A CG  1 
ATOM   301  C CD  . LYS A 1 35  ? -3.214  -4.896  12.729  1.00 26.33 ? 35  LYS A CD  1 
ATOM   302  C CE  . LYS A 1 35  ? -2.810  -4.885  11.267  1.00 44.43 ? 35  LYS A CE  1 
ATOM   303  N NZ  . LYS A 1 35  ? -2.986  -6.256  10.661  1.00 38.86 ? 35  LYS A NZ  1 
ATOM   304  N N   . SER A 1 36  ? -3.340  -1.937  17.915  1.00 21.20 ? 36  SER A N   1 
ATOM   305  C CA  . SER A 1 36  ? -3.878  -1.805  19.274  1.00 27.93 ? 36  SER A CA  1 
ATOM   306  C C   . SER A 1 36  ? -4.890  -0.680  19.401  1.00 28.22 ? 36  SER A C   1 
ATOM   307  O O   . SER A 1 36  ? -4.703  0.391   18.839  1.00 21.22 ? 36  SER A O   1 
ATOM   308  C CB  . SER A 1 36  ? -2.733  -1.547  20.261  1.00 31.86 ? 36  SER A CB  1 
ATOM   309  O OG  . SER A 1 36  ? -3.255  -1.142  21.513  1.00 32.21 ? 36  SER A OG  1 
ATOM   310  N N   . PRO A 1 37  ? -5.958  -0.901  20.189  1.00 28.34 ? 37  PRO A N   1 
ATOM   311  C CA  . PRO A 1 37  ? -6.972  0.127   20.471  1.00 29.06 ? 37  PRO A CA  1 
ATOM   312  C C   . PRO A 1 37  ? -6.442  1.277   21.342  1.00 28.21 ? 37  PRO A C   1 
ATOM   313  O O   . PRO A 1 37  ? -7.128  2.276   21.548  1.00 32.51 ? 37  PRO A O   1 
ATOM   314  C CB  . PRO A 1 37  ? -8.039  -0.641  21.259  1.00 36.01 ? 37  PRO A CB  1 
ATOM   315  C CG  . PRO A 1 37  ? -7.714  -2.075  21.089  1.00 33.71 ? 37  PRO A CG  1 
ATOM   316  C CD  . PRO A 1 37  ? -6.262  -2.182  20.846  1.00 28.70 ? 37  PRO A CD  1 
ATOM   317  N N   . SER A 1 38  ? -5.225  1.136   21.846  1.00 25.00 ? 38  SER A N   1 
ATOM   318  C CA  . SER A 1 38  ? -4.702  2.104   22.814  1.00 21.71 ? 38  SER A CA  1 
ATOM   319  C C   . SER A 1 38  ? -3.977  3.277   22.138  1.00 22.03 ? 38  SER A C   1 
ATOM   320  O O   . SER A 1 38  ? -2.961  3.080   21.478  1.00 18.83 ? 38  SER A O   1 
ATOM   321  C CB  . SER A 1 38  ? -3.757  1.384   23.782  1.00 26.64 ? 38  SER A CB  1 
ATOM   322  O OG  . SER A 1 38  ? -2.970  2.327   24.498  1.00 27.84 ? 38  SER A OG  1 
ATOM   323  N N   . LEU A 1 39  ? -4.495  4.491   22.281  1.00 19.52 ? 39  LEU A N   1 
ATOM   324  C CA  . LEU A 1 39  ? -3.811  5.662   21.755  1.00 24.74 ? 39  LEU A CA  1 
ATOM   325  C C   . LEU A 1 39  ? -2.423  5.783   22.389  1.00 23.21 ? 39  LEU A C   1 
ATOM   326  O O   . LEU A 1 39  ? -1.461  6.251   21.735  1.00 16.55 ? 39  LEU A O   1 
ATOM   327  C CB  . LEU A 1 39  ? -4.614  6.935   22.013  1.00 21.81 ? 39  LEU A CB  1 
ATOM   328  C CG  . LEU A 1 39  ? -3.980  8.237   21.519  1.00 24.28 ? 39  LEU A CG  1 
ATOM   329  C CD1 . LEU A 1 39  ? -3.700  8.175   20.010  1.00 20.48 ? 39  LEU A CD1 1 
ATOM   330  C CD2 . LEU A 1 39  ? -4.765  9.496   21.884  1.00 32.62 ? 39  LEU A CD2 1 
ATOM   331  N N   . ASN A 1 40  ? -2.298  5.398   23.668  1.00 20.00 ? 40  ASN A N   1 
ATOM   332  C CA  . ASN A 1 40  ? -0.986  5.545   24.291  1.00 21.90 ? 40  ASN A CA  1 
ATOM   333  C C   . ASN A 1 40  ? 0.035   4.624   23.623  1.00 17.10 ? 40  ASN A C   1 
ATOM   334  O O   . ASN A 1 40  ? 1.199   4.978   23.484  1.00 19.06 ? 40  ASN A O   1 
ATOM   335  C CB  . ASN A 1 40  ? -1.029  5.221   25.783  1.00 30.50 ? 40  ASN A CB  1 
ATOM   336  C CG  . ASN A 1 40  ? -1.579  6.353   26.603  1.00 37.52 ? 40  ASN A CG  1 
ATOM   337  O OD1 . ASN A 1 40  ? -1.536  7.520   26.194  1.00 37.81 ? 40  ASN A OD1 1 
ATOM   338  N ND2 . ASN A 1 40  ? -2.098  6.018   27.783  1.00 49.64 ? 40  ASN A ND2 1 
ATOM   339  N N   . ALA A 1 41  ? -0.401  3.426   23.255  1.00 18.39 ? 41  ALA A N   1 
ATOM   340  C CA  . ALA A 1 41  ? 0.472   2.486   22.563  1.00 19.40 ? 41  ALA A CA  1 
ATOM   341  C C   . ALA A 1 41  ? 0.892   3.082   21.207  1.00 18.30 ? 41  ALA A C   1 
ATOM   342  O O   . ALA A 1 41  ? 2.055   2.936   20.770  1.00 16.39 ? 41  ALA A O   1 
ATOM   343  C CB  . ALA A 1 41  ? -0.235  1.163   22.368  1.00 17.29 ? 41  ALA A CB  1 
ATOM   344  N N   . ALA A 1 42  ? -0.063  3.709   20.522  1.00 14.48 ? 42  ALA A N   1 
ATOM   345  C CA  . ALA A 1 42  ? 0.253   4.396   19.245  1.00 14.30 ? 42  ALA A CA  1 
ATOM   346  C C   . ALA A 1 42  ? 1.232   5.533   19.416  1.00 15.18 ? 42  ALA A C   1 
ATOM   347  O O   . ALA A 1 42  ? 2.124   5.719   18.593  1.00 11.79 ? 42  ALA A O   1 
ATOM   348  C CB  . ALA A 1 42  ? -1.004  4.915   18.550  1.00 12.80 ? 42  ALA A CB  1 
ATOM   349  N N   . LYS A 1 43  ? 1.043   6.336   20.445  1.00 13.71 ? 43  LYS A N   1 
ATOM   350  C CA  . LYS A 1 43  ? 1.961   7.402   20.729  1.00 14.51 ? 43  LYS A CA  1 
ATOM   351  C C   . LYS A 1 43  ? 3.406   6.918   21.007  1.00 14.75 ? 43  LYS A C   1 
ATOM   352  O O   . LYS A 1 43  ? 4.348   7.502   20.560  1.00 12.88 ? 43  LYS A O   1 
ATOM   353  C CB  . LYS A 1 43  ? 1.437   8.239   21.883  1.00 14.26 ? 43  LYS A CB  1 
ATOM   354  C CG  . LYS A 1 43  ? 0.345   9.126   21.476  1.00 19.08 ? 43  LYS A CG  1 
ATOM   355  C CD  . LYS A 1 43  ? -0.205  9.873   22.649  1.00 23.51 ? 43  LYS A CD  1 
ATOM   356  C CE  . LYS A 1 43  ? -1.129  10.911  22.217  0.50 24.61 ? 43  LYS A CE  1 
ATOM   357  N NZ  . LYS A 1 43  ? -1.458  11.831  23.273  0.50 29.15 ? 43  LYS A NZ  1 
ATOM   358  N N   . SER A 1 44  ? 3.524   5.825   21.723  1.00 13.87 ? 44  SER A N   1 
ATOM   359  C CA  A SER A 1 44  ? 4.844   5.224   21.959  0.60 15.86 ? 44  SER A CA  1 
ATOM   360  C CA  B SER A 1 44  ? 4.846   5.257   21.956  0.40 15.86 ? 44  SER A CA  1 
ATOM   361  C C   . SER A 1 44  ? 5.467   4.782   20.650  1.00 17.47 ? 44  SER A C   1 
ATOM   362  O O   . SER A 1 44  ? 6.653   5.038   20.397  1.00 14.56 ? 44  SER A O   1 
ATOM   363  C CB  A SER A 1 44  ? 4.746   4.005   22.881  0.60 20.45 ? 44  SER A CB  1 
ATOM   364  C CB  B SER A 1 44  ? 4.791   4.090   22.931  0.40 20.47 ? 44  SER A CB  1 
ATOM   365  O OG  A SER A 1 44  ? 4.422   4.404   24.198  0.60 19.77 ? 44  SER A OG  1 
ATOM   366  O OG  B SER A 1 44  ? 6.104   3.677   23.230  0.40 20.07 ? 44  SER A OG  1 
ATOM   367  N N   . GLU A 1 45  ? 4.674   4.097   19.813  1.00 13.78 ? 45  GLU A N   1 
ATOM   368  C CA  . GLU A 1 45  ? 5.210   3.663   18.515  1.00 15.04 ? 45  GLU A CA  1 
ATOM   369  C C   . GLU A 1 45  ? 5.635   4.856   17.698  1.00 11.60 ? 45  GLU A C   1 
ATOM   370  O O   . GLU A 1 45  ? 6.625   4.776   16.954  1.00 11.49 ? 45  GLU A O   1 
ATOM   371  C CB  . GLU A 1 45  ? 4.198   2.828   17.727  1.00 13.98 ? 45  GLU A CB  1 
ATOM   372  C CG  . GLU A 1 45  ? 3.925   1.430   18.364  1.00 13.81 ? 45  GLU A CG  1 
ATOM   373  C CD  . GLU A 1 45  ? 5.185   0.539   18.372  1.00 29.30 ? 45  GLU A CD  1 
ATOM   374  O OE1 . GLU A 1 45  ? 5.823   0.356   17.298  1.00 21.87 ? 45  GLU A OE1 1 
ATOM   375  O OE2 . GLU A 1 45  ? 5.538   0.022   19.458  1.00 23.77 ? 45  GLU A OE2 1 
ATOM   376  N N   . LEU A 1 46  ? 4.873   5.947   17.764  1.00 9.95  ? 46  LEU A N   1 
ATOM   377  C CA  . LEU A 1 46  ? 5.242   7.118   16.989  1.00 8.75  ? 46  LEU A CA  1 
ATOM   378  C C   . LEU A 1 46  ? 6.576   7.683   17.482  1.00 12.71 ? 46  LEU A C   1 
ATOM   379  O O   . LEU A 1 46  ? 7.432   8.040   16.714  1.00 12.81 ? 46  LEU A O   1 
ATOM   380  C CB  . LEU A 1 46  ? 4.155   8.192   17.080  1.00 9.40  ? 46  LEU A CB  1 
ATOM   381  C CG  . LEU A 1 46  ? 4.503   9.495   16.349  1.00 12.89 ? 46  LEU A CG  1 
ATOM   382  C CD1 . LEU A 1 46  ? 4.719   9.226   14.841  1.00 13.30 ? 46  LEU A CD1 1 
ATOM   383  C CD2 . LEU A 1 46  ? 3.337   10.478  16.491  1.00 14.06 ? 46  LEU A CD2 1 
ATOM   384  N N   . ASP A 1 47  ? 6.735   7.776   18.796  1.00 11.25 ? 47  ASP A N   1 
ATOM   385  C CA  . ASP A 1 47  ? 7.951   8.359   19.326  1.00 12.56 ? 47  ASP A CA  1 
ATOM   386  C C   . ASP A 1 47  ? 9.177   7.527   18.954  1.00 10.30 ? 47  ASP A C   1 
ATOM   387  O O   . ASP A 1 47  ? 10.261  8.076   18.666  1.00 12.92 ? 47  ASP A O   1 
ATOM   388  C CB  . ASP A 1 47  ? 7.812   8.521   20.855  1.00 11.88 ? 47  ASP A CB  1 
ATOM   389  C CG  . ASP A 1 47  ? 6.904   9.703   21.239  0.60 15.01 ? 47  ASP A CG  1 
ATOM   390  O OD1 . ASP A 1 47  ? 6.416   10.397  20.347  0.60 12.61 ? 47  ASP A OD1 1 
ATOM   391  O OD2 . ASP A 1 47  ? 6.707   9.985   22.446  0.60 17.43 ? 47  ASP A OD2 1 
ATOM   392  N N   . LYS A 1 48  ? 9.004   6.209   18.963  1.00 11.43 ? 48  LYS A N   1 
ATOM   393  C CA  . LYS A 1 48  ? 10.066  5.243   18.605  1.00 10.20 ? 48  LYS A CA  1 
ATOM   394  C C   . LYS A 1 48  ? 10.397  5.405   17.114  1.00 10.76 ? 48  LYS A C   1 
ATOM   395  O O   . LYS A 1 48  ? 11.563  5.426   16.715  1.00 10.93 ? 48  LYS A O   1 
ATOM   396  C CB  . LYS A 1 48  ? 9.518   3.810   18.858  1.00 13.42 ? 48  LYS A CB  1 
ATOM   397  C CG  . LYS A 1 48  ? 10.465  2.692   18.497  1.00 17.43 ? 48  LYS A CG  1 
ATOM   398  C CD  . LYS A 1 48  ? 10.171  1.364   19.231  1.00 18.87 ? 48  LYS A CD  1 
ATOM   399  C CE  . LYS A 1 48  ? 8.768   0.887   19.003  1.00 20.98 ? 48  LYS A CE  1 
ATOM   400  N NZ  . LYS A 1 48  ? 8.625   0.260   17.674  1.00 22.05 ? 48  LYS A NZ  1 
ATOM   401  N N   . ALA A 1 49  ? 9.368   5.575   16.284  1.00 10.27 ? 49  ALA A N   1 
ATOM   402  C CA  . ALA A 1 49  ? 9.594   5.720   14.824  1.00 10.26 ? 49  ALA A CA  1 
ATOM   403  C C   . ALA A 1 49  ? 10.304  7.006   14.414  1.00 12.21 ? 49  ALA A C   1 
ATOM   404  O O   . ALA A 1 49  ? 11.116  6.989   13.511  1.00 12.31 ? 49  ALA A O   1 
ATOM   405  C CB  . ALA A 1 49  ? 8.253   5.595   14.058  1.00 11.05 ? 49  ALA A CB  1 
ATOM   406  N N   . ILE A 1 50  ? 10.009  8.099   15.101  1.00 11.23 ? 50  ILE A N   1 
ATOM   407  C CA  . ILE A 1 50  ? 10.539  9.411   14.753  1.00 10.21 ? 50  ILE A CA  1 
ATOM   408  C C   . ILE A 1 50  ? 11.810  9.729   15.529  1.00 13.56 ? 50  ILE A C   1 
ATOM   409  O O   . ILE A 1 50  ? 12.646  10.494  15.067  1.00 17.13 ? 50  ILE A O   1 
ATOM   410  C CB  . ILE A 1 50  ? 9.500   10.519  15.086  1.00 11.91 ? 50  ILE A CB  1 
ATOM   411  C CG1 . ILE A 1 50  ? 8.189   10.261  14.305  1.00 15.00 ? 50  ILE A CG1 1 
ATOM   412  C CG2 . ILE A 1 50  ? 10.077  11.896  14.790  1.00 17.09 ? 50  ILE A CG2 1 
ATOM   413  C CD1 . ILE A 1 50  ? 8.406   10.212  12.837  1.00 18.94 ? 50  ILE A CD1 1 
ATOM   414  N N   . GLY A 1 51  ? 11.934  9.161   16.717  1.00 13.63 ? 51  GLY A N   1 
ATOM   415  C CA  . GLY A 1 51  ? 13.129  9.375   17.523  1.00 16.57 ? 51  GLY A CA  1 
ATOM   416  C C   . GLY A 1 51  ? 13.083  10.632  18.369  1.00 21.54 ? 51  GLY A C   1 
ATOM   417  O O   . GLY A 1 51  ? 14.116  11.211  18.698  1.00 20.77 ? 51  GLY A O   1 
ATOM   418  N N   . ARG A 1 52  ? 11.883  11.071  18.718  1.00 15.25 ? 52  ARG A N   1 
ATOM   419  C CA  . ARG A 1 52  ? 11.745  12.190  19.665  1.00 19.67 ? 52  ARG A CA  1 
ATOM   420  C C   . ARG A 1 52  ? 10.368  12.098  20.273  1.00 20.96 ? 52  ARG A C   1 
ATOM   421  O O   . ARG A 1 52  ? 9.554   11.316  19.797  1.00 16.85 ? 52  ARG A O   1 
ATOM   422  C CB  . ARG A 1 52  ? 11.918  13.533  18.982  1.00 23.31 ? 52  ARG A CB  1 
ATOM   423  C CG  . ARG A 1 52  ? 10.870  13.860  17.964  1.00 20.46 ? 52  ARG A CG  1 
ATOM   424  C CD  . ARG A 1 52  ? 11.065  15.245  17.323  1.00 22.24 ? 52  ARG A CD  1 
ATOM   425  N NE  . ARG A 1 52  ? 10.016  15.477  16.328  1.00 17.50 ? 52  ARG A NE  1 
ATOM   426  C CZ  . ARG A 1 52  ? 8.818   15.979  16.599  1.00 25.13 ? 52  ARG A CZ  1 
ATOM   427  N NH1 . ARG A 1 52  ? 8.511   16.353  17.848  1.00 20.10 ? 52  ARG A NH1 1 
ATOM   428  N NH2 . ARG A 1 52  ? 7.927   16.140  15.611  1.00 19.97 ? 52  ARG A NH2 1 
ATOM   429  N N   . ASN A 1 53  ? 10.102  12.871  21.327  1.00 16.64 ? 53  ASN A N   1 
ATOM   430  C CA  A ASN A 1 53  ? 8.767   12.904  21.932  0.50 18.46 ? 53  ASN A CA  1 
ATOM   431  C CA  B ASN A 1 53  ? 8.768   12.896  21.928  0.50 18.45 ? 53  ASN A CA  1 
ATOM   432  C C   . ASN A 1 53  ? 7.821   13.796  21.125  1.00 16.85 ? 53  ASN A C   1 
ATOM   433  O O   . ASN A 1 53  ? 7.877   15.019  21.220  1.00 21.04 ? 53  ASN A O   1 
ATOM   434  C CB  A ASN A 1 53  ? 8.860   13.429  23.372  0.50 25.39 ? 53  ASN A CB  1 
ATOM   435  C CB  B ASN A 1 53  ? 8.852   13.390  23.378  0.50 25.43 ? 53  ASN A CB  1 
ATOM   436  C CG  A ASN A 1 53  ? 9.772   12.587  24.238  0.50 28.57 ? 53  ASN A CG  1 
ATOM   437  C CG  B ASN A 1 53  ? 7.627   13.024  24.188  0.50 19.35 ? 53  ASN A CG  1 
ATOM   438  O OD1 A ASN A 1 53  ? 9.609   11.369  24.333  0.50 29.81 ? 53  ASN A OD1 1 
ATOM   439  O OD1 B ASN A 1 53  ? 6.519   12.946  23.661  0.50 31.21 ? 53  ASN A OD1 1 
ATOM   440  N ND2 A ASN A 1 53  ? 10.743  13.234  24.874  0.50 40.09 ? 53  ASN A ND2 1 
ATOM   441  N ND2 B ASN A 1 53  ? 7.822   12.786  25.475  0.50 30.67 ? 53  ASN A ND2 1 
ATOM   442  N N   . CYS A 1 54  ? 6.943   13.203  20.311  1.00 13.69 ? 54  CYS A N   1 
ATOM   443  C CA  A CYS A 1 54  ? 6.116   13.930  19.354  0.80 13.11 ? 54  CYS A CA  1 
ATOM   444  C CA  B CYS A 1 54  ? 6.174   14.076  19.434  0.20 13.33 ? 54  CYS A CA  1 
ATOM   445  C C   . CYS A 1 54  ? 4.753   14.355  19.918  1.00 10.44 ? 54  CYS A C   1 
ATOM   446  O O   . CYS A 1 54  ? 4.083   15.209  19.360  1.00 17.35 ? 54  CYS A O   1 
ATOM   447  C CB  A CYS A 1 54  ? 5.806   13.036  18.129  0.80 10.95 ? 54  CYS A CB  1 
ATOM   448  C CB  B CYS A 1 54  ? 6.137   13.515  18.028  0.20 18.23 ? 54  CYS A CB  1 
ATOM   449  S SG  A CYS A 1 54  ? 7.317   12.495  17.276  0.80 17.11 ? 54  CYS A SG  1 
ATOM   450  S SG  B CYS A 1 54  ? 5.552   11.875  18.077  0.20 21.99 ? 54  CYS A SG  1 
ATOM   451  N N   . ASN A 1 55  ? 4.315   13.663  20.960  1.00 18.25 ? 55  ASN A N   1 
ATOM   452  C CA  . ASN A 1 55  ? 2.983   13.888  21.506  1.00 21.56 ? 55  ASN A CA  1 
ATOM   453  C C   . ASN A 1 55  ? 1.916   13.856  20.401  1.00 23.58 ? 55  ASN A C   1 
ATOM   454  O O   . ASN A 1 55  ? 1.004   14.688  20.368  1.00 20.39 ? 55  ASN A O   1 
ATOM   455  C CB  . ASN A 1 55  ? 2.910   15.215  22.274  1.00 20.08 ? 55  ASN A CB  1 
ATOM   456  C CG  . ASN A 1 55  ? 1.645   15.313  23.155  1.00 29.04 ? 55  ASN A CG  1 
ATOM   457  O OD1 . ASN A 1 55  ? 1.107   14.291  23.628  1.00 32.92 ? 55  ASN A OD1 1 
ATOM   458  N ND2 . ASN A 1 55  ? 1.163   16.532  23.349  1.00 30.42 ? 55  ASN A ND2 1 
ATOM   459  N N   . GLY A 1 56  ? 2.057   12.903  19.487  1.00 16.18 ? 56  GLY A N   1 
ATOM   460  C CA  . GLY A 1 56  ? 1.007   12.652  18.500  1.00 16.76 ? 56  GLY A CA  1 
ATOM   461  C C   . GLY A 1 56  ? 1.018   13.488  17.248  1.00 19.69 ? 56  GLY A C   1 
ATOM   462  O O   . GLY A 1 56  ? 0.100   13.333  16.412  1.00 19.70 ? 56  GLY A O   1 
ATOM   463  N N   . VAL A 1 57  ? 2.027   14.350  17.081  1.00 14.60 ? 57  VAL A N   1 
ATOM   464  C CA  A VAL A 1 57  ? 2.102   15.235  15.927  0.60 14.99 ? 57  VAL A CA  1 
ATOM   465  C CA  B VAL A 1 57  ? 2.093   15.196  15.892  0.40 14.99 ? 57  VAL A CA  1 
ATOM   466  C C   . VAL A 1 57  ? 3.488   15.224  15.296  1.00 16.57 ? 57  VAL A C   1 
ATOM   467  O O   . VAL A 1 57  ? 4.494   15.228  16.016  1.00 17.75 ? 57  VAL A O   1 
ATOM   468  C CB  A VAL A 1 57  ? 1.835   16.693  16.362  0.60 18.40 ? 57  VAL A CB  1 
ATOM   469  C CB  B VAL A 1 57  ? 1.669   16.662  16.176  0.40 17.57 ? 57  VAL A CB  1 
ATOM   470  C CG1 A VAL A 1 57  ? 1.816   17.619  15.163  0.60 17.22 ? 57  VAL A CG1 1 
ATOM   471  C CG1 B VAL A 1 57  ? 0.211   16.725  16.596  0.40 25.62 ? 57  VAL A CG1 1 
ATOM   472  C CG2 A VAL A 1 57  ? 0.560   16.775  17.189  0.60 22.62 ? 57  VAL A CG2 1 
ATOM   473  C CG2 B VAL A 1 57  ? 2.588   17.296  17.229  0.40 15.27 ? 57  VAL A CG2 1 
ATOM   474  N N   . ILE A 1 58  ? 3.563   15.240  13.965  1.00 14.06 ? 58  ILE A N   1 
ATOM   475  C CA  . ILE A 1 58  ? 4.881   15.238  13.322  1.00 11.49 ? 58  ILE A CA  1 
ATOM   476  C C   . ILE A 1 58  ? 4.898   16.328  12.293  1.00 14.83 ? 58  ILE A C   1 
ATOM   477  O O   . ILE A 1 58  ? 3.843   16.911  12.008  1.00 16.15 ? 58  ILE A O   1 
ATOM   478  C CB  . ILE A 1 58  ? 5.189   13.877  12.628  1.00 11.48 ? 58  ILE A CB  1 
ATOM   479  C CG1 . ILE A 1 58  ? 4.118   13.541  11.569  1.00 11.44 ? 58  ILE A CG1 1 
ATOM   480  C CG2 . ILE A 1 58  ? 5.322   12.716  13.708  1.00 13.57 ? 58  ILE A CG2 1 
ATOM   481  C CD1 . ILE A 1 58  ? 4.473   12.220  10.794  1.00 13.85 ? 58  ILE A CD1 1 
ATOM   482  N N   . THR A 1 59  ? 6.075   16.611  11.724  1.00 13.16 ? 59  THR A N   1 
ATOM   483  C CA  . THR A 1 59  ? 6.201   17.635  10.696  1.00 17.18 ? 59  THR A CA  1 
ATOM   484  C C   . THR A 1 59  ? 6.030   16.988  9.322   1.00 20.42 ? 59  THR A C   1 
ATOM   485  O O   . THR A 1 59  ? 6.093   15.767  9.208   1.00 13.66 ? 59  THR A O   1 
ATOM   486  C CB  . THR A 1 59  ? 7.607   18.274  10.715  1.00 17.33 ? 59  THR A CB  1 
ATOM   487  O OG1 . THR A 1 59  ? 8.580   17.281  10.373  1.00 17.39 ? 59  THR A OG1 1 
ATOM   488  C CG2 . THR A 1 59  ? 7.946   18.852  12.105  1.00 21.58 ? 59  THR A CG2 1 
ATOM   489  N N   . LYS A 1 60  ? 5.890   17.806  8.343   1.00 16.52 ? 60  LYS A N   1 
ATOM   490  C CA  . LYS A 1 60  ? 5.739   17.257  7.006   1.00 19.02 ? 60  LYS A CA  1 
ATOM   491  C C   . LYS A 1 60  ? 7.008   16.530  6.545   1.00 15.16 ? 60  LYS A C   1 
ATOM   492  O O   . LYS A 1 60  ? 6.929   15.468  5.903   1.00 15.48 ? 60  LYS A O   1 
ATOM   493  C CB  . LYS A 1 60  ? 5.383   18.364  6.014   1.00 22.35 ? 60  LYS A CB  1 
ATOM   494  C CG  . LYS A 1 60  ? 5.133   17.872  4.596   1.00 27.06 ? 60  LYS A CG  1 
ATOM   495  C CD  . LYS A 1 60  ? 4.738   19.014  3.675   1.00 34.40 ? 60  LYS A CD  1 
ATOM   496  C CE  . LYS A 1 60  ? 4.511   18.526  2.255   0.50 22.82 ? 60  LYS A CE  1 
ATOM   497  N NZ  . LYS A 1 60  ? 5.724   18.697  1.409   0.30 19.54 ? 60  LYS A NZ  1 
ATOM   498  N N   . ASP A 1 61  ? 8.171   17.071  6.901   1.00 14.72 ? 61  ASP A N   1 
ATOM   499  C CA  . ASP A 1 61  ? 9.422   16.400  6.572   1.00 17.69 ? 61  ASP A CA  1 
ATOM   500  C C   . ASP A 1 61  ? 9.513   14.997  7.206   1.00 14.65 ? 61  ASP A C   1 
ATOM   501  O O   . ASP A 1 61  ? 10.025  14.063  6.580   1.00 14.87 ? 61  ASP A O   1 
ATOM   502  C CB  . ASP A 1 61  ? 10.638  17.241  7.006   1.00 19.22 ? 61  ASP A CB  1 
ATOM   503  C CG  . ASP A 1 61  ? 10.829  18.480  6.138   0.50 32.11 ? 61  ASP A CG  1 
ATOM   504  N N   . GLU A 1 62  ? 9.076   14.882  8.456   1.00 14.46 ? 62  GLU A N   1 
ATOM   505  C CA  . GLU A 1 62  ? 9.048   13.588  9.153   1.00 9.06  ? 62  GLU A CA  1 
ATOM   506  C C   . GLU A 1 62  ? 8.086   12.632  8.475   1.00 11.98 ? 62  GLU A C   1 
ATOM   507  O O   . GLU A 1 62  ? 8.408   11.456  8.334   1.00 12.29 ? 62  GLU A O   1 
ATOM   508  C CB  . GLU A 1 62  ? 8.634   13.770  10.618  1.00 10.62 ? 62  GLU A CB  1 
ATOM   509  C CG  . GLU A 1 62  ? 9.812   14.448  11.396  1.00 17.37 ? 62  GLU A CG  1 
ATOM   510  C CD  . GLU A 1 62  ? 9.451   14.971  12.784  1.00 24.53 ? 62  GLU A CD  1 
ATOM   511  O OE1 . GLU A 1 62  ? 8.247   15.161  13.078  1.00 15.98 ? 62  GLU A OE1 1 
ATOM   512  O OE2 . GLU A 1 62  ? 10.410  15.209  13.588  1.00 22.41 ? 62  GLU A OE2 1 
ATOM   513  N N   . ALA A 1 63  ? 6.917   13.134  8.078   1.00 11.65 ? 63  ALA A N   1 
ATOM   514  C CA  . ALA A 1 63  ? 5.954   12.262  7.367   1.00 11.39 ? 63  ALA A CA  1 
ATOM   515  C C   . ALA A 1 63  ? 6.569   11.740  6.064   1.00 12.41 ? 63  ALA A C   1 
ATOM   516  O O   . ALA A 1 63  ? 6.395   10.561  5.694   1.00 11.28 ? 63  ALA A O   1 
ATOM   517  C CB  . ALA A 1 63  ? 4.663   13.002  7.078   1.00 13.00 ? 63  ALA A CB  1 
ATOM   518  N N   . GLU A 1 64  ? 7.277   12.612  5.358   1.00 11.07 ? 64  GLU A N   1 
ATOM   519  C CA  . GLU A 1 64  ? 7.868   12.211  4.096   1.00 13.28 ? 64  GLU A CA  1 
ATOM   520  C C   . GLU A 1 64  ? 9.016   11.220  4.307   1.00 12.29 ? 64  GLU A C   1 
ATOM   521  O O   . GLU A 1 64  ? 9.228   10.339  3.481   1.00 11.68 ? 64  GLU A O   1 
ATOM   522  C CB  . GLU A 1 64  ? 8.301   13.454  3.301   1.00 17.59 ? 64  GLU A CB  1 
ATOM   523  C CG  . GLU A 1 64  ? 7.062   14.225  2.779   1.00 14.95 ? 64  GLU A CG  1 
ATOM   524  C CD  . GLU A 1 64  ? 7.417   15.529  2.081   0.50 22.40 ? 64  GLU A CD  1 
ATOM   525  O OE1 . GLU A 1 64  ? 8.532   16.064  2.306   0.50 25.18 ? 64  GLU A OE1 1 
ATOM   526  O OE2 . GLU A 1 64  ? 6.572   16.017  1.306   0.50 22.95 ? 64  GLU A OE2 1 
ATOM   527  N N   . LYS A 1 65  ? 9.738   11.338  5.421   1.00 10.86 ? 65  LYS A N   1 
ATOM   528  C CA  . LYS A 1 65  ? 10.793  10.368  5.702   1.00 9.70  ? 65  LYS A CA  1 
ATOM   529  C C   . LYS A 1 65  ? 10.199  8.974   6.015   1.00 11.47 ? 65  LYS A C   1 
ATOM   530  O O   . LYS A 1 65  ? 10.703  7.968   5.503   1.00 11.95 ? 65  LYS A O   1 
ATOM   531  C CB  . LYS A 1 65  ? 11.679  10.821  6.871   1.00 13.07 ? 65  LYS A CB  1 
ATOM   532  C CG  . LYS A 1 65  ? 12.853  9.856   7.114   1.00 16.41 ? 65  LYS A CG  1 
ATOM   533  C CD  . LYS A 1 65  ? 13.871  10.527  8.068   1.00 24.30 ? 65  LYS A CD  1 
ATOM   534  C CE  . LYS A 1 65  ? 15.168  9.708   8.156   1.00 24.68 ? 65  LYS A CE  1 
ATOM   535  N NZ  . LYS A 1 65  ? 16.226  10.467  8.906   1.00 24.53 ? 65  LYS A NZ  1 
ATOM   536  N N   . LEU A 1 66  ? 9.116   8.916   6.814   1.00 9.23  ? 66  LEU A N   1 
ATOM   537  C CA  . LEU A 1 66  ? 8.450   7.619   7.074   1.00 11.14 ? 66  LEU A CA  1 
ATOM   538  C C   . LEU A 1 66  ? 7.968   7.053   5.757   1.00 10.44 ? 66  LEU A C   1 
ATOM   539  O O   . LEU A 1 66  ? 8.046   5.836   5.521   1.00 9.77  ? 66  LEU A O   1 
ATOM   540  C CB  . LEU A 1 66  ? 7.213   7.769   7.993   1.00 10.49 ? 66  LEU A CB  1 
ATOM   541  C CG  . LEU A 1 66  ? 7.556   8.209   9.446   1.00 14.71 ? 66  LEU A CG  1 
ATOM   542  C CD1 . LEU A 1 66  ? 6.283   8.348   10.310  1.00 15.97 ? 66  LEU A CD1 1 
ATOM   543  C CD2 . LEU A 1 66  ? 8.515   7.200   10.096  1.00 17.89 ? 66  LEU A CD2 1 
ATOM   544  N N   . PHE A 1 67  ? 7.429   7.922   4.916   1.00 8.25  ? 67  PHE A N   1 
ATOM   545  C CA  . PHE A 1 67  ? 6.896   7.453   3.609   1.00 9.19  ? 67  PHE A CA  1 
ATOM   546  C C   . PHE A 1 67  ? 7.998   6.845   2.739   1.00 11.17 ? 67  PHE A C   1 
ATOM   547  O O   . PHE A 1 67  ? 7.815   5.767   2.141   1.00 11.27 ? 67  PHE A O   1 
ATOM   548  C CB  . PHE A 1 67  ? 6.242   8.648   2.925   1.00 11.22 ? 67  PHE A CB  1 
ATOM   549  C CG  . PHE A 1 67  ? 5.483   8.334   1.642   1.00 13.45 ? 67  PHE A CG  1 
ATOM   550  C CD1 . PHE A 1 67  ? 4.742   7.179   1.508   1.00 11.10 ? 67  PHE A CD1 1 
ATOM   551  C CD2 . PHE A 1 67  ? 5.435   9.287   0.643   1.00 12.64 ? 67  PHE A CD2 1 
ATOM   552  C CE1 . PHE A 1 67  ? 4.003   6.944   0.341   1.00 11.16 ? 67  PHE A CE1 1 
ATOM   553  C CE2 . PHE A 1 67  ? 4.693   9.076   -0.513  1.00 14.89 ? 67  PHE A CE2 1 
ATOM   554  C CZ  . PHE A 1 67  ? 3.978   7.905   -0.658  1.00 13.30 ? 67  PHE A CZ  1 
ATOM   555  N N   . ASN A 1 68  ? 9.154   7.502   2.667   1.00 10.73 ? 68  ASN A N   1 
ATOM   556  C CA  . ASN A 1 68  ? 10.269  6.921   1.908   1.00 10.49 ? 68  ASN A CA  1 
ATOM   557  C C   . ASN A 1 68  ? 10.653  5.553   2.487   1.00 14.12 ? 68  ASN A C   1 
ATOM   558  O O   . ASN A 1 68  ? 10.864  4.579   1.738   1.00 12.18 ? 68  ASN A O   1 
ATOM   559  C CB  . ASN A 1 68  ? 11.510  7.833   1.954   1.00 12.45 ? 68  ASN A CB  1 
ATOM   560  C CG  . ASN A 1 68  ? 11.390  9.042   1.036   1.00 24.62 ? 68  ASN A CG  1 
ATOM   561  O OD1 . ASN A 1 68  ? 10.822  8.959   -0.045  1.00 28.51 ? 68  ASN A OD1 1 
ATOM   562  N ND2 . ASN A 1 68  ? 11.937  10.179  1.470   1.00 26.28 ? 68  ASN A ND2 1 
ATOM   563  N N   . GLN A 1 69  ? 10.752  5.463   3.819   1.00 8.33  ? 69  GLN A N   1 
ATOM   564  C CA  . GLN A 1 69  ? 11.080  4.179   4.438   1.00 7.85  ? 69  GLN A CA  1 
ATOM   565  C C   . GLN A 1 69  ? 10.034  3.111   4.103   1.00 10.66 ? 69  GLN A C   1 
ATOM   566  O O   . GLN A 1 69  ? 10.379  1.941   3.900   1.00 13.03 ? 69  GLN A O   1 
ATOM   567  C CB  . GLN A 1 69  ? 11.177  4.280   5.966   1.00 9.52  ? 69  GLN A CB  1 
ATOM   568  C CG  . GLN A 1 69  ? 12.346  5.199   6.369   1.00 9.56  ? 69  GLN A CG  1 
ATOM   569  C CD  . GLN A 1 69  ? 12.407  5.463   7.861   1.00 13.42 ? 69  GLN A CD  1 
ATOM   570  O OE1 . GLN A 1 69  ? 11.463  5.146   8.616   1.00 18.14 ? 69  GLN A OE1 1 
ATOM   571  N NE2 . GLN A 1 69  ? 13.521  6.012   8.295   1.00 10.05 ? 69  GLN A NE2 1 
ATOM   572  N N   . ASP A 1 70  ? 8.763   3.507   4.093   1.00 10.70 ? 70  ASP A N   1 
ATOM   573  C CA  . ASP A 1 70  ? 7.683   2.538   3.903   1.00 9.93  ? 70  ASP A CA  1 
ATOM   574  C C   . ASP A 1 70  ? 7.593   2.042   2.457   1.00 10.83 ? 70  ASP A C   1 
ATOM   575  O O   . ASP A 1 70  ? 7.345   0.843   2.197   1.00 10.51 ? 70  ASP A O   1 
ATOM   576  C CB  . ASP A 1 70  ? 6.313   3.140   4.318   1.00 10.57 ? 70  ASP A CB  1 
ATOM   577  C CG  . ASP A 1 70  ? 6.218   3.399   5.824   1.00 15.86 ? 70  ASP A CG  1 
ATOM   578  O OD1 . ASP A 1 70  ? 7.000   2.785   6.603   1.00 17.91 ? 70  ASP A OD1 1 
ATOM   579  O OD2 . ASP A 1 70  ? 5.355   4.228   6.241   1.00 15.34 ? 70  ASP A OD2 1 
ATOM   580  N N   . VAL A 1 71  ? 7.785   2.955   1.518   1.00 12.01 ? 71  VAL A N   1 
ATOM   581  C CA  . VAL A 1 71  ? 7.839   2.533   0.106   1.00 10.47 ? 71  VAL A CA  1 
ATOM   582  C C   . VAL A 1 71  ? 9.015   1.589   -0.137  1.00 12.12 ? 71  VAL A C   1 
ATOM   583  O O   . VAL A 1 71  ? 8.871   0.524   -0.793  1.00 13.84 ? 71  VAL A O   1 
ATOM   584  C CB  . VAL A 1 71  ? 7.904   3.738   -0.843  1.00 12.14 ? 71  VAL A CB  1 
ATOM   585  C CG1 . VAL A 1 71  ? 8.107   3.252   -2.329  1.00 13.51 ? 71  VAL A CG1 1 
ATOM   586  C CG2 . VAL A 1 71  ? 6.585   4.562   -0.737  1.00 13.41 ? 71  VAL A CG2 1 
ATOM   587  N N   . ASP A 1 72  ? 10.175  1.956   0.410   1.00 11.77 ? 72  ASP A N   1 
ATOM   588  C CA  A ASP A 1 72  ? 11.379  1.137   0.272   0.50 12.92 ? 72  ASP A CA  1 
ATOM   589  C CA  B ASP A 1 72  ? 11.395  1.148   0.299   0.50 12.91 ? 72  ASP A CA  1 
ATOM   590  C C   . ASP A 1 72  ? 11.101  -0.256  0.844   1.00 13.64 ? 72  ASP A C   1 
ATOM   591  O O   . ASP A 1 72  ? 11.420  -1.270  0.216   1.00 14.97 ? 72  ASP A O   1 
ATOM   592  C CB  A ASP A 1 72  ? 12.571  1.831   0.949   0.50 16.42 ? 72  ASP A CB  1 
ATOM   593  C CB  B ASP A 1 72  ? 12.539  1.863   1.052   0.50 16.42 ? 72  ASP A CB  1 
ATOM   594  C CG  A ASP A 1 72  ? 13.911  1.103   0.717   0.50 32.03 ? 72  ASP A CG  1 
ATOM   595  C CG  B ASP A 1 72  ? 13.934  1.238   0.807   0.50 32.45 ? 72  ASP A CG  1 
ATOM   596  O OD1 A ASP A 1 72  ? 14.751  1.616   -0.062  0.50 35.22 ? 72  ASP A OD1 1 
ATOM   597  O OD1 B ASP A 1 72  ? 14.087  0.388   -0.101  0.50 21.13 ? 72  ASP A OD1 1 
ATOM   598  O OD2 A ASP A 1 72  ? 14.141  0.041   1.338   0.50 22.48 ? 72  ASP A OD2 1 
ATOM   599  O OD2 B ASP A 1 72  ? 14.893  1.636   1.529   0.50 27.16 ? 72  ASP A OD2 1 
ATOM   600  N N   . ALA A 1 73  ? 10.469  -0.323  2.014   1.00 15.15 ? 73  ALA A N   1 
ATOM   601  C CA  . ALA A 1 73  ? 10.133  -1.604  2.627   1.00 15.78 ? 73  ALA A CA  1 
ATOM   602  C C   . ALA A 1 73  ? 9.160   -2.418  1.808   1.00 16.18 ? 73  ALA A C   1 
ATOM   603  O O   . ALA A 1 73  ? 9.286   -3.644  1.714   1.00 14.99 ? 73  ALA A O   1 
ATOM   604  C CB  . ALA A 1 73  ? 9.561   -1.409  4.061   1.00 17.08 ? 73  ALA A CB  1 
ATOM   605  N N   . ALA A 1 74  ? 8.152   -1.769  1.253   1.00 11.17 ? 74  ALA A N   1 
ATOM   606  C CA  . ALA A 1 74  ? 7.195   -2.503  0.392   1.00 12.78 ? 74  ALA A CA  1 
ATOM   607  C C   . ALA A 1 74  ? 7.904   -3.157  -0.786  1.00 14.31 ? 74  ALA A C   1 
ATOM   608  O O   . ALA A 1 74  ? 7.628   -4.305  -1.118  1.00 15.64 ? 74  ALA A O   1 
ATOM   609  C CB  . ALA A 1 74  ? 6.160   -1.562  -0.140  1.00 12.91 ? 74  ALA A CB  1 
ATOM   610  N N   . VAL A 1 75  ? 8.753   -2.381  -1.459  1.00 10.38 ? 75  VAL A N   1 
ATOM   611  C CA  . VAL A 1 75  ? 9.467   -2.891  -2.652  1.00 15.99 ? 75  VAL A CA  1 
ATOM   612  C C   . VAL A 1 75  ? 10.389  -4.052  -2.238  1.00 15.28 ? 75  VAL A C   1 
ATOM   613  O O   . VAL A 1 75  ? 10.400  -5.132  -2.850  1.00 14.22 ? 75  VAL A O   1 
ATOM   614  C CB  . VAL A 1 75  ? 10.338  -1.774  -3.263  1.00 19.33 ? 75  VAL A CB  1 
ATOM   615  C CG1 . VAL A 1 75  ? 11.270  -2.378  -4.359  1.00 26.22 ? 75  VAL A CG1 1 
ATOM   616  C CG2 . VAL A 1 75  ? 9.450   -0.712  -3.850  1.00 16.13 ? 75  VAL A CG2 1 
ATOM   617  N N   . ARG A 1 76  ? 11.177  -3.842  -1.179  1.00 16.17 ? 76  ARG A N   1 
ATOM   618  C CA  A ARG A 1 76  ? 12.093  -4.870  -0.699  0.40 18.64 ? 76  ARG A CA  1 
ATOM   619  C CA  B ARG A 1 76  ? 12.111  -4.879  -0.752  0.60 18.57 ? 76  ARG A CA  1 
ATOM   620  C C   . ARG A 1 76  ? 11.349  -6.139  -0.335  1.00 18.52 ? 76  ARG A C   1 
ATOM   621  O O   . ARG A 1 76  ? 11.818  -7.265  -0.590  1.00 18.75 ? 76  ARG A O   1 
ATOM   622  C CB  A ARG A 1 76  ? 12.841  -4.375  0.534   0.40 17.11 ? 76  ARG A CB  1 
ATOM   623  C CB  B ARG A 1 76  ? 13.053  -4.391  0.375   0.60 17.78 ? 76  ARG A CB  1 
ATOM   624  C CG  A ARG A 1 76  ? 13.915  -3.394  0.226   0.40 26.80 ? 76  ARG A CG  1 
ATOM   625  C CG  B ARG A 1 76  ? 14.161  -3.439  -0.086  0.60 28.62 ? 76  ARG A CG  1 
ATOM   626  C CD  A ARG A 1 76  ? 14.790  -3.228  1.444   0.40 23.80 ? 76  ARG A CD  1 
ATOM   627  C CD  B ARG A 1 76  ? 15.124  -4.028  -1.147  0.60 30.88 ? 76  ARG A CD  1 
ATOM   628  N NE  A ARG A 1 76  ? 15.875  -2.304  1.196   0.40 27.65 ? 76  ARG A NE  1 
ATOM   629  N NE  B ARG A 1 76  ? 16.148  -4.967  -0.662  0.60 28.30 ? 76  ARG A NE  1 
ATOM   630  C CZ  A ARG A 1 76  ? 17.104  -2.679  0.870   0.40 28.19 ? 76  ARG A CZ  1 
ATOM   631  C CZ  B ARG A 1 76  ? 17.332  -4.609  -0.159  0.60 27.59 ? 76  ARG A CZ  1 
ATOM   632  N NH1 A ARG A 1 76  ? 18.035  -1.765  0.672   0.40 18.35 ? 76  ARG A NH1 1 
ATOM   633  N NH1 B ARG A 1 76  ? 17.641  -3.329  -0.025  0.60 24.51 ? 76  ARG A NH1 1 
ATOM   634  N NH2 A ARG A 1 76  ? 17.400  -3.966  0.743   0.40 25.54 ? 76  ARG A NH2 1 
ATOM   635  N NH2 B ARG A 1 76  ? 18.210  -5.529  0.224   0.60 25.95 ? 76  ARG A NH2 1 
ATOM   636  N N   . GLY A 1 77  ? 10.170  -5.954  0.244   1.00 13.66 ? 77  GLY A N   1 
ATOM   637  C CA  . GLY A 1 77  ? 9.333   -7.071  0.650   1.00 16.35 ? 77  GLY A CA  1 
ATOM   638  C C   . GLY A 1 77  ? 8.908   -7.891  -0.566  1.00 19.40 ? 77  GLY A C   1 
ATOM   639  O O   . GLY A 1 77  ? 8.946   -9.143  -0.541  1.00 19.05 ? 77  GLY A O   1 
ATOM   640  N N   . ILE A 1 78  ? 8.508   -7.199  -1.634  1.00 9.91  ? 78  ILE A N   1 
ATOM   641  C CA  . ILE A 1 78  ? 8.153   -7.918  -2.869  1.00 10.02 ? 78  ILE A CA  1 
ATOM   642  C C   . ILE A 1 78  ? 9.369   -8.709  -3.370  1.00 16.29 ? 78  ILE A C   1 
ATOM   643  O O   . ILE A 1 78  ? 9.255   -9.883  -3.732  1.00 15.23 ? 78  ILE A O   1 
ATOM   644  C CB  . ILE A 1 78  ? 7.705   -6.922  -3.963  1.00 13.03 ? 78  ILE A CB  1 
ATOM   645  C CG1 . ILE A 1 78  ? 6.264   -6.442  -3.632  1.00 10.35 ? 78  ILE A CG1 1 
ATOM   646  C CG2 . ILE A 1 78  ? 7.691   -7.592  -5.337  1.00 14.11 ? 78  ILE A CG2 1 
ATOM   647  C CD1 . ILE A 1 78  ? 5.811   -5.265  -4.493  1.00 14.83 ? 78  ILE A CD1 1 
ATOM   648  N N   . LEU A 1 79  ? 10.536  -8.069  -3.378  1.00 14.91 ? 79  LEU A N   1 
ATOM   649  C CA  . LEU A 1 79  ? 11.719  -8.731  -3.972  1.00 16.84 ? 79  LEU A CA  1 
ATOM   650  C C   . LEU A 1 79  ? 12.173  -9.944  -3.143  1.00 23.32 ? 79  LEU A C   1 
ATOM   651  O O   . LEU A 1 79  ? 12.795  -10.872 -3.691  1.00 23.32 ? 79  LEU A O   1 
ATOM   652  C CB  . LEU A 1 79  ? 12.860  -7.720  -4.153  1.00 17.30 ? 79  LEU A CB  1 
ATOM   653  C CG  . LEU A 1 79  ? 12.671  -6.591  -5.184  1.00 19.26 ? 79  LEU A CG  1 
ATOM   654  C CD1 . LEU A 1 79  ? 13.935  -5.751  -5.286  1.00 26.76 ? 79  LEU A CD1 1 
ATOM   655  C CD2 . LEU A 1 79  ? 12.256  -7.096  -6.563  1.00 23.93 ? 79  LEU A CD2 1 
ATOM   656  N N   . ARG A 1 80  ? 11.854  -9.966  -1.870  1.00 14.87 ? 80  ARG A N   1 
ATOM   657  C CA  A ARG A 1 80  ? 12.191  -11.064 -0.948  0.50 15.98 ? 80  ARG A CA  1 
ATOM   658  C CA  B ARG A 1 80  ? 12.189  -11.064 -0.993  0.50 15.92 ? 80  ARG A CA  1 
ATOM   659  C C   . ARG A 1 80  ? 11.155  -12.172 -0.967  1.00 24.94 ? 80  ARG A C   1 
ATOM   660  O O   . ARG A 1 80  ? 11.379  -13.180 -0.379  1.00 22.98 ? 80  ARG A O   1 
ATOM   661  C CB  A ARG A 1 80  ? 12.351  -10.556 0.502   0.50 21.18 ? 80  ARG A CB  1 
ATOM   662  C CB  B ARG A 1 80  ? 12.361  -10.583 0.447   0.50 21.33 ? 80  ARG A CB  1 
ATOM   663  C CG  A ARG A 1 80  ? 13.634  -9.798  0.794   0.50 35.55 ? 80  ARG A CG  1 
ATOM   664  C CG  B ARG A 1 80  ? 13.480  -9.645  0.688   0.50 34.40 ? 80  ARG A CG  1 
ATOM   665  C CD  A ARG A 1 80  ? 13.800  -9.604  2.313   0.50 34.65 ? 80  ARG A CD  1 
ATOM   666  C CD  B ARG A 1 80  ? 13.485  -9.141  2.167   0.50 39.09 ? 80  ARG A CD  1 
ATOM   667  N NE  A ARG A 1 80  ? 12.609  -8.986  2.890   0.50 37.39 ? 80  ARG A NE  1 
ATOM   668  N NE  B ARG A 1 80  ? 14.788  -8.799  2.726   0.50 39.67 ? 80  ARG A NE  1 
ATOM   669  C CZ  A ARG A 1 80  ? 12.492  -7.693  3.179   0.50 24.79 ? 80  ARG A CZ  1 
ATOM   670  C CZ  B ARG A 1 80  ? 15.432  -7.626  2.607   0.50 35.47 ? 80  ARG A CZ  1 
ATOM   671  N NH1 A ARG A 1 80  ? 13.505  -6.863  2.973   0.50 34.41 ? 80  ARG A NH1 1 
ATOM   672  N NH1 B ARG A 1 80  ? 14.966  -6.650  1.881   0.50 43.36 ? 80  ARG A NH1 1 
ATOM   673  N NH2 A ARG A 1 80  ? 11.363  -7.233  3.695   0.50 28.08 ? 80  ARG A NH2 1 
ATOM   674  N NH2 B ARG A 1 80  ? 16.603  -7.430  3.172   0.50 38.03 ? 80  ARG A NH2 1 
ATOM   675  N N   . ASN A 1 81  ? 10.004  -11.927 -1.555  1.00 16.90 ? 81  ASN A N   1 
ATOM   676  C CA  . ASN A 1 81  ? 8.923   -12.881 -1.472  1.00 16.36 ? 81  ASN A CA  1 
ATOM   677  C C   . ASN A 1 81  ? 8.939   -13.764 -2.693  1.00 19.92 ? 81  ASN A C   1 
ATOM   678  O O   . ASN A 1 81  ? 8.749   -13.294 -3.817  1.00 18.34 ? 81  ASN A O   1 
ATOM   679  C CB  . ASN A 1 81  ? 7.565   -12.139 -1.363  1.00 16.58 ? 81  ASN A CB  1 
ATOM   680  C CG  . ASN A 1 81  ? 6.438   -13.065 -1.043  1.00 22.98 ? 81  ASN A CG  1 
ATOM   681  O OD1 . ASN A 1 81  ? 6.109   -13.932 -1.833  1.00 23.49 ? 81  ASN A OD1 1 
ATOM   682  N ND2 . ASN A 1 81  ? 5.814   -12.869 0.112   1.00 20.95 ? 81  ASN A ND2 1 
ATOM   683  N N   . ALA A 1 82  ? 9.163   -15.061 -2.494  1.00 20.16 ? 82  ALA A N   1 
ATOM   684  C CA  . ALA A 1 82  ? 9.284   -15.964 -3.642  1.00 20.52 ? 82  ALA A CA  1 
ATOM   685  C C   . ALA A 1 82  ? 8.048   -16.055 -4.518  1.00 17.19 ? 82  ALA A C   1 
ATOM   686  O O   . ALA A 1 82  ? 8.155   -16.395 -5.707  1.00 23.32 ? 82  ALA A O   1 
ATOM   687  C CB  . ALA A 1 82  ? 9.704   -17.368 -3.169  1.00 26.97 ? 82  ALA A CB  1 
ATOM   688  N N   . LYS A 1 83  ? 6.862   -15.793 -3.972  1.00 16.60 ? 83  LYS A N   1 
ATOM   689  C CA  . LYS A 1 83  ? 5.668   -15.763 -4.819  1.00 17.84 ? 83  LYS A CA  1 
ATOM   690  C C   . LYS A 1 83  ? 5.463   -14.451 -5.584  1.00 18.30 ? 83  LYS A C   1 
ATOM   691  O O   . LYS A 1 83  ? 4.888   -14.443 -6.666  1.00 21.97 ? 83  LYS A O   1 
ATOM   692  C CB  . LYS A 1 83  ? 4.405   -16.067 -4.009  1.00 26.92 ? 83  LYS A CB  1 
ATOM   693  C CG  . LYS A 1 83  ? 4.415   -17.470 -3.382  1.00 41.43 ? 83  LYS A CG  1 
ATOM   694  N N   . LEU A 1 84  ? 5.946   -13.349 -5.031  1.00 13.78 ? 84  LEU A N   1 
ATOM   695  C CA  . LEU A 1 84  ? 5.685   -12.056 -5.629  1.00 12.93 ? 84  LEU A CA  1 
ATOM   696  C C   . LEU A 1 84  ? 6.773   -11.628 -6.597  1.00 15.26 ? 84  LEU A C   1 
ATOM   697  O O   . LEU A 1 84  ? 6.498   -10.986 -7.621  1.00 14.32 ? 84  LEU A O   1 
ATOM   698  C CB  . LEU A 1 84  ? 5.559   -10.987 -4.516  1.00 10.15 ? 84  LEU A CB  1 
ATOM   699  C CG  . LEU A 1 84  ? 4.403   -11.218 -3.528  1.00 13.22 ? 84  LEU A CG  1 
ATOM   700  C CD1 . LEU A 1 84  ? 4.385   -10.018 -2.536  1.00 13.50 ? 84  LEU A CD1 1 
ATOM   701  C CD2 . LEU A 1 84  ? 3.057   -11.345 -4.225  1.00 18.79 ? 84  LEU A CD2 1 
ATOM   702  N N   . LYS A 1 85  ? 8.021   -11.952 -6.273  1.00 11.42 ? 85  LYS A N   1 
ATOM   703  C CA  . LYS A 1 85  ? 9.119   -11.465 -7.088  1.00 11.33 ? 85  LYS A CA  1 
ATOM   704  C C   . LYS A 1 85  ? 9.007   -11.843 -8.558  1.00 12.54 ? 85  LYS A C   1 
ATOM   705  O O   . LYS A 1 85  ? 9.166   -10.989 -9.416  1.00 13.27 ? 85  LYS A O   1 
ATOM   706  C CB  . LYS A 1 85  ? 10.469  -11.932 -6.522  1.00 13.26 ? 85  LYS A CB  1 
ATOM   707  C CG  . LYS A 1 85  ? 11.616  -11.326 -7.352  1.00 15.87 ? 85  LYS A CG  1 
ATOM   708  C CD  . LYS A 1 85  ? 12.973  -11.649 -6.763  1.00 28.37 ? 85  LYS A CD  1 
ATOM   709  C CE  . LYS A 1 85  ? 14.055  -10.954 -7.584  1.00 31.04 ? 85  LYS A CE  1 
ATOM   710  N NZ  . LYS A 1 85  ? 14.283  -11.735 -8.846  1.00 35.12 ? 85  LYS A NZ  1 
ATOM   711  N N   . PRO A 1 86  ? 8.703   -13.112 -8.869  1.00 13.06 ? 86  PRO A N   1 
ATOM   712  C CA  . PRO A 1 86  ? 8.590   -13.442 -10.311 1.00 17.75 ? 86  PRO A CA  1 
ATOM   713  C C   . PRO A 1 86  ? 7.476   -12.672 -11.026 1.00 17.44 ? 86  PRO A C   1 
ATOM   714  O O   . PRO A 1 86  ? 7.668   -12.270 -12.183 1.00 14.38 ? 86  PRO A O   1 
ATOM   715  C CB  . PRO A 1 86  ? 8.280   -14.950 -10.336 1.00 20.89 ? 86  PRO A CB  1 
ATOM   716  C CG  . PRO A 1 86  ? 8.472   -15.429 -8.963  1.00 31.89 ? 86  PRO A CG  1 
ATOM   717  C CD  . PRO A 1 86  ? 8.559   -14.288 -8.003  1.00 17.55 ? 86  PRO A CD  1 
ATOM   718  N N   . VAL A 1 87  ? 6.326   -12.456 -10.372 1.00 10.17 ? 87  VAL A N   1 
ATOM   719  C CA  . VAL A 1 87  ? 5.265   -11.683 -10.995 1.00 11.63 ? 87  VAL A CA  1 
ATOM   720  C C   . VAL A 1 87  ? 5.716   -10.218 -11.200 1.00 9.83  ? 87  VAL A C   1 
ATOM   721  O O   . VAL A 1 87  ? 5.593   -9.651  -12.280 1.00 11.10 ? 87  VAL A O   1 
ATOM   722  C CB  . VAL A 1 87  ? 3.958   -11.758 -10.179 1.00 15.57 ? 87  VAL A CB  1 
ATOM   723  C CG1 . VAL A 1 87  ? 2.829   -11.064 -10.933 1.00 13.48 ? 87  VAL A CG1 1 
ATOM   724  C CG2 . VAL A 1 87  ? 3.581   -13.241 -9.887  1.00 18.17 ? 87  VAL A CG2 1 
ATOM   725  N N   . TYR A 1 88  ? 6.260   -9.627  -10.149 1.00 9.58  ? 88  TYR A N   1 
ATOM   726  C CA  . TYR A 1 88  ? 6.739   -8.255  -10.207 1.00 12.74 ? 88  TYR A CA  1 
ATOM   727  C C   . TYR A 1 88  ? 7.752   -8.083  -11.318 1.00 14.79 ? 88  TYR A C   1 
ATOM   728  O O   . TYR A 1 88  ? 7.639   -7.153  -12.126 1.00 13.27 ? 88  TYR A O   1 
ATOM   729  C CB  . TYR A 1 88  ? 7.372   -7.912  -8.861  1.00 10.27 ? 88  TYR A CB  1 
ATOM   730  C CG  . TYR A 1 88  ? 7.799   -6.472  -8.744  1.00 13.60 ? 88  TYR A CG  1 
ATOM   731  C CD1 . TYR A 1 88  ? 6.882   -5.475  -8.402  1.00 10.45 ? 88  TYR A CD1 1 
ATOM   732  C CD2 . TYR A 1 88  ? 9.122   -6.114  -8.959  1.00 18.90 ? 88  TYR A CD2 1 
ATOM   733  C CE1 . TYR A 1 88  ? 7.294   -4.154  -8.277  1.00 13.37 ? 88  TYR A CE1 1 
ATOM   734  C CE2 . TYR A 1 88  ? 9.527   -4.809  -8.844  1.00 21.54 ? 88  TYR A CE2 1 
ATOM   735  C CZ  . TYR A 1 88  ? 8.593   -3.834  -8.495  1.00 20.79 ? 88  TYR A CZ  1 
ATOM   736  O OH  . TYR A 1 88  ? 8.999   -2.519  -8.371  1.00 20.31 ? 88  TYR A OH  1 
ATOM   737  N N   . ASP A 1 89  ? 8.722   -8.999  -11.399 1.00 11.16 ? 89  ASP A N   1 
ATOM   738  C CA  . ASP A 1 89  ? 9.729   -8.884  -12.489 1.00 12.85 ? 89  ASP A CA  1 
ATOM   739  C C   . ASP A 1 89  ? 9.139   -9.027  -13.881 1.00 16.29 ? 89  ASP A C   1 
ATOM   740  O O   . ASP A 1 89  ? 9.676   -8.497  -14.848 1.00 16.34 ? 89  ASP A O   1 
ATOM   741  C CB  . ASP A 1 89  ? 10.852  -9.903  -12.318 1.00 14.36 ? 89  ASP A CB  1 
ATOM   742  C CG  . ASP A 1 89  ? 11.810  -9.515  -11.196 1.00 24.41 ? 89  ASP A CG  1 
ATOM   743  O OD1 . ASP A 1 89  ? 11.760  -8.339  -10.729 1.00 21.17 ? 89  ASP A OD1 1 
ATOM   744  O OD2 . ASP A 1 89  ? 12.603  -10.385 -10.804 1.00 26.72 ? 89  ASP A OD2 1 
ATOM   745  N N   . SER A 1 90  ? 8.024   -9.719  -13.999 1.00 11.25 ? 90  SER A N   1 
ATOM   746  C CA  . SER A 1 90  ? 7.392   -9.859  -15.296 1.00 11.15 ? 90  SER A CA  1 
ATOM   747  C C   . SER A 1 90  ? 6.633   -8.618  -15.758 1.00 13.80 ? 90  SER A C   1 
ATOM   748  O O   . SER A 1 90  ? 6.296   -8.496  -16.940 1.00 12.34 ? 90  SER A O   1 
ATOM   749  C CB  . SER A 1 90  ? 6.431   -11.074 -15.288 1.00 14.51 ? 90  SER A CB  1 
ATOM   750  O OG  . SER A 1 90  ? 5.199   -10.703 -14.661 1.00 14.64 ? 90  SER A OG  1 
ATOM   751  N N   . LEU A 1 91  ? 6.355   -7.690  -14.835 1.00 11.84 ? 91  LEU A N   1 
ATOM   752  C CA  . LEU A 1 91  ? 5.515   -6.539  -15.140 1.00 11.69 ? 91  LEU A CA  1 
ATOM   753  C C   . LEU A 1 91  ? 6.305   -5.348  -15.687 1.00 13.96 ? 91  LEU A C   1 
ATOM   754  O O   . LEU A 1 91  ? 7.504   -5.219  -15.421 1.00 13.49 ? 91  LEU A O   1 
ATOM   755  C CB  . LEU A 1 91  ? 4.803   -6.056  -13.863 1.00 11.34 ? 91  LEU A CB  1 
ATOM   756  C CG  . LEU A 1 91  ? 3.830   -7.054  -13.173 1.00 11.35 ? 91  LEU A CG  1 
ATOM   757  C CD1 . LEU A 1 91  ? 3.391   -6.434  -11.804 1.00 13.57 ? 91  LEU A CD1 1 
ATOM   758  C CD2 . LEU A 1 91  ? 2.625   -7.285  -14.087 1.00 12.86 ? 91  LEU A CD2 1 
ATOM   759  N N   . ASP A 1 92  ? 5.606   -4.499  -16.434 1.00 10.61 ? 92  ASP A N   1 
ATOM   760  C CA  . ASP A 1 92  ? 6.121   -3.199  -16.880 1.00 12.66 ? 92  ASP A CA  1 
ATOM   761  C C   . ASP A 1 92  ? 6.099   -2.183  -15.729 1.00 17.07 ? 92  ASP A C   1 
ATOM   762  O O   . ASP A 1 92  ? 5.510   -2.424  -14.662 1.00 13.14 ? 92  ASP A O   1 
ATOM   763  C CB  . ASP A 1 92  ? 5.238   -2.678  -17.994 1.00 15.15 ? 92  ASP A CB  1 
ATOM   764  C CG  . ASP A 1 92  ? 3.791   -2.563  -17.548 1.00 24.01 ? 92  ASP A CG  1 
ATOM   765  O OD1 . ASP A 1 92  ? 3.078   -3.594  -17.617 1.00 18.08 ? 92  ASP A OD1 1 
ATOM   766  O OD2 . ASP A 1 92  ? 3.398   -1.461  -17.075 1.00 18.09 ? 92  ASP A OD2 1 
ATOM   767  N N   . ALA A 1 93  ? 6.697   -1.016  -15.960 1.00 15.93 ? 93  ALA A N   1 
ATOM   768  C CA  . ALA A 1 93  ? 6.888   -0.081  -14.854 1.00 18.44 ? 93  ALA A CA  1 
ATOM   769  C C   . ALA A 1 93  ? 5.602   0.408   -14.210 1.00 13.14 ? 93  ALA A C   1 
ATOM   770  O O   . ALA A 1 93  ? 5.549   0.561   -12.982 1.00 14.56 ? 93  ALA A O   1 
ATOM   771  C CB  . ALA A 1 93  ? 7.734   1.093   -15.303 1.00 15.19 ? 93  ALA A CB  1 
ATOM   772  N N   . VAL A 1 94  ? 4.588   0.730   -15.002 1.00 11.09 ? 94  VAL A N   1 
ATOM   773  C CA  . VAL A 1 94  ? 3.365   1.271   -14.404 1.00 11.21 ? 94  VAL A CA  1 
ATOM   774  C C   . VAL A 1 94  ? 2.689   0.194   -13.571 1.00 12.68 ? 94  VAL A C   1 
ATOM   775  O O   . VAL A 1 94  ? 2.230   0.417   -12.430 1.00 11.37 ? 94  VAL A O   1 
ATOM   776  C CB  . VAL A 1 94  ? 2.433   1.803   -15.490 1.00 12.37 ? 94  VAL A CB  1 
ATOM   777  C CG1 . VAL A 1 94  ? 1.085   2.259   -14.865 1.00 13.81 ? 94  VAL A CG1 1 
ATOM   778  C CG2 . VAL A 1 94  ? 3.153   2.972   -16.249 1.00 19.11 ? 94  VAL A CG2 1 
ATOM   779  N N   . ARG A 1 95  ? 2.629   -1.008  -14.119 1.00 9.37  ? 95  ARG A N   1 
ATOM   780  C CA  . ARG A 1 95  ? 1.993   -2.079  -13.359 1.00 8.90  ? 95  ARG A CA  1 
ATOM   781  C C   . ARG A 1 95  ? 2.794   -2.421  -12.104 1.00 10.40 ? 95  ARG A C   1 
ATOM   782  O O   . ARG A 1 95  ? 2.216   -2.826  -11.092 1.00 11.11 ? 95  ARG A O   1 
ATOM   783  C CB  . ARG A 1 95  ? 1.752   -3.304  -14.254 1.00 9.24  ? 95  ARG A CB  1 
ATOM   784  C CG  . ARG A 1 95  ? 0.639   -3.004  -15.257 1.00 10.74 ? 95  ARG A CG  1 
ATOM   785  C CD  . ARG A 1 95  ? 0.394   -4.269  -16.109 1.00 13.69 ? 95  ARG A CD  1 
ATOM   786  N NE  . ARG A 1 95  ? -0.735  -4.066  -17.010 1.00 12.10 ? 95  ARG A NE  1 
ATOM   787  C CZ  . ARG A 1 95  ? -0.649  -3.773  -18.308 1.00 16.39 ? 95  ARG A CZ  1 
ATOM   788  N NH1 . ARG A 1 95  ? 0.528   -3.569  -18.878 1.00 13.79 ? 95  ARG A NH1 1 
ATOM   789  N NH2 . ARG A 1 95  ? -1.771  -3.623  -19.024 1.00 13.44 ? 95  ARG A NH2 1 
ATOM   790  N N   . ARG A 1 96  ? 4.115   -2.268  -12.136 1.00 8.56  ? 96  ARG A N   1 
ATOM   791  C CA  . ARG A 1 96  ? 4.894   -2.475  -10.906 1.00 9.08  ? 96  ARG A CA  1 
ATOM   792  C C   . ARG A 1 96  ? 4.454   -1.510  -9.806  1.00 10.80 ? 96  ARG A C   1 
ATOM   793  O O   . ARG A 1 96  ? 4.439   -1.886  -8.633  1.00 10.82 ? 96  ARG A O   1 
ATOM   794  C CB  . ARG A 1 96  ? 6.401   -2.294  -11.147 1.00 7.05  ? 96  ARG A CB  1 
ATOM   795  C CG  . ARG A 1 96  ? 6.967   -3.504  -11.896 1.00 9.68  ? 96  ARG A CG  1 
ATOM   796  C CD  . ARG A 1 96  ? 8.515   -3.322  -12.104 1.00 14.49 ? 96  ARG A CD  1 
ATOM   797  N NE  . ARG A 1 96  ? 9.024   -4.470  -12.866 1.00 18.15 ? 96  ARG A NE  1 
ATOM   798  C CZ  . ARG A 1 96  ? 10.232  -4.512  -13.424 1.00 24.47 ? 96  ARG A CZ  1 
ATOM   799  N NH1 . ARG A 1 96  ? 11.046  -3.473  -13.286 1.00 22.01 ? 96  ARG A NH1 1 
ATOM   800  N NH2 . ARG A 1 96  ? 10.625  -5.583  -14.123 1.00 20.32 ? 96  ARG A NH2 1 
ATOM   801  N N   . CYS A 1 97  ? 4.078   -0.294  -10.188 1.00 11.09 ? 97  CYS A N   1 
ATOM   802  C CA  . CYS A 1 97  ? 3.572   0.670   -9.191  1.00 10.49 ? 97  CYS A CA  1 
ATOM   803  C C   . CYS A 1 97  ? 2.260   0.196   -8.576  1.00 10.21 ? 97  CYS A C   1 
ATOM   804  O O   . CYS A 1 97  ? 2.057   0.345   -7.377  1.00 11.18 ? 97  CYS A O   1 
ATOM   805  C CB  . CYS A 1 97  ? 3.323   2.028   -9.822  1.00 10.76 ? 97  CYS A CB  1 
ATOM   806  S SG  . CYS A 1 97  ? 4.914   2.838   -10.208 1.00 17.49 ? 97  CYS A SG  1 
ATOM   807  N N   . ALA A 1 98  ? 1.372   -0.365  -9.385  1.00 9.67  ? 98  ALA A N   1 
ATOM   808  C CA  . ALA A 1 98  ? 0.145   -0.962  -8.826  1.00 8.37  ? 98  ALA A CA  1 
ATOM   809  C C   . ALA A 1 98  ? 0.455   -2.076  -7.828  1.00 11.59 ? 98  ALA A C   1 
ATOM   810  O O   . ALA A 1 98  ? -0.174  -2.168  -6.771  1.00 10.81 ? 98  ALA A O   1 
ATOM   811  C CB  . ALA A 1 98  ? -0.777  -1.478  -9.944  1.00 9.33  ? 98  ALA A CB  1 
ATOM   812  N N   . ALA A 1 99  ? 1.454   -2.909  -8.124  1.00 9.61  ? 99  ALA A N   1 
ATOM   813  C CA  . ALA A 1 99  ? 1.841   -3.975  -7.173  1.00 9.66  ? 99  ALA A CA  1 
ATOM   814  C C   . ALA A 1 99  ? 2.364   -3.395  -5.880  1.00 10.94 ? 99  ALA A C   1 
ATOM   815  O O   . ALA A 1 99  ? 2.024   -3.870  -4.784  1.00 9.20  ? 99  ALA A O   1 
ATOM   816  C CB  . ALA A 1 99  ? 2.955   -4.879  -7.804  1.00 8.37  ? 99  ALA A CB  1 
ATOM   817  N N   . ILE A 1 100 ? 3.217   -2.384  -5.990  1.00 10.12 ? 100 ILE A N   1 
ATOM   818  C CA  . ILE A 1 100 ? 3.749   -1.770  -4.766  1.00 11.93 ? 100 ILE A CA  1 
ATOM   819  C C   . ILE A 1 100 ? 2.606   -1.173  -3.915  1.00 10.75 ? 100 ILE A C   1 
ATOM   820  O O   . ILE A 1 100 ? 2.579   -1.290  -2.659  1.00 10.76 ? 100 ILE A O   1 
ATOM   821  C CB  . ILE A 1 100 ? 4.819   -0.705  -5.116  1.00 9.88  ? 100 ILE A CB  1 
ATOM   822  C CG1 . ILE A 1 100 ? 6.048   -1.375  -5.783  1.00 7.44  ? 100 ILE A CG1 1 
ATOM   823  C CG2 . ILE A 1 100 ? 5.284   0.090   -3.844  1.00 10.96 ? 100 ILE A CG2 1 
ATOM   824  C CD1 . ILE A 1 100 ? 6.955   -0.331  -6.479  1.00 14.28 ? 100 ILE A CD1 1 
ATOM   825  N N   . ASN A 1 101 ? 1.667   -0.525  -4.585  1.00 10.41 ? 101 ASN A N   1 
ATOM   826  C CA  . ASN A 1 101 ? 0.515   0.085   -3.905  1.00 10.88 ? 101 ASN A CA  1 
ATOM   827  C C   . ASN A 1 101 ? -0.236  -0.974  -3.083  1.00 11.36 ? 101 ASN A C   1 
ATOM   828  O O   . ASN A 1 101 ? -0.574  -0.746  -1.906  1.00 10.35 ? 101 ASN A O   1 
ATOM   829  C CB  . ASN A 1 101 ? -0.403  0.743   -4.977  1.00 9.09  ? 101 ASN A CB  1 
ATOM   830  C CG  . ASN A 1 101 ? -1.434  1.667   -4.387  1.00 11.37 ? 101 ASN A CG  1 
ATOM   831  O OD1 . ASN A 1 101 ? -2.172  1.299   -3.467  1.00 11.63 ? 101 ASN A OD1 1 
ATOM   832  N ND2 . ASN A 1 101 ? -1.476  2.896   -4.900  1.00 10.66 ? 101 ASN A ND2 1 
ATOM   833  N N   . MET A 1 102 ? -0.513  -2.140  -3.679  1.00 9.09  ? 102 MET A N   1 
ATOM   834  C CA  . MET A 1 102 ? -1.248  -3.181  -2.951  1.00 6.60  ? 102 MET A CA  1 
ATOM   835  C C   . MET A 1 102 ? -0.464  -3.663  -1.719  1.00 10.35 ? 102 MET A C   1 
ATOM   836  O O   . MET A 1 102 ? -1.052  -3.888  -0.661  1.00 11.73 ? 102 MET A O   1 
ATOM   837  C CB  . MET A 1 102 ? -1.583  -4.383  -3.854  1.00 10.46 ? 102 MET A CB  1 
ATOM   838  C CG  . MET A 1 102 ? -2.618  -4.007  -4.893  1.00 10.29 ? 102 MET A CG  1 
ATOM   839  S SD  . MET A 1 102 ? -3.137  -5.528  -5.777  1.00 15.42 ? 102 MET A SD  1 
ATOM   840  C CE  . MET A 1 102 ? -4.150  -6.415  -4.613  1.00 15.45 ? 102 MET A CE  1 
ATOM   841  N N   . VAL A 1 103 ? 0.838   -3.896  -1.871  1.00 10.94 ? 103 VAL A N   1 
ATOM   842  C CA  A VAL A 1 103 ? 1.662   -4.380  -0.755  0.70 8.92  ? 103 VAL A CA  1 
ATOM   843  C CA  B VAL A 1 103 ? 1.597   -4.398  -0.721  0.30 9.07  ? 103 VAL A CA  1 
ATOM   844  C C   . VAL A 1 103 ? 1.779   -3.312  0.324   1.00 12.65 ? 103 VAL A C   1 
ATOM   845  O O   . VAL A 1 103 ? 1.832   -3.620  1.524   1.00 12.43 ? 103 VAL A O   1 
ATOM   846  C CB  A VAL A 1 103 ? 3.052   -4.805  -1.295  0.70 12.57 ? 103 VAL A CB  1 
ATOM   847  C CB  B VAL A 1 103 ? 2.963   -4.988  -1.103  0.30 13.23 ? 103 VAL A CB  1 
ATOM   848  C CG1 A VAL A 1 103 ? 4.110   -4.880  -0.166  0.70 16.17 ? 103 VAL A CG1 1 
ATOM   849  C CG1 B VAL A 1 103 ? 3.803   -3.955  -1.801  0.30 7.45  ? 103 VAL A CG1 1 
ATOM   850  C CG2 A VAL A 1 103 ? 2.896   -6.144  -2.086  0.70 11.35 ? 103 VAL A CG2 1 
ATOM   851  C CG2 B VAL A 1 103 ? 3.673   -5.520  0.150   0.30 14.92 ? 103 VAL A CG2 1 
ATOM   852  N N   . PHE A 1 104 ? 1.831   -2.056  -0.112  1.00 10.56 ? 104 PHE A N   1 
ATOM   853  C CA  . PHE A 1 104 ? 1.875   -0.954  0.848   1.00 12.10 ? 104 PHE A CA  1 
ATOM   854  C C   . PHE A 1 104 ? 0.596   -0.945  1.684   1.00 11.31 ? 104 PHE A C   1 
ATOM   855  O O   . PHE A 1 104 ? 0.640   -0.784  2.935   1.00 11.47 ? 104 PHE A O   1 
ATOM   856  C CB  . PHE A 1 104 ? 2.085   0.379   0.109   1.00 9.74  ? 104 PHE A CB  1 
ATOM   857  C CG  . PHE A 1 104 ? 2.233   1.574   1.014   1.00 10.58 ? 104 PHE A CG  1 
ATOM   858  C CD1 . PHE A 1 104 ? 1.121   2.186   1.567   1.00 12.62 ? 104 PHE A CD1 1 
ATOM   859  C CD2 . PHE A 1 104 ? 3.500   2.119   1.243   1.00 13.88 ? 104 PHE A CD2 1 
ATOM   860  C CE1 . PHE A 1 104 ? 1.274   3.318   2.352   1.00 15.32 ? 104 PHE A CE1 1 
ATOM   861  C CE2 . PHE A 1 104 ? 3.661   3.251   2.025   1.00 13.63 ? 104 PHE A CE2 1 
ATOM   862  C CZ  . PHE A 1 104 ? 2.522   3.846   2.581   1.00 14.22 ? 104 PHE A CZ  1 
ATOM   863  N N   . GLN A 1 105 ? -0.545  -1.168  1.070   1.00 9.62  ? 105 GLN A N   1 
ATOM   864  C CA  . GLN A 1 105 ? -1.799  -1.113  1.778   1.00 9.98  ? 105 GLN A CA  1 
ATOM   865  C C   . GLN A 1 105 ? -2.047  -2.315  2.703   1.00 15.41 ? 105 GLN A C   1 
ATOM   866  O O   . GLN A 1 105 ? -2.556  -2.193  3.763   1.00 14.13 ? 105 GLN A O   1 
ATOM   867  C CB  . GLN A 1 105 ? -2.974  -0.985  0.790   1.00 10.85 ? 105 GLN A CB  1 
ATOM   868  C CG  . GLN A 1 105 ? -4.308  -0.819  1.471   1.00 16.02 ? 105 GLN A CG  1 
ATOM   869  C CD  . GLN A 1 105 ? -5.504  -0.654  0.536   1.00 19.12 ? 105 GLN A CD  1 
ATOM   870  O OE1 . GLN A 1 105 ? -5.372  -0.638  -0.633  1.00 14.15 ? 105 GLN A OE1 1 
ATOM   871  N NE2 . GLN A 1 105 ? -6.629  -0.489  1.097   1.00 17.06 ? 105 GLN A NE2 1 
ATOM   872  N N   . MET A 1 106 ? -1.723  -3.506  2.207   1.00 11.03 ? 106 MET A N   1 
ATOM   873  C CA  A MET A 1 106 ? -2.187  -4.726  2.870   0.60 13.15 ? 106 MET A CA  1 
ATOM   874  C CA  B MET A 1 106 ? -2.216  -4.635  2.861   0.40 13.28 ? 106 MET A CA  1 
ATOM   875  C C   . MET A 1 106 ? -1.069  -5.625  3.404   1.00 18.35 ? 106 MET A C   1 
ATOM   876  O O   . MET A 1 106 ? -1.350  -6.609  4.089   1.00 17.05 ? 106 MET A O   1 
ATOM   877  C CB  A MET A 1 106 ? -3.098  -5.528  1.935   0.60 16.06 ? 106 MET A CB  1 
ATOM   878  C CB  B MET A 1 106 ? -3.127  -5.437  1.926   0.40 16.20 ? 106 MET A CB  1 
ATOM   879  C CG  A MET A 1 106 ? -4.370  -4.801  1.533   0.60 15.16 ? 106 MET A CG  1 
ATOM   880  C CG  B MET A 1 106 ? -2.401  -6.094  0.763   0.40 12.37 ? 106 MET A CG  1 
ATOM   881  S SD  A MET A 1 106 ? -5.428  -5.791  0.460   0.60 21.81 ? 106 MET A SD  1 
ATOM   882  S SD  B MET A 1 106 ? -3.526  -6.706  -0.505  0.40 35.70 ? 106 MET A SD  1 
ATOM   883  C CE  A MET A 1 106 ? -4.332  -6.075  -0.928  0.60 17.93 ? 106 MET A CE  1 
ATOM   884  C CE  B MET A 1 106 ? -4.798  -5.443  -0.466  0.40 29.20 ? 106 MET A CE  1 
ATOM   885  N N   A GLY A 1 107 ? 0.169   -5.306  3.100   0.70 15.48 ? 107 GLY A N   1 
ATOM   886  N N   B GLY A 1 107 ? 0.156   -5.307  3.107   0.30 15.55 ? 107 GLY A N   1 
ATOM   887  C CA  A GLY A 1 107 ? 1.238   -6.141  3.546   0.70 15.81 ? 107 GLY A CA  1 
ATOM   888  C CA  B GLY A 1 107 ? 1.217   -6.143  3.553   0.30 16.04 ? 107 GLY A CA  1 
ATOM   889  C C   A GLY A 1 107 ? 1.224   -7.426  2.744   0.70 25.19 ? 107 GLY A C   1 
ATOM   890  C C   B GLY A 1 107 ? 1.476   -7.191  2.500   0.30 22.17 ? 107 GLY A C   1 
ATOM   891  O O   A GLY A 1 107 ? 0.598   -7.510  1.753   0.70 20.62 ? 107 GLY A O   1 
ATOM   892  O O   B GLY A 1 107 ? 0.599   -7.596  1.824   0.30 20.73 ? 107 GLY A O   1 
ATOM   893  N N   A GLU A 1 108 ? 1.916   -8.443  3.251   0.70 17.53 ? 108 GLU A N   1 
ATOM   894  N N   B GLU A 1 108 ? 2.730   -7.617  2.391   0.30 20.34 ? 108 GLU A N   1 
ATOM   895  C CA  A GLU A 1 108 ? 2.036   -9.683  2.510   0.70 28.34 ? 108 GLU A CA  1 
ATOM   896  C CA  B GLU A 1 108 ? 3.123   -8.601  1.391   0.30 27.55 ? 108 GLU A CA  1 
ATOM   897  C C   A GLU A 1 108 ? 1.294   -10.925 3.087   0.70 24.07 ? 108 GLU A C   1 
ATOM   898  C C   B GLU A 1 108 ? 2.801   -10.027 1.828   0.30 30.09 ? 108 GLU A C   1 
ATOM   899  O O   A GLU A 1 108 ? 1.262   -11.970 2.437   0.70 26.75 ? 108 GLU A O   1 
ATOM   900  O O   B GLU A 1 108 ? 3.348   -10.987 1.286   0.30 35.17 ? 108 GLU A O   1 
ATOM   901  C CB  A GLU A 1 108 ? 3.493   -9.932  2.107   0.70 30.70 ? 108 GLU A CB  1 
ATOM   902  C CB  B GLU A 1 108 ? 4.615   -8.475  1.074   0.30 31.52 ? 108 GLU A CB  1 
ATOM   903  C CG  A GLU A 1 108 ? 4.239   -8.658  1.741   0.70 28.65 ? 108 GLU A CG  1 
ATOM   904  C CG  B GLU A 1 108 ? 5.530   -8.943  2.194   0.30 32.89 ? 108 GLU A CG  1 
ATOM   905  C CD  A GLU A 1 108 ? 5.726   -8.885  1.562   0.70 34.06 ? 108 GLU A CD  1 
ATOM   906  C CD  B GLU A 1 108 ? 5.671   -7.915  3.299   0.30 36.62 ? 108 GLU A CD  1 
ATOM   907  O OE1 A GLU A 1 108 ? 6.198   -10.004 1.852   0.70 33.12 ? 108 GLU A OE1 1 
ATOM   908  O OE1 B GLU A 1 108 ? 4.981   -6.875  3.237   0.30 39.94 ? 108 GLU A OE1 1 
ATOM   909  O OE2 A GLU A 1 108 ? 6.425   -7.944  1.130   0.70 38.67 ? 108 GLU A OE2 1 
ATOM   910  O OE2 B GLU A 1 108 ? 6.472   -8.146  4.229   0.30 45.36 ? 108 GLU A OE2 1 
ATOM   911  N N   A THR A 1 109 ? 0.635   -10.763 4.220   0.70 20.46 ? 109 THR A N   1 
ATOM   912  N N   B THR A 1 109 ? 1.984   -10.168 2.864   0.30 26.60 ? 109 THR A N   1 
ATOM   913  C CA  A THR A 1 109 ? -0.052  -11.854 4.862   0.70 22.93 ? 109 THR A CA  1 
ATOM   914  C CA  B THR A 1 109 ? 1.519   -11.478 3.286   0.30 23.81 ? 109 THR A CA  1 
ATOM   915  C C   A THR A 1 109 ? -1.147  -12.591 4.084   0.70 34.96 ? 109 THR A C   1 
ATOM   916  C C   B THR A 1 109 ? 0.097   -11.468 2.790   0.30 28.66 ? 109 THR A C   1 
ATOM   917  O O   A THR A 1 109 ? -1.420  -13.769 4.312   0.70 32.82 ? 109 THR A O   1 
ATOM   918  O O   B THR A 1 109 ? -0.532  -12.497 2.546   0.30 30.34 ? 109 THR A O   1 
ATOM   919  C CB  A THR A 1 109 ? -0.633  -11.425 6.238   0.70 25.67 ? 109 THR A CB  1 
ATOM   920  C CB  B THR A 1 109 ? 1.646   -11.657 4.818   0.30 29.57 ? 109 THR A CB  1 
ATOM   921  O OG1 A THR A 1 109 ? -1.612  -10.400 6.023   0.70 29.41 ? 109 THR A OG1 1 
ATOM   922  O OG1 B THR A 1 109 ? 0.822   -10.695 5.487   0.30 34.02 ? 109 THR A OG1 1 
ATOM   923  C CG2 A THR A 1 109 ? 0.467   -10.888 7.140   0.70 33.34 ? 109 THR A CG2 1 
ATOM   924  C CG2 B THR A 1 109 ? 3.092   -11.471 5.254   0.30 29.89 ? 109 THR A CG2 1 
ATOM   925  N N   A GLY A 1 110 ? -1.774  -11.875 3.154   0.70 20.00 ? 110 GLY A N   1 
ATOM   926  N N   B GLY A 1 110 ? -0.370  -10.237 2.624   0.30 21.68 ? 110 GLY A N   1 
ATOM   927  C CA  A GLY A 1 110 ? -2.865  -12.415 2.360   0.70 27.27 ? 110 GLY A CA  1 
ATOM   928  C CA  B GLY A 1 110 ? -1.685  -9.908  2.117   0.30 15.37 ? 110 GLY A CA  1 
ATOM   929  C C   A GLY A 1 110 ? -2.512  -12.790 0.928   0.70 23.25 ? 110 GLY A C   1 
ATOM   930  C C   B GLY A 1 110 ? -1.777  -10.064 0.629   0.30 24.19 ? 110 GLY A C   1 
ATOM   931  O O   A GLY A 1 110 ? -3.399  -13.000 0.101   0.70 25.61 ? 110 GLY A O   1 
ATOM   932  O O   B GLY A 1 110 ? -2.740  -10.591 0.114   0.30 21.76 ? 110 GLY A O   1 
ATOM   933  N N   A VAL A 1 111 ? -1.217  -12.874 0.631   0.70 23.36 ? 111 VAL A N   1 
ATOM   934  N N   B VAL A 1 111 ? -0.782  -9.581  -0.103  0.30 30.70 ? 111 VAL A N   1 
ATOM   935  C CA  A VAL A 1 111 ? -0.747  -13.257 -0.695  0.70 19.53 ? 111 VAL A CA  1 
ATOM   936  C CA  B VAL A 1 111 ? -0.858  -9.707  -1.554  0.30 25.01 ? 111 VAL A CA  1 
ATOM   937  C C   A VAL A 1 111 ? -1.387  -14.550 -1.202  0.70 26.00 ? 111 VAL A C   1 
ATOM   938  C C   B VAL A 1 111 ? -0.608  -11.138 -2.013  0.30 26.69 ? 111 VAL A C   1 
ATOM   939  O O   A VAL A 1 111 ? -1.797  -14.624 -2.371  0.70 26.35 ? 111 VAL A O   1 
ATOM   940  O O   B VAL A 1 111 ? -1.020  -11.536 -3.105  0.30 22.99 ? 111 VAL A O   1 
ATOM   941  C CB  A VAL A 1 111 ? 0.824   -13.285 -0.756  0.70 35.55 ? 111 VAL A CB  1 
ATOM   942  C CB  B VAL A 1 111 ? 0.110   -8.736  -2.239  0.30 23.19 ? 111 VAL A CB  1 
ATOM   943  C CG1 A VAL A 1 111 ? 1.332   -14.030 -1.982  0.70 24.61 ? 111 VAL A CG1 1 
ATOM   944  C CG1 B VAL A 1 111 ? 0.168   -9.010  -3.746  0.30 22.72 ? 111 VAL A CG1 1 
ATOM   945  C CG2 A VAL A 1 111 ? 1.373   -11.857 -0.713  0.70 25.84 ? 111 VAL A CG2 1 
ATOM   946  C CG2 B VAL A 1 111 ? -0.328  -7.308  -1.949  0.30 21.21 ? 111 VAL A CG2 1 
ATOM   947  N N   A ALA A 1 112 ? -1.526  -15.552 -0.331  0.70 23.32 ? 112 ALA A N   1 
ATOM   948  N N   B ALA A 1 112 ? 0.062   -11.911 -1.167  0.30 23.31 ? 112 ALA A N   1 
ATOM   949  C CA  A ALA A 1 112 ? -2.102  -16.830 -0.775  0.70 21.77 ? 112 ALA A CA  1 
ATOM   950  C CA  B ALA A 1 112 ? 0.238   -13.343 -1.401  0.30 27.35 ? 112 ALA A CA  1 
ATOM   951  C C   A ALA A 1 112 ? -3.497  -16.639 -1.347  0.70 23.67 ? 112 ALA A C   1 
ATOM   952  C C   B ALA A 1 112 ? -1.083  -14.135 -1.422  0.30 22.52 ? 112 ALA A C   1 
ATOM   953  O O   A ALA A 1 112 ? -3.891  -17.352 -2.276  0.70 23.07 ? 112 ALA A O   1 
ATOM   954  O O   B ALA A 1 112 ? -1.135  -15.229 -1.990  0.30 29.48 ? 112 ALA A O   1 
ATOM   955  C CB  A ALA A 1 112 ? -2.129  -17.857 0.364   0.70 28.93 ? 112 ALA A CB  1 
ATOM   956  C CB  B ALA A 1 112 ? 1.208   -13.939 -0.373  0.30 28.99 ? 112 ALA A CB  1 
ATOM   957  N N   A GLY A 1 113 ? -4.250  -15.697 -0.784  0.70 18.85 ? 113 GLY A N   1 
ATOM   958  N N   B GLY A 1 113 ? -2.058  -13.709 -0.624  0.30 30.48 ? 113 GLY A N   1 
ATOM   959  C CA  A GLY A 1 113 ? -5.574  -15.389 -1.293  0.70 18.75 ? 113 GLY A CA  1 
ATOM   960  C CA  B GLY A 1 113 ? -3.272  -14.501 -0.508  0.30 23.27 ? 113 GLY A CA  1 
ATOM   961  C C   A GLY A 1 113 ? -5.488  -14.872 -2.713  0.70 14.40 ? 113 GLY A C   1 
ATOM   962  C C   B GLY A 1 113 ? -3.797  -14.588 -1.928  0.30 21.86 ? 113 GLY A C   1 
ATOM   963  O O   A GLY A 1 113 ? -6.421  -15.076 -3.513  0.70 12.26 ? 113 GLY A O   1 
ATOM   964  O O   B GLY A 1 113 ? -4.613  -15.428 -2.271  0.30 25.18 ? 113 GLY A O   1 
ATOM   965  N N   A PHE A 1 114 ? -4.369  -14.221 -3.063  0.70 15.21 ? 114 PHE A N   1 
ATOM   966  N N   B PHE A 1 114 ? -3.504  -13.679 -2.845  0.30 24.89 ? 114 PHE A N   1 
ATOM   967  C CA  A PHE A 1 114 ? -4.358  -13.552 -4.377  0.70 16.21 ? 114 PHE A CA  1 
ATOM   968  C CA  B PHE A 1 114 ? -4.116  -13.512 -4.187  0.30 17.87 ? 114 PHE A CA  1 
ATOM   969  C C   A PHE A 1 114 ? -3.615  -14.438 -5.383  0.70 17.01 ? 114 PHE A C   1 
ATOM   970  C C   B PHE A 1 114 ? -3.564  -14.442 -5.341  0.30 17.02 ? 114 PHE A C   1 
ATOM   971  O O   A PHE A 1 114 ? -3.229  -13.988 -6.447  0.70 15.18 ? 114 PHE A O   1 
ATOM   972  O O   B PHE A 1 114 ? -3.209  -14.017 -6.391  0.30 15.29 ? 114 PHE A O   1 
ATOM   973  C CB  A PHE A 1 114 ? -3.746  -12.135 -4.350  0.70 15.17 ? 114 PHE A CB  1 
ATOM   974  C CB  B PHE A 1 114 ? -3.834  -12.064 -4.543  0.30 15.83 ? 114 PHE A CB  1 
ATOM   975  C CG  A PHE A 1 114 ? -4.701  -11.066 -3.805  0.70 16.94 ? 114 PHE A CG  1 
ATOM   976  C CG  B PHE A 1 114 ? -4.746  -11.050 -3.850  0.30 17.00 ? 114 PHE A CG  1 
ATOM   977  C CD1 A PHE A 1 114 ? -4.709  -10.740 -2.472  0.70 23.56 ? 114 PHE A CD1 1 
ATOM   978  C CD1 B PHE A 1 114 ? -5.622  -10.279 -4.554  0.30 15.66 ? 114 PHE A CD1 1 
ATOM   979  C CD2 A PHE A 1 114 ? -5.566  -10.397 -4.640  0.70 15.39 ? 114 PHE A CD2 1 
ATOM   980  C CD2 B PHE A 1 114 ? -4.693  -10.862 -2.526  0.30 22.98 ? 114 PHE A CD2 1 
ATOM   981  C CE1 A PHE A 1 114 ? -5.593  -9.777  -1.979  0.70 23.77 ? 114 PHE A CE1 1 
ATOM   982  C CE1 B PHE A 1 114 ? -6.427  -9.362  -3.946  0.30 17.21 ? 114 PHE A CE1 1 
ATOM   983  C CE2 A PHE A 1 114 ? -6.454  -9.435  -4.164  0.70 16.52 ? 114 PHE A CE2 1 
ATOM   984  C CE2 B PHE A 1 114 ? -5.509  -9.961  -1.951  0.30 23.80 ? 114 PHE A CE2 1 
ATOM   985  C CZ  A PHE A 1 114 ? -6.448  -9.128  -2.824  0.70 19.27 ? 114 PHE A CZ  1 
ATOM   986  C CZ  B PHE A 1 114 ? -6.353  -9.219  -2.662  0.30 19.09 ? 114 PHE A CZ  1 
ATOM   987  N N   . THR A 1 115 ? -3.488  -15.723 -5.079  1.00 15.51 ? 115 THR A N   1 
ATOM   988  C CA  . THR A 1 115 ? -2.768  -16.646 -5.980  1.00 15.64 ? 115 THR A CA  1 
ATOM   989  C C   . THR A 1 115 ? -3.283  -16.631 -7.400  1.00 16.78 ? 115 THR A C   1 
ATOM   990  O O   . THR A 1 115 ? -2.498  -16.558 -8.357  1.00 15.08 ? 115 THR A O   1 
ATOM   991  C CB  . THR A 1 115 ? -2.855  -18.097 -5.488  1.00 19.89 ? 115 THR A CB  1 
ATOM   992  O OG1 . THR A 1 115 ? -2.215  -18.171 -4.224  1.00 23.05 ? 115 THR A OG1 1 
ATOM   993  C CG2 . THR A 1 115 ? -2.127  -19.033 -6.469  1.00 25.72 ? 115 THR A CG2 1 
ATOM   994  N N   . ASN A 1 116 ? -4.609  -16.692 -7.561  1.00 13.77 ? 116 ASN A N   1 
ATOM   995  C CA  . ASN A 1 116 ? -5.163  -16.741 -8.916  1.00 15.66 ? 116 ASN A CA  1 
ATOM   996  C C   . ASN A 1 116 ? -4.918  -15.434 -9.654  1.00 15.61 ? 116 ASN A C   1 
ATOM   997  O O   . ASN A 1 116 ? -4.604  -15.426 -10.844 1.00 14.66 ? 116 ASN A O   1 
ATOM   998  C CB  . ASN A 1 116 ? -6.658  -17.106 -8.860  1.00 17.17 ? 116 ASN A CB  1 
ATOM   999  C CG  . ASN A 1 116 ? -6.864  -18.460 -8.180  1.00 30.55 ? 116 ASN A CG  1 
ATOM   1000 O OD1 . ASN A 1 116 ? -6.102  -19.399 -8.454  1.00 23.58 ? 116 ASN A OD1 1 
ATOM   1001 N ND2 . ASN A 1 116 ? -7.824  -18.549 -7.231  1.00 24.48 ? 116 ASN A ND2 1 
ATOM   1002 N N   . SER A 1 117 ? -5.062  -14.322 -8.948  1.00 11.37 ? 117 SER A N   1 
ATOM   1003 C CA  . SER A 1 117 ? -4.800  -13.004 -9.564  1.00 12.60 ? 117 SER A CA  1 
ATOM   1004 C C   . SER A 1 117 ? -3.348  -12.851 -9.993  1.00 13.09 ? 117 SER A C   1 
ATOM   1005 O O   . SER A 1 117 ? -3.056  -12.317 -11.069 1.00 12.29 ? 117 SER A O   1 
ATOM   1006 C CB  . SER A 1 117 ? -5.107  -11.852 -8.596  1.00 17.28 ? 117 SER A CB  1 
ATOM   1007 O OG  . SER A 1 117 ? -6.503  -11.678 -8.459  1.00 25.09 ? 117 SER A OG  1 
ATOM   1008 N N   . LEU A 1 118 ? -2.451  -13.298 -9.127  1.00 9.97  ? 118 LEU A N   1 
ATOM   1009 C CA  . LEU A 1 118 ? -1.016  -13.218 -9.442  1.00 11.99 ? 118 LEU A CA  1 
ATOM   1010 C C   . LEU A 1 118 ? -0.704  -14.025 -10.694 1.00 13.87 ? 118 LEU A C   1 
ATOM   1011 O O   . LEU A 1 118 ? 0.063   -13.585 -11.562 1.00 13.47 ? 118 LEU A O   1 
ATOM   1012 C CB  . LEU A 1 118 ? -0.197  -13.758 -8.270  1.00 15.14 ? 118 LEU A CB  1 
ATOM   1013 C CG  . LEU A 1 118 ? -0.181  -12.819 -7.063  1.00 16.55 ? 118 LEU A CG  1 
ATOM   1014 C CD1 . LEU A 1 118 ? 0.343   -13.583 -5.833  1.00 21.23 ? 118 LEU A CD1 1 
ATOM   1015 C CD2 . LEU A 1 118 ? 0.719   -11.579 -7.347  1.00 19.74 ? 118 LEU A CD2 1 
ATOM   1016 N N   . ARG A 1 119 ? -1.281  -15.218 -10.787 1.00 11.89 ? 119 ARG A N   1 
ATOM   1017 C CA  . ARG A 1 119 ? -1.099  -16.029 -11.995 1.00 14.23 ? 119 ARG A CA  1 
ATOM   1018 C C   . ARG A 1 119 ? -1.594  -15.294 -13.239 1.00 14.55 ? 119 ARG A C   1 
ATOM   1019 O O   . ARG A 1 119 ? -0.929  -15.307 -14.254 1.00 12.61 ? 119 ARG A O   1 
ATOM   1020 C CB  . ARG A 1 119 ? -1.811  -17.380 -11.891 1.00 18.20 ? 119 ARG A CB  1 
ATOM   1021 C CG  . ARG A 1 119 ? -1.536  -18.251 -13.108 1.00 25.80 ? 119 ARG A CG  1 
ATOM   1022 C CD  . ARG A 1 119 ? -2.230  -19.611 -12.966 0.80 26.33 ? 119 ARG A CD  1 
ATOM   1023 N NE  . ARG A 1 119 ? -3.675  -19.423 -12.879 0.80 38.65 ? 119 ARG A NE  1 
ATOM   1024 C CZ  . ARG A 1 119 ? -4.382  -19.515 -11.753 0.80 48.82 ? 119 ARG A CZ  1 
ATOM   1025 N NH1 . ARG A 1 119 ? -3.784  -19.837 -10.601 0.80 34.48 ? 119 ARG A NH1 1 
ATOM   1026 N NH2 . ARG A 1 119 ? -5.695  -19.309 -11.785 0.80 47.08 ? 119 ARG A NH2 1 
ATOM   1027 N N   . MET A 1 120 ? -2.791  -14.696 -13.190 1.00 12.17 ? 120 MET A N   1 
ATOM   1028 C CA  A MET A 1 120 ? -3.294  -13.992 -14.365 0.70 8.85  ? 120 MET A CA  1 
ATOM   1029 C CA  B MET A 1 120 ? -3.329  -13.951 -14.327 0.30 9.07  ? 120 MET A CA  1 
ATOM   1030 C C   . MET A 1 120 ? -2.426  -12.776 -14.703 1.00 12.52 ? 120 MET A C   1 
ATOM   1031 O O   . MET A 1 120 ? -2.218  -12.470 -15.878 1.00 11.42 ? 120 MET A O   1 
ATOM   1032 C CB  A MET A 1 120 ? -4.742  -13.542 -14.141 0.70 9.23  ? 120 MET A CB  1 
ATOM   1033 C CB  B MET A 1 120 ? -4.730  -13.415 -13.991 0.30 9.21  ? 120 MET A CB  1 
ATOM   1034 C CG  A MET A 1 120 ? -5.659  -14.744 -13.904 0.70 17.67 ? 120 MET A CG  1 
ATOM   1035 C CG  B MET A 1 120 ? -5.790  -14.501 -13.908 0.30 18.49 ? 120 MET A CG  1 
ATOM   1036 S SD  A MET A 1 120 ? -7.259  -14.136 -13.386 0.70 17.29 ? 120 MET A SD  1 
ATOM   1037 S SD  B MET A 1 120 ? -5.996  -15.314 -15.497 0.30 25.41 ? 120 MET A SD  1 
ATOM   1038 C CE  A MET A 1 120 ? -8.012  -15.593 -12.650 0.70 20.79 ? 120 MET A CE  1 
ATOM   1039 C CE  B MET A 1 120 ? -7.488  -16.270 -15.217 0.30 33.47 ? 120 MET A CE  1 
ATOM   1040 N N   . LEU A 1 121 ? -1.926  -12.069 -13.688 1.00 9.52  ? 121 LEU A N   1 
ATOM   1041 C CA  . LEU A 1 121 ? -1.031  -10.957 -13.986 1.00 8.41  ? 121 LEU A CA  1 
ATOM   1042 C C   . LEU A 1 121 ? 0.260   -11.474 -14.636 1.00 11.34 ? 121 LEU A C   1 
ATOM   1043 O O   . LEU A 1 121 ? 0.784   -10.831 -15.547 1.00 12.80 ? 121 LEU A O   1 
ATOM   1044 C CB  . LEU A 1 121 ? -0.665  -10.176 -12.698 1.00 9.23  ? 121 LEU A CB  1 
ATOM   1045 C CG  . LEU A 1 121 ? -1.826  -9.371  -12.101 1.00 13.51 ? 121 LEU A CG  1 
ATOM   1046 C CD1 . LEU A 1 121 ? -1.444  -8.863  -10.670 1.00 14.27 ? 121 LEU A CD1 1 
ATOM   1047 C CD2 . LEU A 1 121 ? -2.192  -8.192  -12.962 1.00 11.20 ? 121 LEU A CD2 1 
ATOM   1048 N N   . GLN A 1 122 ? 0.813   -12.569 -14.111 1.00 9.02  ? 122 GLN A N   1 
ATOM   1049 C CA  . GLN A 1 122 ? 2.069   -13.101 -14.693 1.00 13.96 ? 122 GLN A CA  1 
ATOM   1050 C C   . GLN A 1 122 ? 1.862   -13.493 -16.169 1.00 16.34 ? 122 GLN A C   1 
ATOM   1051 O O   . GLN A 1 122 ? 2.758   -13.327 -17.026 1.00 15.88 ? 122 GLN A O   1 
ATOM   1052 C CB  . GLN A 1 122 ? 2.559   -14.308 -13.915 1.00 16.51 ? 122 GLN A CB  1 
ATOM   1053 C CG  . GLN A 1 122 ? 3.978   -14.799 -14.383 1.00 23.82 ? 122 GLN A CG  1 
ATOM   1054 C CD  . GLN A 1 122 ? 4.849   -15.268 -13.209 1.00 32.26 ? 122 GLN A CD  1 
ATOM   1055 N N   . GLN A 1 123 ? 0.665   -14.002 -16.450 1.00 11.82 ? 123 GLN A N   1 
ATOM   1056 C CA  . GLN A 1 123 ? 0.295   -14.394 -17.810 1.00 15.23 ? 123 GLN A CA  1 
ATOM   1057 C C   . GLN A 1 123 ? -0.172  -13.246 -18.686 1.00 15.97 ? 123 GLN A C   1 
ATOM   1058 O O   . GLN A 1 123 ? -0.584  -13.461 -19.826 1.00 16.41 ? 123 GLN A O   1 
ATOM   1059 C CB  . GLN A 1 123 ? -0.821  -15.445 -17.730 1.00 12.17 ? 123 GLN A CB  1 
ATOM   1060 C CG  . GLN A 1 123 ? -0.277  -16.782 -17.240 1.00 23.72 ? 123 GLN A CG  1 
ATOM   1061 C CD  . GLN A 1 123 ? -1.360  -17.834 -17.013 1.00 32.73 ? 123 GLN A CD  1 
ATOM   1062 O OE1 . GLN A 1 123 ? -2.546  -17.533 -16.986 1.00 37.66 ? 123 GLN A OE1 1 
ATOM   1063 N NE2 . GLN A 1 123 ? -0.940  -19.071 -16.820 1.00 49.62 ? 123 GLN A NE2 1 
ATOM   1064 N N   . LYS A 1 124 ? -0.174  -12.029 -18.153 1.00 11.11 ? 124 LYS A N   1 
ATOM   1065 C CA  . LYS A 1 124 ? -0.645  -10.850 -18.870 1.00 9.37  ? 124 LYS A CA  1 
ATOM   1066 C C   . LYS A 1 124 ? -2.093  -10.926 -19.346 1.00 12.35 ? 124 LYS A C   1 
ATOM   1067 O O   . LYS A 1 124 ? -2.458  -10.349 -20.371 1.00 12.78 ? 124 LYS A O   1 
ATOM   1068 C CB  . LYS A 1 124 ? 0.333   -10.442 -20.015 1.00 13.71 ? 124 LYS A CB  1 
ATOM   1069 C CG  . LYS A 1 124 ? 1.774   -10.298 -19.487 1.00 16.27 ? 124 LYS A CG  1 
ATOM   1070 C CD  . LYS A 1 124 ? 2.654   -9.557  -20.506 1.00 18.50 ? 124 LYS A CD  1 
ATOM   1071 C CE  . LYS A 1 124 ? 4.050   -9.400  -19.956 1.00 17.58 ? 124 LYS A CE  1 
ATOM   1072 N NZ  . LYS A 1 124 ? 4.039   -8.623  -18.679 1.00 17.62 ? 124 LYS A NZ  1 
ATOM   1073 N N   . ARG A 1 125 ? -2.928  -11.593 -18.556 1.00 12.18 ? 125 ARG A N   1 
ATOM   1074 C CA  A ARG A 1 125 ? -4.349  -11.671 -18.847 0.50 11.24 ? 125 ARG A CA  1 
ATOM   1075 C CA  B ARG A 1 125 ? -4.349  -11.675 -18.846 0.50 11.25 ? 125 ARG A CA  1 
ATOM   1076 C C   . ARG A 1 125 ? -5.029  -10.548 -18.070 1.00 13.33 ? 125 ARG A C   1 
ATOM   1077 O O   . ARG A 1 125 ? -5.629  -10.776 -17.008 1.00 12.62 ? 125 ARG A O   1 
ATOM   1078 C CB  A ARG A 1 125 ? -4.884  -13.049 -18.429 0.50 13.43 ? 125 ARG A CB  1 
ATOM   1079 C CB  B ARG A 1 125 ? -4.883  -13.062 -18.434 0.50 13.43 ? 125 ARG A CB  1 
ATOM   1080 C CG  A ARG A 1 125 ? -4.324  -14.193 -19.292 0.50 19.21 ? 125 ARG A CG  1 
ATOM   1081 C CG  B ARG A 1 125 ? -4.182  -14.207 -19.194 0.50 19.10 ? 125 ARG A CG  1 
ATOM   1082 C CD  A ARG A 1 125 ? -4.375  -15.529 -18.565 0.50 21.82 ? 125 ARG A CD  1 
ATOM   1083 C CD  B ARG A 1 125 ? -4.783  -15.597 -18.957 0.50 24.40 ? 125 ARG A CD  1 
ATOM   1084 N NE  A ARG A 1 125 ? -5.744  -15.914 -18.229 0.50 20.94 ? 125 ARG A NE  1 
ATOM   1085 N NE  B ARG A 1 125 ? -4.174  -16.579 -19.863 0.50 30.23 ? 125 ARG A NE  1 
ATOM   1086 C CZ  A ARG A 1 125 ? -6.057  -16.858 -17.342 0.50 34.12 ? 125 ARG A CZ  1 
ATOM   1087 C CZ  B ARG A 1 125 ? -4.766  -17.699 -20.276 0.50 33.58 ? 125 ARG A CZ  1 
ATOM   1088 N NH1 A ARG A 1 125 ? -5.097  -17.515 -16.692 0.50 29.52 ? 125 ARG A NH1 1 
ATOM   1089 N NH1 B ARG A 1 125 ? -5.989  -17.996 -19.859 0.50 32.76 ? 125 ARG A NH1 1 
ATOM   1090 N NH2 A ARG A 1 125 ? -7.331  -17.141 -17.093 0.50 30.98 ? 125 ARG A NH2 1 
ATOM   1091 N NH2 B ARG A 1 125 ? -4.134  -18.518 -21.114 0.50 23.65 ? 125 ARG A NH2 1 
ATOM   1092 N N   . TRP A 1 126 ? -4.931  -9.330  -18.609 1.00 13.06 ? 126 TRP A N   1 
ATOM   1093 C CA  . TRP A 1 126 ? -5.240  -8.149  -17.778 1.00 12.20 ? 126 TRP A CA  1 
ATOM   1094 C C   . TRP A 1 126 ? -6.701  -8.011  -17.414 1.00 15.60 ? 126 TRP A C   1 
ATOM   1095 O O   . TRP A 1 126 ? -7.029  -7.706  -16.282 1.00 12.73 ? 126 TRP A O   1 
ATOM   1096 C CB  . TRP A 1 126 ? -4.771  -6.874  -18.474 1.00 10.66 ? 126 TRP A CB  1 
ATOM   1097 C CG  . TRP A 1 126 ? -3.330  -6.913  -18.956 1.00 11.03 ? 126 TRP A CG  1 
ATOM   1098 C CD1 . TRP A 1 126 ? -2.891  -6.675  -20.250 1.00 12.27 ? 126 TRP A CD1 1 
ATOM   1099 C CD2 . TRP A 1 126 ? -2.150  -7.173  -18.172 1.00 11.11 ? 126 TRP A CD2 1 
ATOM   1100 N NE1 . TRP A 1 126 ? -1.508  -6.773  -20.301 1.00 12.84 ? 126 TRP A NE1 1 
ATOM   1101 C CE2 . TRP A 1 126 ? -1.037  -7.070  -19.039 1.00 12.77 ? 126 TRP A CE2 1 
ATOM   1102 C CE3 . TRP A 1 126 ? -1.930  -7.464  -16.817 1.00 10.19 ? 126 TRP A CE3 1 
ATOM   1103 C CZ2 . TRP A 1 126 ? 0.280   -7.264  -18.596 1.00 16.21 ? 126 TRP A CZ2 1 
ATOM   1104 C CZ3 . TRP A 1 126 ? -0.618  -7.680  -16.377 1.00 11.89 ? 126 TRP A CZ3 1 
ATOM   1105 C CH2 . TRP A 1 126 ? 0.472   -7.559  -17.258 1.00 13.79 ? 126 TRP A CH2 1 
ATOM   1106 N N   . ASP A 1 127 ? -7.604  -8.238  -18.371 1.00 13.90 ? 127 ASP A N   1 
ATOM   1107 C CA  . ASP A 1 127 ? -9.024  -8.116  -18.039 1.00 13.18 ? 127 ASP A CA  1 
ATOM   1108 C C   . ASP A 1 127 ? -9.465  -9.175  -17.035 1.00 13.81 ? 127 ASP A C   1 
ATOM   1109 O O   . ASP A 1 127 ? -10.272 -8.888  -16.124 1.00 16.63 ? 127 ASP A O   1 
ATOM   1110 C CB  . ASP A 1 127 ? -9.916  -8.225  -19.306 1.00 15.60 ? 127 ASP A CB  1 
ATOM   1111 C CG  . ASP A 1 127 ? -9.880  -6.965  -20.164 0.70 23.44 ? 127 ASP A CG  1 
ATOM   1112 O OD1 . ASP A 1 127 ? -9.324  -5.954  -19.724 0.70 26.90 ? 127 ASP A OD1 1 
ATOM   1113 O OD2 . ASP A 1 127 ? -10.440 -6.971  -21.286 0.70 27.60 ? 127 ASP A OD2 1 
ATOM   1114 N N   . GLU A 1 128 ? -8.954  -10.399 -17.187 1.00 11.48 ? 128 GLU A N   1 
ATOM   1115 C CA  . GLU A 1 128 ? -9.295  -11.469 -16.261 1.00 13.31 ? 128 GLU A CA  1 
ATOM   1116 C C   . GLU A 1 128 ? -8.729  -11.175 -14.886 1.00 13.66 ? 128 GLU A C   1 
ATOM   1117 O O   . GLU A 1 128 ? -9.393  -11.428 -13.865 1.00 13.77 ? 128 GLU A O   1 
ATOM   1118 C CB  . GLU A 1 128 ? -8.702  -12.801 -16.726 1.00 17.15 ? 128 GLU A CB  1 
ATOM   1119 C CG  . GLU A 1 128 ? -9.450  -13.332 -17.961 1.00 24.58 ? 128 GLU A CG  1 
ATOM   1120 C CD  . GLU A 1 128 ? -8.828  -14.606 -18.482 0.50 30.14 ? 128 GLU A CD  1 
ATOM   1121 O OE1 . GLU A 1 128 ? -9.224  -15.702 -18.022 0.50 29.32 ? 128 GLU A OE1 1 
ATOM   1122 O OE2 . GLU A 1 128 ? -7.919  -14.497 -19.331 0.50 21.27 ? 128 GLU A OE2 1 
ATOM   1123 N N   . ALA A 1 129 ? -7.474  -10.702 -14.853 1.00 11.39 ? 129 ALA A N   1 
ATOM   1124 C CA  . ALA A 1 129 ? -6.880  -10.308 -13.559 1.00 8.88  ? 129 ALA A CA  1 
ATOM   1125 C C   . ALA A 1 129 ? -7.755  -9.262  -12.869 1.00 11.51 ? 129 ALA A C   1 
ATOM   1126 O O   . ALA A 1 129 ? -7.968  -9.310  -11.652 1.00 12.44 ? 129 ALA A O   1 
ATOM   1127 C CB  . ALA A 1 129 ? -5.470  -9.752  -13.737 1.00 11.28 ? 129 ALA A CB  1 
ATOM   1128 N N   . ALA A 1 130 ? -8.195  -8.273  -13.633 1.00 13.25 ? 130 ALA A N   1 
ATOM   1129 C CA  . ALA A 1 130 ? -8.971  -7.162  -13.072 1.00 11.38 ? 130 ALA A CA  1 
ATOM   1130 C C   . ALA A 1 130 ? -10.271 -7.674  -12.471 1.00 14.67 ? 130 ALA A C   1 
ATOM   1131 O O   . ALA A 1 130 ? -10.700 -7.233  -11.391 1.00 12.99 ? 130 ALA A O   1 
ATOM   1132 C CB  . ALA A 1 130 ? -9.270  -6.139  -14.155 1.00 14.42 ? 130 ALA A CB  1 
ATOM   1133 N N   . VAL A 1 131 ? -10.911 -8.616  -13.166 1.00 13.53 ? 131 VAL A N   1 
ATOM   1134 C CA  . VAL A 1 131 ? -12.131 -9.189  -12.639 1.00 13.23 ? 131 VAL A CA  1 
ATOM   1135 C C   . VAL A 1 131 ? -11.839 -9.983  -11.373 1.00 12.08 ? 131 VAL A C   1 
ATOM   1136 O O   . VAL A 1 131 ? -12.544 -9.890  -10.374 1.00 14.81 ? 131 VAL A O   1 
ATOM   1137 C CB  . VAL A 1 131 ? -12.840 -10.084 -13.695 1.00 14.05 ? 131 VAL A CB  1 
ATOM   1138 C CG1 . VAL A 1 131 ? -13.963 -10.866 -13.039 1.00 20.94 ? 131 VAL A CG1 1 
ATOM   1139 C CG2 . VAL A 1 131 ? -13.357 -9.199  -14.840 1.00 23.67 ? 131 VAL A CG2 1 
ATOM   1140 N N   . ASN A 1 132 ? -10.765 -10.757 -11.388 1.00 11.63 ? 132 ASN A N   1 
ATOM   1141 C CA  . ASN A 1 132 ? -10.441 -11.556 -10.194 1.00 14.10 ? 132 ASN A CA  1 
ATOM   1142 C C   . ASN A 1 132 ? -10.085 -10.678 -8.992  1.00 16.20 ? 132 ASN A C   1 
ATOM   1143 O O   . ASN A 1 132 ? -10.504 -10.962 -7.862  1.00 14.97 ? 132 ASN A O   1 
ATOM   1144 C CB  . ASN A 1 132 ? -9.303  -12.532 -10.498 1.00 12.83 ? 132 ASN A CB  1 
ATOM   1145 C CG  . ASN A 1 132 ? -9.119  -13.572 -9.415  1.00 24.51 ? 132 ASN A CG  1 
ATOM   1146 O OD1 . ASN A 1 132 ? -8.265  -13.440 -8.538  1.00 18.65 ? 132 ASN A OD1 1 
ATOM   1147 N ND2 . ASN A 1 132 ? -9.928  -14.603 -9.457  1.00 21.14 ? 132 ASN A ND2 1 
ATOM   1148 N N   . LEU A 1 133 ? -9.293  -9.628  -9.241  1.00 9.48  ? 133 LEU A N   1 
ATOM   1149 C CA  . LEU A 1 133 ? -8.862  -8.742  -8.145  1.00 12.88 ? 133 LEU A CA  1 
ATOM   1150 C C   . LEU A 1 133 ? -10.060 -8.115  -7.418  1.00 13.00 ? 133 LEU A C   1 
ATOM   1151 O O   . LEU A 1 133 ? -9.998  -7.816  -6.210  1.00 13.93 ? 133 LEU A O   1 
ATOM   1152 C CB  . LEU A 1 133 ? -7.961  -7.620  -8.679  1.00 10.39 ? 133 LEU A CB  1 
ATOM   1153 C CG  . LEU A 1 133 ? -6.531  -8.071  -9.036  1.00 12.00 ? 133 LEU A CG  1 
ATOM   1154 C CD1 . LEU A 1 133 ? -5.837  -6.962  -9.853  1.00 13.32 ? 133 LEU A CD1 1 
ATOM   1155 C CD2 . LEU A 1 133 ? -5.774  -8.365  -7.776  1.00 14.85 ? 133 LEU A CD2 1 
ATOM   1156 N N   . ALA A 1 134 ? -11.131 -7.863  -8.150  1.00 10.99 ? 134 ALA A N   1 
ATOM   1157 C CA  . ALA A 1 134 ? -12.292 -7.189  -7.536  1.00 13.39 ? 134 ALA A CA  1 
ATOM   1158 C C   . ALA A 1 134 ? -13.143 -8.124  -6.689  1.00 15.09 ? 134 ALA A C   1 
ATOM   1159 O O   . ALA A 1 134 ? -14.017 -7.654  -5.925  1.00 15.83 ? 134 ALA A O   1 
ATOM   1160 C CB  . ALA A 1 134 ? -13.157 -6.496  -8.606  1.00 18.31 ? 134 ALA A CB  1 
ATOM   1161 N N   . LYS A 1 135 ? -12.927 -9.438  -6.819  1.00 11.33 ? 135 LYS A N   1 
ATOM   1162 C CA  . LYS A 1 135 ? -13.651 -10.401 -5.966  1.00 11.93 ? 135 LYS A CA  1 
ATOM   1163 C C   . LYS A 1 135 ? -12.913 -10.534 -4.640  1.00 10.59 ? 135 LYS A C   1 
ATOM   1164 O O   . LYS A 1 135 ? -12.319 -11.571 -4.350  1.00 17.16 ? 135 LYS A O   1 
ATOM   1165 C CB  . LYS A 1 135 ? -13.765 -11.775 -6.630  1.00 15.58 ? 135 LYS A CB  1 
ATOM   1166 C CG  . LYS A 1 135 ? -14.485 -11.719 -7.956  1.00 18.47 ? 135 LYS A CG  1 
ATOM   1167 C CD  . LYS A 1 135 ? -14.409 -13.090 -8.658  1.00 25.76 ? 135 LYS A CD  1 
ATOM   1168 C CE  . LYS A 1 135 ? -14.966 -12.991 -10.076 0.70 35.64 ? 135 LYS A CE  1 
ATOM   1169 N NZ  . LYS A 1 135 ? -14.891 -14.301 -10.798 0.70 32.50 ? 135 LYS A NZ  1 
ATOM   1170 N N   . SER A 1 136 ? -12.904 -9.466  -3.862  1.00 9.80  ? 136 SER A N   1 
ATOM   1171 C CA  . SER A 1 136 ? -12.025 -9.452  -2.682  1.00 8.81  ? 136 SER A CA  1 
ATOM   1172 C C   . SER A 1 136 ? -12.577 -8.547  -1.624  1.00 11.04 ? 136 SER A C   1 
ATOM   1173 O O   . SER A 1 136 ? -13.286 -7.580  -1.929  1.00 10.51 ? 136 SER A O   1 
ATOM   1174 C CB  . SER A 1 136 ? -10.603 -8.972  -3.078  1.00 13.86 ? 136 SER A CB  1 
ATOM   1175 O OG  . SER A 1 136 ? -10.653 -7.632  -3.594  1.00 12.74 ? 136 SER A OG  1 
ATOM   1176 N N   . ARG A 1 137 ? -12.270 -8.855  -0.367  1.00 10.36 ? 137 ARG A N   1 
ATOM   1177 C CA  . ARG A 1 137 ? -12.651 -7.969  0.704   1.00 9.10  ? 137 ARG A CA  1 
ATOM   1178 C C   . ARG A 1 137 ? -11.996 -6.610  0.450   1.00 15.47 ? 137 ARG A C   1 
ATOM   1179 O O   . ARG A 1 137 ? -12.579 -5.537  0.703   1.00 12.49 ? 137 ARG A O   1 
ATOM   1180 C CB  . ARG A 1 137 ? -12.142 -8.522  2.074   1.00 11.03 ? 137 ARG A CB  1 
ATOM   1181 C CG  . ARG A 1 137 ? -12.498 -7.540  3.232   1.00 14.91 ? 137 ARG A CG  1 
ATOM   1182 C CD  . ARG A 1 137 ? -12.058 -7.994  4.618   1.00 19.82 ? 137 ARG A CD  1 
ATOM   1183 N NE  . ARG A 1 137 ? -12.551 -7.055  5.645   1.00 22.46 ? 137 ARG A NE  1 
ATOM   1184 C CZ  . ARG A 1 137 ? -11.923 -5.924  5.992   1.00 32.00 ? 137 ARG A CZ  1 
ATOM   1185 N NH1 . ARG A 1 137 ? -10.766 -5.580  5.412   1.00 28.95 ? 137 ARG A NH1 1 
ATOM   1186 N NH2 . ARG A 1 137 ? -12.451 -5.125  6.927   1.00 23.46 ? 137 ARG A NH2 1 
ATOM   1187 N N   . TRP A 1 138 ? -10.765 -6.642  -0.067  1.00 11.42 ? 138 TRP A N   1 
ATOM   1188 C CA  . TRP A 1 138 ? -10.060 -5.390  -0.406  1.00 9.74  ? 138 TRP A CA  1 
ATOM   1189 C C   . TRP A 1 138 ? -10.905 -4.460  -1.260  1.00 12.73 ? 138 TRP A C   1 
ATOM   1190 O O   . TRP A 1 138 ? -11.091 -3.275  -0.928  1.00 14.19 ? 138 TRP A O   1 
ATOM   1191 C CB  . TRP A 1 138 ? -8.806  -5.776  -1.210  1.00 11.49 ? 138 TRP A CB  1 
ATOM   1192 C CG  . TRP A 1 138 ? -8.042  -4.630  -1.809  1.00 14.36 ? 138 TRP A CG  1 
ATOM   1193 C CD1 . TRP A 1 138 ? -7.487  -3.549  -1.133  1.00 19.98 ? 138 TRP A CD1 1 
ATOM   1194 C CD2 . TRP A 1 138 ? -7.663  -4.488  -3.188  1.00 9.01  ? 138 TRP A CD2 1 
ATOM   1195 N NE1 . TRP A 1 138 ? -6.808  -2.727  -2.036  1.00 12.42 ? 138 TRP A NE1 1 
ATOM   1196 C CE2 . TRP A 1 138 ? -6.901  -3.278  -3.295  1.00 11.01 ? 138 TRP A CE2 1 
ATOM   1197 C CE3 . TRP A 1 138 ? -7.932  -5.233  -4.352  1.00 9.80  ? 138 TRP A CE3 1 
ATOM   1198 C CZ2 . TRP A 1 138 ? -6.350  -2.849  -4.501  1.00 10.63 ? 138 TRP A CZ2 1 
ATOM   1199 C CZ3 . TRP A 1 138 ? -7.402  -4.799  -5.551  1.00 12.84 ? 138 TRP A CZ3 1 
ATOM   1200 C CH2 . TRP A 1 138 ? -6.638  -3.593  -5.630  1.00 12.17 ? 138 TRP A CH2 1 
ATOM   1201 N N   . TYR A 1 139 ? -11.451 -4.987  -2.348  1.00 10.11 ? 139 TYR A N   1 
ATOM   1202 C CA  . TYR A 1 139 ? -12.263 -4.166  -3.255  1.00 12.42 ? 139 TYR A CA  1 
ATOM   1203 C C   . TYR A 1 139 ? -13.540 -3.692  -2.557  1.00 16.85 ? 139 TYR A C   1 
ATOM   1204 O O   . TYR A 1 139 ? -13.948 -2.533  -2.683  1.00 15.61 ? 139 TYR A O   1 
ATOM   1205 C CB  . TYR A 1 139 ? -12.639 -4.989  -4.482  1.00 11.11 ? 139 TYR A CB  1 
ATOM   1206 C CG  . TYR A 1 139 ? -13.496 -4.261  -5.488  1.00 11.73 ? 139 TYR A CG  1 
ATOM   1207 C CD1 . TYR A 1 139 ? -12.917 -3.478  -6.474  1.00 16.05 ? 139 TYR A CD1 1 
ATOM   1208 C CD2 . TYR A 1 139 ? -14.887 -4.426  -5.486  1.00 22.46 ? 139 TYR A CD2 1 
ATOM   1209 C CE1 . TYR A 1 139 ? -13.703 -2.837  -7.421  1.00 27.53 ? 139 TYR A CE1 1 
ATOM   1210 C CE2 . TYR A 1 139 ? -15.677 -3.799  -6.432  1.00 34.21 ? 139 TYR A CE2 1 
ATOM   1211 C CZ  . TYR A 1 139 ? -15.076 -3.000  -7.391  1.00 47.86 ? 139 TYR A CZ  1 
ATOM   1212 O OH  . TYR A 1 139 ? -15.841 -2.360  -8.336  1.00 54.80 ? 139 TYR A OH  1 
ATOM   1213 N N   . ASN A 1 140 ? -14.184 -4.598  -1.816  1.00 11.79 ? 140 ASN A N   1 
ATOM   1214 C CA  . ASN A 1 140 ? -15.464 -4.254  -1.208  1.00 10.32 ? 140 ASN A CA  1 
ATOM   1215 C C   . ASN A 1 140 ? -15.339 -3.216  -0.084  1.00 12.07 ? 140 ASN A C   1 
ATOM   1216 O O   . ASN A 1 140 ? -16.207 -2.361  0.124   1.00 16.64 ? 140 ASN A O   1 
ATOM   1217 C CB  . ASN A 1 140 ? -16.150 -5.519  -0.690  1.00 14.64 ? 140 ASN A CB  1 
ATOM   1218 C CG  . ASN A 1 140 ? -16.797 -6.288  -1.797  1.00 24.28 ? 140 ASN A CG  1 
ATOM   1219 O OD1 . ASN A 1 140 ? -17.811 -5.846  -2.348  1.00 26.79 ? 140 ASN A OD1 1 
ATOM   1220 N ND2 . ASN A 1 140 ? -16.199 -7.406  -2.184  1.00 15.76 ? 140 ASN A ND2 1 
ATOM   1221 N N   . GLN A 1 141 ? -14.248 -3.253  0.624   1.00 9.10  ? 141 GLN A N   1 
ATOM   1222 C CA  . GLN A 1 141 ? -14.058 -2.308  1.720   1.00 11.71 ? 141 GLN A CA  1 
ATOM   1223 C C   . GLN A 1 141 ? -13.458 -0.960  1.293   1.00 17.88 ? 141 GLN A C   1 
ATOM   1224 O O   . GLN A 1 141 ? -13.799 0.077   1.883   1.00 15.83 ? 141 GLN A O   1 
ATOM   1225 C CB  . GLN A 1 141 ? -13.177 -2.946  2.805   1.00 15.37 ? 141 GLN A CB  1 
ATOM   1226 C CG  . GLN A 1 141 ? -13.767 -4.251  3.389   1.00 22.10 ? 141 GLN A CG  1 
ATOM   1227 C CD  . GLN A 1 141 ? -15.131 -4.069  4.057   1.00 27.27 ? 141 GLN A CD  1 
ATOM   1228 O OE1 . GLN A 1 141 ? -16.087 -4.813  3.761   1.00 23.83 ? 141 GLN A OE1 1 
ATOM   1229 N NE2 . GLN A 1 141 ? -15.238 -3.064  4.935   1.00 18.43 ? 141 GLN A NE2 1 
ATOM   1230 N N   . THR A 1 142 ? -12.573 -0.945  0.289   1.00 13.68 ? 142 THR A N   1 
ATOM   1231 C CA  . THR A 1 142 ? -12.055 0.340   -0.232  1.00 12.01 ? 142 THR A CA  1 
ATOM   1232 C C   . THR A 1 142 ? -12.201 0.358   -1.746  1.00 12.31 ? 142 THR A C   1 
ATOM   1233 O O   . THR A 1 142 ? -11.203 0.292   -2.490  1.00 11.86 ? 142 THR A O   1 
ATOM   1234 C CB  . THR A 1 142 ? -10.571 0.606   0.154   1.00 14.74 ? 142 THR A CB  1 
ATOM   1235 O OG1 . THR A 1 142 ? -9.761  -0.526  -0.228  1.00 15.72 ? 142 THR A OG1 1 
ATOM   1236 C CG2 . THR A 1 142 ? -10.430 0.829   1.663   1.00 18.35 ? 142 THR A CG2 1 
ATOM   1237 N N   . PRO A 1 143 ? -13.447 0.492   -2.217  1.00 12.17 ? 143 PRO A N   1 
ATOM   1238 C CA  . PRO A 1 143 ? -13.706 0.280   -3.644  1.00 12.08 ? 143 PRO A CA  1 
ATOM   1239 C C   . PRO A 1 143 ? -13.112 1.391   -4.498  1.00 12.07 ? 143 PRO A C   1 
ATOM   1240 O O   . PRO A 1 143 ? -12.650 1.072   -5.587  1.00 10.73 ? 143 PRO A O   1 
ATOM   1241 C CB  . PRO A 1 143 ? -15.264 0.248   -3.738  1.00 15.10 ? 143 PRO A CB  1 
ATOM   1242 C CG  . PRO A 1 143 ? -15.736 0.882   -2.425  1.00 14.50 ? 143 PRO A CG  1 
ATOM   1243 C CD  . PRO A 1 143 ? -14.691 0.489   -1.417  1.00 14.05 ? 143 PRO A CD  1 
ATOM   1244 N N   . ASN A 1 144 ? -13.121 2.657   -4.062  1.00 10.36 ? 144 ASN A N   1 
ATOM   1245 C CA  . ASN A 1 144 ? -12.619 3.689   -4.968  1.00 12.55 ? 144 ASN A CA  1 
ATOM   1246 C C   . ASN A 1 144 ? -11.114 3.525   -5.196  1.00 14.57 ? 144 ASN A C   1 
ATOM   1247 O O   . ASN A 1 144 ? -10.635 3.624   -6.326  1.00 11.05 ? 144 ASN A O   1 
ATOM   1248 C CB  . ASN A 1 144 ? -12.948 5.112   -4.467  1.00 14.34 ? 144 ASN A CB  1 
ATOM   1249 C CG  . ASN A 1 144 ? -14.449 5.440   -4.627  1.00 19.01 ? 144 ASN A CG  1 
ATOM   1250 O OD1 . ASN A 1 144 ? -15.175 4.690   -5.271  1.00 26.98 ? 144 ASN A OD1 1 
ATOM   1251 N ND2 . ASN A 1 144 ? -14.888 6.561   -4.080  1.00 26.26 ? 144 ASN A ND2 1 
ATOM   1252 N N   . ARG A 1 145 ? -10.385 3.239   -4.126  1.00 8.92  ? 145 ARG A N   1 
ATOM   1253 C CA  . ARG A 1 145 ? -8.939  3.007   -4.260  1.00 10.34 ? 145 ARG A CA  1 
ATOM   1254 C C   . ARG A 1 145 ? -8.661  1.707   -5.029  1.00 11.57 ? 145 ARG A C   1 
ATOM   1255 O O   . ARG A 1 145 ? -7.778  1.664   -5.895  1.00 9.61  ? 145 ARG A O   1 
ATOM   1256 C CB  . ARG A 1 145 ? -8.290  2.894   -2.900  1.00 12.66 ? 145 ARG A CB  1 
ATOM   1257 C CG  . ARG A 1 145 ? -6.728  2.864   -3.070  1.00 16.58 ? 145 ARG A CG  1 
ATOM   1258 C CD  . ARG A 1 145 ? -6.142  2.255   -1.921  1.00 27.84 ? 145 ARG A CD  1 
ATOM   1259 N NE  . ARG A 1 145 ? -4.685  2.206   -1.938  1.00 16.47 ? 145 ARG A NE  1 
ATOM   1260 C CZ  . ARG A 1 145 ? -3.999  2.471   -0.849  1.00 14.83 ? 145 ARG A CZ  1 
ATOM   1261 N NH1 . ARG A 1 145 ? -4.679  2.859   0.232   1.00 16.97 ? 145 ARG A NH1 1 
ATOM   1262 N NH2 . ARG A 1 145 ? -2.678  2.371   -0.840  1.00 11.10 ? 145 ARG A NH2 1 
ATOM   1263 N N   . ALA A 1 146 ? -9.360  0.630   -4.675  1.00 10.03 ? 146 ALA A N   1 
ATOM   1264 C CA  . ALA A 1 146 ? -9.172  -0.630  -5.401  1.00 11.50 ? 146 ALA A CA  1 
ATOM   1265 C C   . ALA A 1 146 ? -9.436  -0.454  -6.886  1.00 14.70 ? 146 ALA A C   1 
ATOM   1266 O O   . ALA A 1 146 ? -8.682  -0.966  -7.714  1.00 11.31 ? 146 ALA A O   1 
ATOM   1267 C CB  . ALA A 1 146 ? -10.028 -1.757  -4.814  1.00 10.76 ? 146 ALA A CB  1 
ATOM   1268 N N   . LYS A 1 147 ? -10.494 0.273   -7.250  1.00 11.20 ? 147 LYS A N   1 
ATOM   1269 C CA  . LYS A 1 147 ? -10.771 0.512   -8.663  1.00 10.86 ? 147 LYS A CA  1 
ATOM   1270 C C   . LYS A 1 147 ? -9.617  1.229   -9.376  1.00 11.64 ? 147 LYS A C   1 
ATOM   1271 O O   . LYS A 1 147 ? -9.307  0.903   -10.549 1.00 12.38 ? 147 LYS A O   1 
ATOM   1272 C CB  . LYS A 1 147 ? -12.073 1.327   -8.848  1.00 12.33 ? 147 LYS A CB  1 
ATOM   1273 C CG  . LYS A 1 147 ? -13.312 0.515   -8.561  1.00 16.58 ? 147 LYS A CG  1 
ATOM   1274 C CD  . LYS A 1 147 ? -14.578 1.413   -8.752  1.00 25.21 ? 147 LYS A CD  1 
ATOM   1275 C CE  . LYS A 1 147 ? -15.832 0.734   -8.194  0.50 25.73 ? 147 LYS A CE  1 
ATOM   1276 N N   . ARG A 1 148 ? -8.993  2.209   -8.711  1.00 11.81 ? 148 ARG A N   1 
ATOM   1277 C CA  . ARG A 1 148 ? -7.867  2.928   -9.341  1.00 9.48  ? 148 ARG A CA  1 
ATOM   1278 C C   . ARG A 1 148 ? -6.684  1.987   -9.536  1.00 9.69  ? 148 ARG A C   1 
ATOM   1279 O O   . ARG A 1 148 ? -6.046  2.004   -10.589 1.00 11.93 ? 148 ARG A O   1 
ATOM   1280 C CB  . ARG A 1 148 ? -7.367  4.119   -8.511  1.00 8.92  ? 148 ARG A CB  1 
ATOM   1281 C CG  . ARG A 1 148 ? -8.329  5.319   -8.504  1.00 11.85 ? 148 ARG A CG  1 
ATOM   1282 C CD  . ARG A 1 148 ? -7.694  6.561   -7.834  1.00 11.47 ? 148 ARG A CD  1 
ATOM   1283 N NE  . ARG A 1 148 ? -7.481  6.406   -6.372  1.00 11.77 ? 148 ARG A NE  1 
ATOM   1284 C CZ  . ARG A 1 148 ? -8.390  6.696   -5.432  1.00 20.27 ? 148 ARG A CZ  1 
ATOM   1285 N NH1 . ARG A 1 148 ? -9.631  7.108   -5.761  1.00 14.85 ? 148 ARG A NH1 1 
ATOM   1286 N NH2 . ARG A 1 148 ? -8.065  6.557   -4.154  1.00 12.58 ? 148 ARG A NH2 1 
ATOM   1287 N N   . VAL A 1 149 ? -6.407  1.181   -8.528  1.00 9.77  ? 149 VAL A N   1 
ATOM   1288 C CA  . VAL A 1 149 ? -5.266  0.241   -8.604  1.00 8.58  ? 149 VAL A CA  1 
ATOM   1289 C C   . VAL A 1 149 ? -5.545  -0.814  -9.688  1.00 13.16 ? 149 VAL A C   1 
ATOM   1290 O O   . VAL A 1 149 ? -4.696  -1.123  -10.538 1.00 11.89 ? 149 VAL A O   1 
ATOM   1291 C CB  . VAL A 1 149 ? -5.031  -0.402  -7.235  1.00 9.83  ? 149 VAL A CB  1 
ATOM   1292 C CG1 . VAL A 1 149 ? -3.990  -1.585  -7.348  1.00 12.58 ? 149 VAL A CG1 1 
ATOM   1293 C CG2 . VAL A 1 149 ? -4.545  0.670   -6.237  1.00 10.69 ? 149 VAL A CG2 1 
ATOM   1294 N N   . ILE A 1 150 ? -6.759  -1.349  -9.678  1.00 10.03 ? 150 ILE A N   1 
ATOM   1295 C CA  . ILE A 1 150 ? -7.140  -2.336  -10.709 1.00 10.36 ? 150 ILE A CA  1 
ATOM   1296 C C   . ILE A 1 150 ? -7.100  -1.781  -12.127 1.00 14.42 ? 150 ILE A C   1 
ATOM   1297 O O   . ILE A 1 150 ? -6.658  -2.474  -13.087 1.00 12.36 ? 150 ILE A O   1 
ATOM   1298 C CB  . ILE A 1 150 ? -8.523  -2.993  -10.386 1.00 9.11  ? 150 ILE A CB  1 
ATOM   1299 C CG1 . ILE A 1 150 ? -8.411  -3.814  -9.089  1.00 10.29 ? 150 ILE A CG1 1 
ATOM   1300 C CG2 . ILE A 1 150 ? -9.014  -3.839  -11.578 1.00 13.41 ? 150 ILE A CG2 1 
ATOM   1301 C CD1 . ILE A 1 150 ? -9.784  -4.295  -8.559  1.00 13.99 ? 150 ILE A CD1 1 
ATOM   1302 N N   . THR A 1 151 ? -7.545  -0.532  -12.299 1.00 11.14 ? 151 THR A N   1 
ATOM   1303 C CA  . THR A 1 151 ? -7.511  0.058   -13.623 1.00 11.97 ? 151 THR A CA  1 
ATOM   1304 C C   . THR A 1 151 ? -6.067  0.217   -14.074 1.00 10.59 ? 151 THR A C   1 
ATOM   1305 O O   . THR A 1 151 ? -5.773  0.109   -15.247 1.00 14.20 ? 151 THR A O   1 
ATOM   1306 C CB  . THR A 1 151 ? -8.167  1.435   -13.594 1.00 14.78 ? 151 THR A CB  1 
ATOM   1307 O OG1 . THR A 1 151 ? -9.573  1.200   -13.526 1.00 18.67 ? 151 THR A OG1 1 
ATOM   1308 C CG2 . THR A 1 151 ? -7.832  2.226   -14.861 1.00 18.64 ? 151 THR A CG2 1 
ATOM   1309 N N   . THR A 1 152 ? -5.192  0.497   -13.119 1.00 9.77  ? 152 THR A N   1 
ATOM   1310 C CA  . THR A 1 152 ? -3.768  0.609   -13.416 1.00 11.12 ? 152 THR A CA  1 
ATOM   1311 C C   . THR A 1 152 ? -3.217  -0.748  -13.885 1.00 13.84 ? 152 THR A C   1 
ATOM   1312 O O   . THR A 1 152 ? -2.505  -0.807  -14.883 1.00 11.94 ? 152 THR A O   1 
ATOM   1313 C CB  . THR A 1 152 ? -2.970  1.151   -12.207 1.00 11.88 ? 152 THR A CB  1 
ATOM   1314 O OG1 . THR A 1 152 ? -3.593  2.377   -11.775 1.00 11.95 ? 152 THR A OG1 1 
ATOM   1315 C CG2 . THR A 1 152 ? -1.517  1.431   -12.629 1.00 10.14 ? 152 THR A CG2 1 
ATOM   1316 N N   . PHE A 1 153 ? -3.556  -1.831  -13.180 1.00 11.75 ? 153 PHE A N   1 
ATOM   1317 C CA  . PHE A 1 153 ? -3.169  -3.169  -13.671 1.00 14.34 ? 153 PHE A CA  1 
ATOM   1318 C C   . PHE A 1 153 ? -3.801  -3.513  -15.022 1.00 15.68 ? 153 PHE A C   1 
ATOM   1319 O O   . PHE A 1 153 ? -3.165  -4.145  -15.878 1.00 17.88 ? 153 PHE A O   1 
ATOM   1320 C CB  . PHE A 1 153 ? -3.610  -4.260  -12.680 1.00 11.02 ? 153 PHE A CB  1 
ATOM   1321 C CG  . PHE A 1 153 ? -2.652  -4.494  -11.547 1.00 11.79 ? 153 PHE A CG  1 
ATOM   1322 C CD1 . PHE A 1 153 ? -1.328  -4.866  -11.800 1.00 13.06 ? 153 PHE A CD1 1 
ATOM   1323 C CD2 . PHE A 1 153 ? -3.102  -4.428  -10.230 1.00 13.64 ? 153 PHE A CD2 1 
ATOM   1324 C CE1 . PHE A 1 153 ? -0.451  -5.152  -10.738 1.00 12.49 ? 153 PHE A CE1 1 
ATOM   1325 C CE2 . PHE A 1 153 ? -2.221  -4.702  -9.133  1.00 11.97 ? 153 PHE A CE2 1 
ATOM   1326 C CZ  . PHE A 1 153 ? -0.897  -5.057  -9.405  1.00 12.89 ? 153 PHE A CZ  1 
ATOM   1327 N N   . ARG A 1 154 ? -5.055  -3.128  -15.221 1.00 12.30 ? 154 ARG A N   1 
ATOM   1328 C CA  A ARG A 1 154 ? -5.758  -3.521  -16.435 0.60 13.65 ? 154 ARG A CA  1 
ATOM   1329 C CA  B ARG A 1 154 ? -5.779  -3.508  -16.428 0.40 13.68 ? 154 ARG A CA  1 
ATOM   1330 C C   . ARG A 1 154 ? -5.156  -2.836  -17.661 1.00 15.99 ? 154 ARG A C   1 
ATOM   1331 O O   . ARG A 1 154 ? -5.004  -3.463  -18.709 1.00 16.02 ? 154 ARG A O   1 
ATOM   1332 C CB  A ARG A 1 154 ? -7.265  -3.215  -16.360 0.60 16.13 ? 154 ARG A CB  1 
ATOM   1333 C CB  B ARG A 1 154 ? -7.273  -3.143  -16.300 0.40 16.07 ? 154 ARG A CB  1 
ATOM   1334 C CG  A ARG A 1 154 ? -8.042  -3.746  -17.576 0.60 16.21 ? 154 ARG A CG  1 
ATOM   1335 C CG  B ARG A 1 154 ? -8.248  -4.085  -17.034 0.40 18.09 ? 154 ARG A CG  1 
ATOM   1336 C CD  A ARG A 1 154 ? -9.551  -3.397  -17.527 0.60 14.79 ? 154 ARG A CD  1 
ATOM   1337 C CD  B ARG A 1 154 ? -9.722  -3.732  -16.721 0.40 15.10 ? 154 ARG A CD  1 
ATOM   1338 N NE  A ARG A 1 154 ? -9.811  -1.973  -17.320 0.60 22.56 ? 154 ARG A NE  1 
ATOM   1339 N NE  B ARG A 1 154 ? -9.984  -2.308  -16.921 0.40 19.85 ? 154 ARG A NE  1 
ATOM   1340 C CZ  A ARG A 1 154 ? -9.899  -1.066  -18.290 0.60 24.23 ? 154 ARG A CZ  1 
ATOM   1341 C CZ  B ARG A 1 154 ? -10.298 -1.440  -15.958 0.40 24.04 ? 154 ARG A CZ  1 
ATOM   1342 N NH1 A ARG A 1 154 ? -9.729  -1.424  -19.559 0.60 17.88 ? 154 ARG A NH1 1 
ATOM   1343 N NH1 B ARG A 1 154 ? -10.433 -1.839  -14.696 0.40 16.76 ? 154 ARG A NH1 1 
ATOM   1344 N NH2 A ARG A 1 154 ? -10.148 0.206   -17.984 0.60 22.94 ? 154 ARG A NH2 1 
ATOM   1345 N NH2 B ARG A 1 154 ? -10.492 -0.163  -16.264 0.40 22.85 ? 154 ARG A NH2 1 
ATOM   1346 N N   . THR A 1 155 ? -4.810  -1.556  -17.528 1.00 12.55 ? 155 THR A N   1 
ATOM   1347 C CA  . THR A 1 155 ? -4.408  -0.736  -18.683 1.00 15.52 ? 155 THR A CA  1 
ATOM   1348 C C   . THR A 1 155 ? -2.919  -0.467  -18.815 1.00 19.08 ? 155 THR A C   1 
ATOM   1349 O O   . THR A 1 155 ? -2.445  -0.115  -19.894 1.00 18.57 ? 155 THR A O   1 
ATOM   1350 C CB  . THR A 1 155 ? -5.120  0.631   -18.638 1.00 16.45 ? 155 THR A CB  1 
ATOM   1351 O OG1 . THR A 1 155 ? -4.616  1.367   -17.492 1.00 15.32 ? 155 THR A OG1 1 
ATOM   1352 C CG2 . THR A 1 155 ? -6.640  0.435   -18.516 1.00 17.66 ? 155 THR A CG2 1 
ATOM   1353 N N   . GLY A 1 156 ? -2.173  -0.599  -17.724 1.00 13.91 ? 156 GLY A N   1 
ATOM   1354 C CA  . GLY A 1 156 ? -0.796  -0.205  -17.713 1.00 14.91 ? 156 GLY A CA  1 
ATOM   1355 C C   . GLY A 1 156 ? -0.589  1.283   -17.946 1.00 16.25 ? 156 GLY A C   1 
ATOM   1356 O O   . GLY A 1 156 ? 0.490   1.686   -18.384 1.00 13.07 ? 156 GLY A O   1 
ATOM   1357 N N   . THR A 1 157 ? -1.608  2.090   -17.652 1.00 12.52 ? 157 THR A N   1 
ATOM   1358 C CA  . THR A 1 157 ? -1.520  3.558   -17.775 1.00 12.47 ? 157 THR A CA  1 
ATOM   1359 C C   . THR A 1 157 ? -1.931  4.189   -16.448 1.00 14.74 ? 157 THR A C   1 
ATOM   1360 O O   . THR A 1 157 ? -2.435  3.494   -15.568 1.00 13.72 ? 157 THR A O   1 
ATOM   1361 C CB  . THR A 1 157 ? -2.511  4.125   -18.807 1.00 15.74 ? 157 THR A CB  1 
ATOM   1362 O OG1 . THR A 1 157 ? -3.866  4.058   -18.276 1.00 19.82 ? 157 THR A OG1 1 
ATOM   1363 C CG2 . THR A 1 157 ? -2.404  3.344   -20.103 1.00 17.59 ? 157 THR A CG2 1 
ATOM   1364 N N   . TRP A 1 158 ? -1.669  5.491   -16.315 1.00 12.72 ? 158 TRP A N   1 
ATOM   1365 C CA  . TRP A 1 158 ? -2.019  6.235   -15.101 1.00 12.06 ? 158 TRP A CA  1 
ATOM   1366 C C   . TRP A 1 158 ? -3.394  6.872   -15.226 1.00 13.89 ? 158 TRP A C   1 
ATOM   1367 O O   . TRP A 1 158 ? -3.734  7.768   -14.474 1.00 15.82 ? 158 TRP A O   1 
ATOM   1368 C CB  . TRP A 1 158 ? -0.986  7.340   -14.891 1.00 14.72 ? 158 TRP A CB  1 
ATOM   1369 C CG  . TRP A 1 158 ? 0.341   6.837   -14.509 1.00 14.74 ? 158 TRP A CG  1 
ATOM   1370 C CD1 . TRP A 1 158 ? 1.475   6.869   -15.246 1.00 16.10 ? 158 TRP A CD1 1 
ATOM   1371 C CD2 . TRP A 1 158 ? 0.672   6.205   -13.256 1.00 14.04 ? 158 TRP A CD2 1 
ATOM   1372 N NE1 . TRP A 1 158 ? 2.520   6.287   -14.531 1.00 17.37 ? 158 TRP A NE1 1 
ATOM   1373 C CE2 . TRP A 1 158 ? 2.046   5.886   -13.300 1.00 16.46 ? 158 TRP A CE2 1 
ATOM   1374 C CE3 . TRP A 1 158 ? -0.070  5.881   -12.107 1.00 16.00 ? 158 TRP A CE3 1 
ATOM   1375 C CZ2 . TRP A 1 158 ? 2.710   5.272   -12.230 1.00 20.73 ? 158 TRP A CZ2 1 
ATOM   1376 C CZ3 . TRP A 1 158 ? 0.588   5.254   -11.035 1.00 15.88 ? 158 TRP A CZ3 1 
ATOM   1377 C CH2 . TRP A 1 158 ? 1.959   4.965   -11.101 1.00 18.65 ? 158 TRP A CH2 1 
ATOM   1378 N N   . ASP A 1 159 ? -4.198  6.416   -16.181 1.00 16.21 ? 159 ASP A N   1 
ATOM   1379 C CA  . ASP A 1 159 ? -5.490  7.080   -16.401 1.00 16.15 ? 159 ASP A CA  1 
ATOM   1380 C C   . ASP A 1 159 ? -6.375  7.250   -15.169 1.00 21.88 ? 159 ASP A C   1 
ATOM   1381 O O   . ASP A 1 159 ? -7.064  8.279   -15.028 1.00 19.48 ? 159 ASP A O   1 
ATOM   1382 C CB  . ASP A 1 159 ? -6.248  6.394   -17.536 1.00 17.03 ? 159 ASP A CB  1 
ATOM   1383 C CG  . ASP A 1 159 ? -5.558  6.595   -18.890 1.00 41.96 ? 159 ASP A CG  1 
ATOM   1384 O OD1 . ASP A 1 159 ? -4.542  7.319   -18.951 1.00 35.11 ? 159 ASP A OD1 1 
ATOM   1385 O OD2 . ASP A 1 159 ? -6.022  6.019   -19.887 1.00 32.92 ? 159 ASP A OD2 1 
ATOM   1386 N N   . ALA A 1 160 ? -6.375  6.266   -14.264 1.00 14.79 ? 160 ALA A N   1 
ATOM   1387 C CA  . ALA A 1 160 ? -7.271  6.376   -13.108 1.00 14.95 ? 160 ALA A CA  1 
ATOM   1388 C C   . ALA A 1 160 ? -6.820  7.467   -12.150 1.00 18.61 ? 160 ALA A C   1 
ATOM   1389 O O   . ALA A 1 160 ? -7.598  7.874   -11.300 1.00 20.38 ? 160 ALA A O   1 
ATOM   1390 C CB  . ALA A 1 160 ? -7.376  5.053   -12.348 1.00 17.40 ? 160 ALA A CB  1 
ATOM   1391 N N   . TYR A 1 161 ? -5.557  7.872   -12.230 1.00 12.03 ? 161 TYR A N   1 
ATOM   1392 C CA  . TYR A 1 161 ? -4.988  8.859   -11.313 1.00 12.92 ? 161 TYR A CA  1 
ATOM   1393 C C   . TYR A 1 161 ? -4.909  10.246  -11.928 1.00 27.63 ? 161 TYR A C   1 
ATOM   1394 O O   . TYR A 1 161 ? -4.925  11.231  -11.206 1.00 26.81 ? 161 TYR A O   1 
ATOM   1395 C CB  . TYR A 1 161 ? -3.594  8.418   -10.835 1.00 15.14 ? 161 TYR A CB  1 
ATOM   1396 C CG  . TYR A 1 161 ? -3.686  7.279   -9.854  1.00 14.71 ? 161 TYR A CG  1 
ATOM   1397 C CD1 . TYR A 1 161 ? -3.734  5.966   -10.295 1.00 13.24 ? 161 TYR A CD1 1 
ATOM   1398 C CD2 . TYR A 1 161 ? -3.766  7.518   -8.492  1.00 12.77 ? 161 TYR A CD2 1 
ATOM   1399 C CE1 . TYR A 1 161 ? -3.844  4.919   -9.407  1.00 9.29  ? 161 TYR A CE1 1 
ATOM   1400 C CE2 . TYR A 1 161 ? -3.894  6.453   -7.584  1.00 12.21 ? 161 TYR A CE2 1 
ATOM   1401 C CZ  . TYR A 1 161 ? -3.937  5.160   -8.060  1.00 12.10 ? 161 TYR A CZ  1 
ATOM   1402 O OH  . TYR A 1 161 ? -4.050  4.089   -7.162  1.00 12.39 ? 161 TYR A OH  1 
ATOM   1403 N N   . LYS A 1 162 ? -4.783  10.357  -13.232 0.80 22.77 ? 162 LYS A N   1 
ATOM   1404 C CA  . LYS A 1 162 ? -4.805  11.656  -13.867 0.80 29.34 ? 162 LYS A CA  1 
ATOM   1405 C C   . LYS A 1 162 ? -6.218  12.151  -13.761 0.80 31.34 ? 162 LYS A C   1 
ATOM   1406 O O   . LYS A 1 162 ? -6.481  13.241  -13.346 0.80 33.84 ? 162 LYS A O   1 
ATOM   1407 C CB  . LYS A 1 162 ? -4.364  11.519  -15.301 0.80 30.51 ? 162 LYS A CB  1 
ATOM   1408 C CG  . LYS A 1 162 ? -2.914  11.161  -15.412 0.80 32.88 ? 162 LYS A CG  1 
ATOM   1409 N N   . ASN A 1 163 ? -7.159  11.292  -14.140 0.80 39.97 ? 163 ASN A N   1 
ATOM   1410 C CA  . ASN A 1 163 ? -8.573  11.625  -14.023 0.80 48.78 ? 163 ASN A CA  1 
ATOM   1411 C C   . ASN A 1 163 ? -8.818  12.502  -12.800 0.80 55.59 ? 163 ASN A C   1 
ATOM   1412 O O   . ASN A 1 163 ? -9.186  13.671  -12.923 0.80 54.24 ? 163 ASN A O   1 
ATOM   1413 C CB  . ASN A 1 163 ? -9.420  10.355  -13.941 0.80 41.01 ? 163 ASN A CB  1 
ATOM   1414 N N   . LEU A 1 164 ? -8.602  11.931  -11.619 0.80 51.34 ? 164 LEU A N   1 
ATOM   1415 C CA  . LEU A 1 164 ? -8.709  12.677  -10.371 0.80 49.31 ? 164 LEU A CA  1 
ATOM   1416 C C   . LEU A 1 164 ? -7.345  13.257  -10.019 0.80 36.57 ? 164 LEU A C   1 
ATOM   1417 O O   . LEU A 1 164 ? -6.648  12.749  -9.140  0.80 49.49 ? 164 LEU A O   1 
ATOM   1418 C CB  . LEU A 1 164 ? -9.206  11.772  -9.243  0.80 55.18 ? 164 LEU A CB  1 
ATOM   1419 C CG  . LEU A 1 164 ? -8.313  10.585  -8.882  0.80 42.00 ? 164 LEU A CG  1 
ATOM   1420 C CD1 . LEU A 1 164 ? -7.160  11.030  -7.994  0.80 42.35 ? 164 LEU A CD1 1 
ATOM   1421 C CD2 . LEU A 1 164 ? -9.122  9.488   -8.208  0.80 63.24 ? 164 LEU A CD2 1 
ATOM   1422 N N   . LEU A 1 165 ? -6.970  14.323  -10.718 0.80 42.34 ? 165 LEU A N   1 
ATOM   1423 C CA  . LEU A 1 165 ? -5.658  14.911  -10.577 0.80 49.53 ? 165 LEU A CA  1 
ATOM   1424 C C   . LEU A 1 165 ? -4.759  14.191  -9.548  0.80 44.12 ? 165 LEU A C   1 
ATOM   1425 O O   . LEU A 1 165 ? -4.841  14.442  -8.347  0.80 43.13 ? 165 LEU A O   1 
ATOM   1426 C CB  . LEU A 1 165 ? -5.763  16.399  -10.247 0.80 59.14 ? 165 LEU A CB  1 
HETATM 1427 C CAA A 3H2 B 2 .   ? -1.170  -9.172  -0.596  0.70 34.73 ? 200 3H2 A CAA 1 
HETATM 1428 C CAG A 3H2 B 2 .   ? -0.817  -9.487  -1.996  0.70 23.66 ? 200 3H2 A CAG 1 
HETATM 1429 C CAH A 3H2 B 2 .   ? -0.393  -8.272  -2.776  0.70 26.27 ? 200 3H2 A CAH 1 
HETATM 1430 C CAI A 3H2 B 2 .   ? 0.202   -8.688  -4.111  0.70 20.89 ? 200 3H2 A CAI 1 
HETATM 1431 C CAJ A 3H2 B 2 .   ? 0.494   -7.519  -5.039  0.70 15.30 ? 200 3H2 A CAJ 1 
HETATM 1432 C CAK A 3H2 B 2 .   ? 1.498   -7.825  -6.143  0.70 9.16  ? 200 3H2 A CAK 1 
HETATM 1433 C CAE A 3H2 B 2 .   ? 2.845   -7.870  -5.841  0.70 12.11 ? 200 3H2 A CAE 1 
HETATM 1434 C CAC A 3H2 B 2 .   ? 3.774   -8.168  -6.797  0.70 10.92 ? 200 3H2 A CAC 1 
HETATM 1435 C CAB A 3H2 B 2 .   ? 3.372   -8.457  -8.069  0.70 10.70 ? 200 3H2 A CAB 1 
HETATM 1436 C CAD A 3H2 B 2 .   ? 2.042   -8.408  -8.395  0.70 15.78 ? 200 3H2 A CAD 1 
HETATM 1437 C CAF A 3H2 B 2 .   ? 1.112   -8.100  -7.435  0.70 13.59 ? 200 3H2 A CAF 1 
HETATM 1438 N N1  . EPE C 3 .   ? 1.324   -2.814  6.741   1.00 26.02 ? 201 EPE A N1  1 
HETATM 1439 C C2  . EPE C 3 .   ? 2.214   -2.712  5.562   1.00 26.17 ? 201 EPE A C2  1 
HETATM 1440 C C3  . EPE C 3 .   ? 2.745   -1.287  5.397   1.00 22.11 ? 201 EPE A C3  1 
HETATM 1441 N N4  . EPE C 3 .   ? 1.671   -0.315  5.414   1.00 16.99 ? 201 EPE A N4  1 
HETATM 1442 C C5  . EPE C 3 .   ? 0.577   -0.513  6.347   1.00 21.08 ? 201 EPE A C5  1 
HETATM 1443 C C6  . EPE C 3 .   ? 0.143   -1.975  6.504   1.00 22.82 ? 201 EPE A C6  1 
HETATM 1444 C C7  . EPE C 3 .   ? 2.029   1.079   5.140   1.00 20.50 ? 201 EPE A C7  1 
HETATM 1445 C C8  . EPE C 3 .   ? 3.160   1.624   5.998   1.00 16.67 ? 201 EPE A C8  1 
HETATM 1446 O O8  . EPE C 3 .   ? 2.883   1.387   7.371   1.00 15.11 ? 201 EPE A O8  1 
HETATM 1447 C C9  . EPE C 3 .   ? 0.833   -4.202  6.868   1.00 33.32 ? 201 EPE A C9  1 
HETATM 1448 C C10 . EPE C 3 .   ? 1.546   -4.895  8.009   1.00 54.88 ? 201 EPE A C10 1 
HETATM 1449 S S   . EPE C 3 .   ? 0.663   -6.380  8.549   1.00 43.39 ? 201 EPE A S   1 
HETATM 1450 O O1S . EPE C 3 .   ? -0.225  -6.046  9.662   1.00 43.62 ? 201 EPE A O1S 1 
HETATM 1451 O O2S . EPE C 3 .   ? -0.179  -6.921  7.490   1.00 42.89 ? 201 EPE A O2S 1 
HETATM 1452 O O3S . EPE C 3 .   ? 1.678   -7.353  8.942   1.00 73.15 ? 201 EPE A O3S 1 
HETATM 1453 O O   . HOH D 4 .   ? 15.691  0.054   -1.751  1.00 34.08 ? 301 HOH A O   1 
HETATM 1454 O O   . HOH D 4 .   ? -6.746  -15.735 -5.894  1.00 31.41 ? 302 HOH A O   1 
HETATM 1455 O O   . HOH D 4 .   ? 10.977  15.942  2.797   1.00 41.99 ? 303 HOH A O   1 
HETATM 1456 O O   A HOH D 4 .   ? 5.243   11.940  23.052  0.80 27.60 ? 304 HOH A O   1 
HETATM 1457 O O   . HOH D 4 .   ? -16.876 2.895   -5.788  0.70 24.87 ? 305 HOH A O   1 
HETATM 1458 O O   . HOH D 4 .   ? 4.576   0.495   14.837  1.00 32.09 ? 306 HOH A O   1 
HETATM 1459 O O   . HOH D 4 .   ? 2.891   0.128   -19.001 1.00 24.44 ? 307 HOH A O   1 
HETATM 1460 O O   . HOH D 4 .   ? 2.237   18.679  22.406  1.00 39.78 ? 308 HOH A O   1 
HETATM 1461 O O   . HOH D 4 .   ? 11.809  14.156  4.687   1.00 26.43 ? 309 HOH A O   1 
HETATM 1462 O O   . HOH D 4 .   ? 14.328  7.066   10.541  1.00 20.82 ? 310 HOH A O   1 
HETATM 1463 O O   . HOH D 4 .   ? -9.156  -3.594  -20.923 0.80 32.87 ? 311 HOH A O   1 
HETATM 1464 O O   B HOH D 4 .   ? 18.539  -8.500  1.723   0.50 36.78 ? 312 HOH A O   1 
HETATM 1465 O O   . HOH D 4 .   ? 15.995  6.311   7.355   1.00 23.70 ? 313 HOH A O   1 
HETATM 1466 O O   B HOH D 4 .   ? -16.925 8.253   -4.379  0.50 25.58 ? 314 HOH A O   1 
HETATM 1467 O O   . HOH D 4 .   ? 8.761   10.528  0.616   1.00 26.29 ? 315 HOH A O   1 
HETATM 1468 O O   A HOH D 4 .   ? -5.980  -12.619 0.693   0.60 22.96 ? 316 HOH A O   1 
HETATM 1469 O O   . HOH D 4 .   ? 13.796  12.864  15.540  1.00 37.82 ? 317 HOH A O   1 
HETATM 1470 O O   A HOH D 4 .   ? 9.309   -13.388 -13.977 0.80 24.67 ? 318 HOH A O   1 
HETATM 1471 O O   . HOH D 4 .   ? 8.261   17.832  0.223   0.50 29.51 ? 319 HOH A O   1 
HETATM 1472 O O   . HOH D 4 .   ? 6.054   2.524   13.250  1.00 28.75 ? 320 HOH A O   1 
HETATM 1473 O O   . HOH D 4 .   ? 1.978   3.520   -19.753 1.00 27.18 ? 321 HOH A O   1 
HETATM 1474 O O   . HOH D 4 .   ? -16.565 -8.814  -4.497  1.00 28.78 ? 322 HOH A O   1 
HETATM 1475 O O   . HOH D 4 .   ? 3.382   -5.829  -19.199 1.00 18.67 ? 323 HOH A O   1 
HETATM 1476 O O   . HOH D 4 .   ? -5.067  -3.838  -21.442 1.00 28.62 ? 324 HOH A O   1 
HETATM 1477 O O   . HOH D 4 .   ? -12.875 -14.274 -4.210  1.00 22.12 ? 325 HOH A O   1 
HETATM 1478 O O   . HOH D 4 .   ? 9.510   -4.387  -17.143 1.00 19.76 ? 326 HOH A O   1 
HETATM 1479 O O   . HOH D 4 .   ? -3.637  13.292  22.322  0.50 34.73 ? 327 HOH A O   1 
HETATM 1480 O O   . HOH D 4 .   ? 8.986   3.683   8.346   1.00 21.22 ? 328 HOH A O   1 
HETATM 1481 O O   . HOH D 4 .   ? -6.594  13.114  13.904  1.00 39.23 ? 329 HOH A O   1 
HETATM 1482 O O   . HOH D 4 .   ? 5.144   -12.578 -18.296 1.00 23.95 ? 330 HOH A O   1 
HETATM 1483 O O   . HOH D 4 .   ? 4.955   6.478   -15.930 1.00 38.85 ? 331 HOH A O   1 
HETATM 1484 O O   . HOH D 4 .   ? 11.439  4.929   11.609  1.00 14.20 ? 332 HOH A O   1 
HETATM 1485 O O   . HOH D 4 .   ? 7.446   4.921   -9.599  1.00 18.15 ? 333 HOH A O   1 
HETATM 1486 O O   . HOH D 4 .   ? -10.853 1.789   16.191  1.00 41.86 ? 334 HOH A O   1 
HETATM 1487 O O   . HOH D 4 .   ? -3.073  -11.796 -22.729 0.50 24.31 ? 335 HOH A O   1 
HETATM 1488 O O   . HOH D 4 .   ? 5.396   12.796  -12.141 1.00 38.08 ? 336 HOH A O   1 
HETATM 1489 O O   . HOH D 4 .   ? -13.710 0.421   9.929   1.00 24.06 ? 337 HOH A O   1 
HETATM 1490 O O   . HOH D 4 .   ? -0.556  -15.854 2.342   0.80 32.66 ? 338 HOH A O   1 
HETATM 1491 O O   B HOH D 4 .   ? -0.350  0.225   -21.815 0.40 26.01 ? 339 HOH A O   1 
HETATM 1492 O O   . HOH D 4 .   ? -12.140 -14.655 -11.638 1.00 28.63 ? 340 HOH A O   1 
HETATM 1493 O O   . HOH D 4 .   ? 12.606  8.546   11.572  1.00 27.81 ? 341 HOH A O   1 
HETATM 1494 O O   A HOH D 4 .   ? -7.122  -8.722  -21.216 1.00 29.92 ? 342 HOH A O   1 
HETATM 1495 O O   . HOH D 4 .   ? 14.275  4.993   17.727  1.00 12.23 ? 343 HOH A O   1 
HETATM 1496 O O   B HOH D 4 .   ? -11.373 6.159   10.286  1.00 23.92 ? 344 HOH A O   1 
HETATM 1497 O O   . HOH D 4 .   ? -11.372 3.596   -1.357  1.00 15.63 ? 345 HOH A O   1 
HETATM 1498 O O   . HOH D 4 .   ? 16.761  10.095  17.963  1.00 36.08 ? 346 HOH A O   1 
HETATM 1499 O O   . HOH D 4 .   ? -9.764  9.435   10.602  1.00 37.58 ? 347 HOH A O   1 
HETATM 1500 O O   . HOH D 4 .   ? 0.042   -3.745  16.197  1.00 38.67 ? 348 HOH A O   1 
HETATM 1501 O O   . HOH D 4 .   ? 7.334   13.316  -7.556  0.80 30.13 ? 349 HOH A O   1 
HETATM 1502 O O   . HOH D 4 .   ? 7.019   -10.629 -18.909 1.00 16.35 ? 350 HOH A O   1 
HETATM 1503 O O   . HOH D 4 .   ? -3.913  0.337   -22.469 0.80 28.57 ? 351 HOH A O   1 
HETATM 1504 O O   B HOH D 4 .   ? -19.202 -6.968  -4.756  1.00 43.82 ? 352 HOH A O   1 
HETATM 1505 O O   . HOH D 4 .   ? -7.703  -11.425 -19.736 1.00 24.30 ? 353 HOH A O   1 
HETATM 1506 O O   . HOH D 4 .   ? -8.596  -20.139 -11.328 1.00 52.94 ? 354 HOH A O   1 
HETATM 1507 O O   . HOH D 4 .   ? -4.898  14.475  3.008   1.00 35.17 ? 355 HOH A O   1 
HETATM 1508 O O   . HOH D 4 .   ? 7.897   11.454  -11.876 1.00 24.24 ? 356 HOH A O   1 
HETATM 1509 O O   B HOH D 4 .   ? 11.515  8.748   21.392  0.40 17.98 ? 357 HOH A O   1 
HETATM 1510 O O   A HOH D 4 .   ? -15.205 -5.554  8.333   0.60 33.31 ? 358 HOH A O   1 
HETATM 1511 O O   . HOH D 4 .   ? -13.520 -0.857  6.411   1.00 44.20 ? 359 HOH A O   1 
HETATM 1512 O O   . HOH D 4 .   ? 9.588   0.776   7.208   1.00 38.59 ? 360 HOH A O   1 
HETATM 1513 O O   . HOH D 4 .   ? -8.405  -6.815  3.322   1.00 44.72 ? 361 HOH A O   1 
HETATM 1514 O O   . HOH D 4 .   ? 8.294   1.254   -10.962 1.00 45.54 ? 362 HOH A O   1 
HETATM 1515 O O   . HOH D 4 .   ? -6.525  -6.062  -21.966 1.00 30.16 ? 363 HOH A O   1 
HETATM 1516 O O   . HOH D 4 .   ? 9.263   3.078   11.317  1.00 28.91 ? 364 HOH A O   1 
HETATM 1517 O O   . HOH D 4 .   ? -5.355  12.114  -1.040  0.60 21.93 ? 365 HOH A O   1 
HETATM 1518 O O   . HOH D 4 .   ? -7.668  5.851   -0.971  1.00 31.34 ? 366 HOH A O   1 
HETATM 1519 O O   . HOH D 4 .   ? -4.116  6.782   4.992   1.00 31.68 ? 367 HOH A O   1 
HETATM 1520 O O   . HOH D 4 .   ? -3.354  10.447  5.584   1.00 29.31 ? 368 HOH A O   1 
HETATM 1521 O O   . HOH D 4 .   ? -4.997  0.955   16.248  1.00 21.82 ? 369 HOH A O   1 
HETATM 1522 O O   . HOH D 4 .   ? -6.978  4.871   5.490   1.00 43.13 ? 370 HOH A O   1 
HETATM 1523 O O   . HOH D 4 .   ? -9.065  2.525   19.815  0.80 36.24 ? 371 HOH A O   1 
HETATM 1524 O O   . HOH D 4 .   ? -2.858  2.396   8.356   1.00 22.07 ? 372 HOH A O   1 
HETATM 1525 O O   . HOH D 4 .   ? 4.266   8.860   6.393   1.00 10.79 ? 373 HOH A O   1 
HETATM 1526 O O   . HOH D 4 .   ? 4.267   6.400   5.181   1.00 13.38 ? 374 HOH A O   1 
HETATM 1527 O O   . HOH D 4 .   ? 4.080   0.980   9.640   1.00 37.73 ? 375 HOH A O   1 
HETATM 1528 O O   . HOH D 4 .   ? 3.776   10.608  20.291  1.00 17.89 ? 376 HOH A O   1 
HETATM 1529 O O   . HOH D 4 .   ? 12.918  14.446  13.215  1.00 34.80 ? 377 HOH A O   1 
HETATM 1530 O O   . HOH D 4 .   ? 10.110  16.620  20.421  1.00 32.40 ? 378 HOH A O   1 
HETATM 1531 O O   A HOH D 4 .   ? 5.676   17.244  17.982  1.00 21.62 ? 379 HOH A O   1 
HETATM 1532 O O   B HOH D 4 .   ? 5.791   18.471  15.591  0.80 28.35 ? 380 HOH A O   1 
HETATM 1533 O O   . HOH D 4 .   ? 8.584   19.874  7.543   1.00 28.65 ? 381 HOH A O   1 
HETATM 1534 O O   . HOH D 4 .   ? 5.302   20.701  8.824   1.00 31.27 ? 382 HOH A O   1 
HETATM 1535 O O   . HOH D 4 .   ? 5.547   -0.641  3.738   1.00 18.03 ? 383 HOH A O   1 
HETATM 1536 O O   . HOH D 4 .   ? 4.200   -3.397  2.838   1.00 28.99 ? 384 HOH A O   1 
HETATM 1537 O O   B HOH D 4 .   ? 10.735  -4.985  3.646   0.50 22.99 ? 385 HOH A O   1 
HETATM 1538 O O   . HOH D 4 .   ? 8.753   -10.494 1.831   1.00 28.44 ? 386 HOH A O   1 
HETATM 1539 O O   . HOH D 4 .   ? 3.881   -16.424 -8.072  1.00 33.17 ? 387 HOH A O   1 
HETATM 1540 O O   . HOH D 4 .   ? 3.257   -9.887  -16.436 1.00 16.74 ? 388 HOH A O   1 
HETATM 1541 O O   . HOH D 4 .   ? -3.868  -1.013  -2.975  1.00 12.92 ? 389 HOH A O   1 
HETATM 1542 O O   . HOH D 4 .   ? -9.570  -2.681  2.004   1.00 23.67 ? 390 HOH A O   1 
HETATM 1543 O O   . HOH D 4 .   ? -11.301 -13.506 -13.782 1.00 22.29 ? 391 HOH A O   1 
HETATM 1544 O O   . HOH D 4 .   ? -12.569 -5.338  -12.026 1.00 27.69 ? 392 HOH A O   1 
HETATM 1545 O O   . HOH D 4 .   ? -15.211 -9.029  -10.549 1.00 25.18 ? 393 HOH A O   1 
HETATM 1546 O O   . HOH D 4 .   ? -12.024 4.910   -8.380  1.00 20.27 ? 394 HOH A O   1 
HETATM 1547 O O   . HOH D 4 .   ? -11.060 7.532   -8.292  1.00 18.68 ? 395 HOH A O   1 
HETATM 1548 O O   . HOH D 4 .   ? -10.183 7.644   -11.039 1.00 25.75 ? 396 HOH A O   1 
HETATM 1549 O O   . HOH D 4 .   ? -4.496  4.136   -13.805 1.00 16.51 ? 397 HOH A O   1 
HETATM 1550 O O   . HOH D 4 .   ? -0.189  6.838   -18.520 1.00 22.31 ? 398 HOH A O   1 
HETATM 1551 O O   . HOH D 4 .   ? -4.674  15.428  0.985   1.00 55.10 ? 399 HOH A O   1 
HETATM 1552 O O   A HOH D 4 .   ? -1.590  2.395   6.110   0.50 21.69 ? 400 HOH A O   1 
HETATM 1553 O O   B HOH D 4 .   ? -1.361  2.170   4.509   0.50 22.70 ? 401 HOH A O   1 
HETATM 1554 O O   . HOH D 4 .   ? -9.647  -1.431  4.324   1.00 31.62 ? 402 HOH A O   1 
HETATM 1555 O O   . HOH D 4 .   ? 9.098   -16.242 0.129   1.00 35.99 ? 403 HOH A O   1 
HETATM 1556 O O   . HOH D 4 .   ? -2.847  0.202   5.129   1.00 36.97 ? 404 HOH A O   1 
HETATM 1557 O O   . HOH D 4 .   ? -4.709  12.850  17.192  1.00 34.57 ? 405 HOH A O   1 
HETATM 1558 O O   . HOH D 4 .   ? 11.348  17.956  10.775  1.00 34.66 ? 406 HOH A O   1 
HETATM 1559 O O   . HOH D 4 .   ? -11.493 -0.669  -12.101 0.60 19.02 ? 407 HOH A O   1 
HETATM 1560 O O   . HOH D 4 .   ? -7.941  1.216   17.038  1.00 38.19 ? 408 HOH A O   1 
HETATM 1561 O O   . HOH D 4 .   ? -4.574  4.897   25.541  1.00 42.46 ? 409 HOH A O   1 
HETATM 1562 O O   . HOH D 4 .   ? 12.496  14.302  22.598  1.00 42.79 ? 410 HOH A O   1 
HETATM 1563 O O   . HOH D 4 .   ? -2.619  12.923  18.583  1.00 42.48 ? 411 HOH A O   1 
HETATM 1564 O O   . HOH D 4 .   ? 3.836   -14.570 1.752   1.00 43.59 ? 412 HOH A O   1 
HETATM 1565 O O   . HOH D 4 .   ? 10.918  -17.146 -6.850  1.00 39.88 ? 413 HOH A O   1 
HETATM 1566 O O   . HOH D 4 .   ? -7.149  0.347   3.787   0.70 27.53 ? 414 HOH A O   1 
HETATM 1567 O O   . HOH D 4 .   ? 2.887   -8.348  5.861   1.00 36.63 ? 415 HOH A O   1 
HETATM 1568 O O   . HOH D 4 .   ? 0.188   -17.678 -8.601  1.00 31.97 ? 416 HOH A O   1 
HETATM 1569 O O   . HOH D 4 .   ? 1.971   -16.554 -9.985  1.00 37.66 ? 417 HOH A O   1 
HETATM 1570 O O   . HOH D 4 .   ? -11.302 -3.278  11.038  0.70 31.56 ? 418 HOH A O   1 
HETATM 1571 O O   . HOH D 4 .   ? -3.773  4.006   5.798   1.00 41.86 ? 419 HOH A O   1 
HETATM 1572 O O   . HOH D 4 .   ? -0.343  -8.550  5.593   1.00 29.57 ? 420 HOH A O   1 
HETATM 1573 O O   . HOH D 4 .   ? -7.190  3.292   1.280   1.00 40.84 ? 421 HOH A O   1 
HETATM 1574 O O   . HOH D 4 .   ? -2.627  -6.187  7.487   1.00 37.43 ? 422 HOH A O   1 
HETATM 1575 O O   . HOH D 4 .   ? 6.583   -0.841  6.489   1.00 34.97 ? 423 HOH A O   1 
HETATM 1576 O O   . HOH D 4 .   ? -12.480 -4.494  -14.517 1.00 37.98 ? 424 HOH A O   1 
HETATM 1577 O O   . HOH D 4 .   ? -6.945  4.812   23.835  0.50 30.62 ? 425 HOH A O   1 
HETATM 1578 O O   . HOH D 4 .   ? 11.126  17.867  13.973  0.50 21.38 ? 426 HOH A O   1 
HETATM 1579 O O   . HOH D 4 .   ? -14.505 5.449   -8.491  1.00 37.05 ? 427 HOH A O   1 
HETATM 1580 O O   . HOH D 4 .   ? -3.282  7.020   -21.983 0.50 27.59 ? 428 HOH A O   1 
HETATM 1581 O O   . HOH D 4 .   ? -11.749 -6.480  -16.722 0.40 19.92 ? 429 HOH A O   1 
# 
loop_
_pdbx_poly_seq_scheme.asym_id 
_pdbx_poly_seq_scheme.entity_id 
_pdbx_poly_seq_scheme.seq_id 
_pdbx_poly_seq_scheme.mon_id 
_pdbx_poly_seq_scheme.ndb_seq_num 
_pdbx_poly_seq_scheme.pdb_seq_num 
_pdbx_poly_seq_scheme.auth_seq_num 
_pdbx_poly_seq_scheme.pdb_mon_id 
_pdbx_poly_seq_scheme.auth_mon_id 
_pdbx_poly_seq_scheme.pdb_strand_id 
_pdbx_poly_seq_scheme.pdb_ins_code 
_pdbx_poly_seq_scheme.hetero 
A 1 1   MET 1   1   1   MET MET A . n 
A 1 2   ASN 2   2   2   ASN ASN A . n 
A 1 3   ILE 3   3   3   ILE ILE A . n 
A 1 4   PHE 4   4   4   PHE PHE A . n 
A 1 5   GLU 5   5   5   GLU GLU A . n 
A 1 6   MET 6   6   6   MET MET A . n 
A 1 7   LEU 7   7   7   LEU LEU A . n 
A 1 8   ARG 8   8   8   ARG ARG A . n 
A 1 9   ILE 9   9   9   ILE ILE A . n 
A 1 10  ASP 10  10  10  ASP ASP A . n 
A 1 11  GLU 11  11  11  GLU GLU A . n 
A 1 12  GLY 12  12  12  GLY GLY A . n 
A 1 13  LEU 13  13  13  LEU LEU A . n 
A 1 14  ARG 14  14  14  ARG ARG A . n 
A 1 15  LEU 15  15  15  LEU LEU A . n 
A 1 16  LYS 16  16  16  LYS LYS A . n 
A 1 17  ILE 17  17  17  ILE ILE A . n 
A 1 18  TYR 18  18  18  TYR TYR A . n 
A 1 19  LYS 19  19  19  LYS LYS A . n 
A 1 20  ASP 20  20  20  ASP ASP A . n 
A 1 21  THR 21  21  21  THR THR A . n 
A 1 22  GLU 22  22  22  GLU GLU A . n 
A 1 23  GLY 23  23  23  GLY GLY A . n 
A 1 24  TYR 24  24  24  TYR TYR A . n 
A 1 25  TYR 25  25  25  TYR TYR A . n 
A 1 26  THR 26  26  26  THR THR A . n 
A 1 27  ILE 27  27  27  ILE ILE A . n 
A 1 28  GLY 28  28  28  GLY GLY A . n 
A 1 29  ILE 29  29  29  ILE ILE A . n 
A 1 30  GLY 30  30  30  GLY GLY A . n 
A 1 31  HIS 31  31  31  HIS HIS A . n 
A 1 32  LEU 32  32  32  LEU LEU A . n 
A 1 33  LEU 33  33  33  LEU LEU A . n 
A 1 34  THR 34  34  34  THR THR A . n 
A 1 35  LYS 35  35  35  LYS LYS A . n 
A 1 36  SER 36  36  36  SER SER A . n 
A 1 37  PRO 37  37  37  PRO PRO A . n 
A 1 38  SER 38  38  38  SER SER A . n 
A 1 39  LEU 39  39  39  LEU LEU A . n 
A 1 40  ASN 40  40  40  ASN ASN A . n 
A 1 41  ALA 41  41  41  ALA ALA A . n 
A 1 42  ALA 42  42  42  ALA ALA A . n 
A 1 43  LYS 43  43  43  LYS LYS A . n 
A 1 44  SER 44  44  44  SER SER A . n 
A 1 45  GLU 45  45  45  GLU GLU A . n 
A 1 46  LEU 46  46  46  LEU LEU A . n 
A 1 47  ASP 47  47  47  ASP ASP A . n 
A 1 48  LYS 48  48  48  LYS LYS A . n 
A 1 49  ALA 49  49  49  ALA ALA A . n 
A 1 50  ILE 50  50  50  ILE ILE A . n 
A 1 51  GLY 51  51  51  GLY GLY A . n 
A 1 52  ARG 52  52  52  ARG ARG A . n 
A 1 53  ASN 53  53  53  ASN ASN A . n 
A 1 54  CYS 54  54  54  CYS CYS A . n 
A 1 55  ASN 55  55  55  ASN ASN A . n 
A 1 56  GLY 56  56  56  GLY GLY A . n 
A 1 57  VAL 57  57  57  VAL VAL A . n 
A 1 58  ILE 58  58  58  ILE ILE A . n 
A 1 59  THR 59  59  59  THR THR A . n 
A 1 60  LYS 60  60  60  LYS LYS A . n 
A 1 61  ASP 61  61  61  ASP ASP A . n 
A 1 62  GLU 62  62  62  GLU GLU A . n 
A 1 63  ALA 63  63  63  ALA ALA A . n 
A 1 64  GLU 64  64  64  GLU GLU A . n 
A 1 65  LYS 65  65  65  LYS LYS A . n 
A 1 66  LEU 66  66  66  LEU LEU A . n 
A 1 67  PHE 67  67  67  PHE PHE A . n 
A 1 68  ASN 68  68  68  ASN ASN A . n 
A 1 69  GLN 69  69  69  GLN GLN A . n 
A 1 70  ASP 70  70  70  ASP ASP A . n 
A 1 71  VAL 71  71  71  VAL VAL A . n 
A 1 72  ASP 72  72  72  ASP ASP A . n 
A 1 73  ALA 73  73  73  ALA ALA A . n 
A 1 74  ALA 74  74  74  ALA ALA A . n 
A 1 75  VAL 75  75  75  VAL VAL A . n 
A 1 76  ARG 76  76  76  ARG ARG A . n 
A 1 77  GLY 77  77  77  GLY GLY A . n 
A 1 78  ILE 78  78  78  ILE ILE A . n 
A 1 79  LEU 79  79  79  LEU LEU A . n 
A 1 80  ARG 80  80  80  ARG ARG A . n 
A 1 81  ASN 81  81  81  ASN ASN A . n 
A 1 82  ALA 82  82  82  ALA ALA A . n 
A 1 83  LYS 83  83  83  LYS LYS A . n 
A 1 84  LEU 84  84  84  LEU LEU A . n 
A 1 85  LYS 85  85  85  LYS LYS A . n 
A 1 86  PRO 86  86  86  PRO PRO A . n 
A 1 87  VAL 87  87  87  VAL VAL A . n 
A 1 88  TYR 88  88  88  TYR TYR A . n 
A 1 89  ASP 89  89  89  ASP ASP A . n 
A 1 90  SER 90  90  90  SER SER A . n 
A 1 91  LEU 91  91  91  LEU LEU A . n 
A 1 92  ASP 92  92  92  ASP ASP A . n 
A 1 93  ALA 93  93  93  ALA ALA A . n 
A 1 94  VAL 94  94  94  VAL VAL A . n 
A 1 95  ARG 95  95  95  ARG ARG A . n 
A 1 96  ARG 96  96  96  ARG ARG A . n 
A 1 97  CYS 97  97  97  CYS CYS A . n 
A 1 98  ALA 98  98  98  ALA ALA A . n 
A 1 99  ALA 99  99  99  ALA ALA A . n 
A 1 100 ILE 100 100 100 ILE ILE A . n 
A 1 101 ASN 101 101 101 ASN ASN A . n 
A 1 102 MET 102 102 102 MET MET A . n 
A 1 103 VAL 103 103 103 VAL VAL A . n 
A 1 104 PHE 104 104 104 PHE PHE A . n 
A 1 105 GLN 105 105 105 GLN GLN A . n 
A 1 106 MET 106 106 106 MET MET A . n 
A 1 107 GLY 107 107 107 GLY GLY A . n 
A 1 108 GLU 108 108 108 GLU GLU A . n 
A 1 109 THR 109 109 109 THR THR A . n 
A 1 110 GLY 110 110 110 GLY GLY A . n 
A 1 111 VAL 111 111 111 VAL VAL A . n 
A 1 112 ALA 112 112 112 ALA ALA A . n 
A 1 113 GLY 113 113 113 GLY GLY A . n 
A 1 114 PHE 114 114 114 PHE PHE A . n 
A 1 115 THR 115 115 115 THR THR A . n 
A 1 116 ASN 116 116 116 ASN ASN A . n 
A 1 117 SER 117 117 117 SER SER A . n 
A 1 118 LEU 118 118 118 LEU LEU A . n 
A 1 119 ARG 119 119 119 ARG ARG A . n 
A 1 120 MET 120 120 120 MET MET A . n 
A 1 121 LEU 121 121 121 LEU LEU A . n 
A 1 122 GLN 122 122 122 GLN GLN A . n 
A 1 123 GLN 123 123 123 GLN GLN A . n 
A 1 124 LYS 124 124 124 LYS LYS A . n 
A 1 125 ARG 125 125 125 ARG ARG A . n 
A 1 126 TRP 126 126 126 TRP TRP A . n 
A 1 127 ASP 127 127 127 ASP ASP A . n 
A 1 128 GLU 128 128 128 GLU GLU A . n 
A 1 129 ALA 129 129 129 ALA ALA A . n 
A 1 130 ALA 130 130 130 ALA ALA A . n 
A 1 131 VAL 131 131 131 VAL VAL A . n 
A 1 132 ASN 132 132 132 ASN ASN A . n 
A 1 133 LEU 133 133 133 LEU LEU A . n 
A 1 134 ALA 134 134 134 ALA ALA A . n 
A 1 135 LYS 135 135 135 LYS LYS A . n 
A 1 136 SER 136 136 136 SER SER A . n 
A 1 137 ARG 137 137 137 ARG ARG A . n 
A 1 138 TRP 138 138 138 TRP TRP A . n 
A 1 139 TYR 139 139 139 TYR TYR A . n 
A 1 140 ASN 140 140 140 ASN ASN A . n 
A 1 141 GLN 141 141 141 GLN GLN A . n 
A 1 142 THR 142 142 142 THR THR A . n 
A 1 143 PRO 143 143 143 PRO PRO A . n 
A 1 144 ASN 144 144 144 ASN ASN A . n 
A 1 145 ARG 145 145 145 ARG ARG A . n 
A 1 146 ALA 146 146 146 ALA ALA A . n 
A 1 147 LYS 147 147 147 LYS LYS A . n 
A 1 148 ARG 148 148 148 ARG ARG A . n 
A 1 149 VAL 149 149 149 VAL VAL A . n 
A 1 150 ILE 150 150 150 ILE ILE A . n 
A 1 151 THR 151 151 151 THR THR A . n 
A 1 152 THR 152 152 152 THR THR A . n 
A 1 153 PHE 153 153 153 PHE PHE A . n 
A 1 154 ARG 154 154 154 ARG ARG A . n 
A 1 155 THR 155 155 155 THR THR A . n 
A 1 156 GLY 156 156 156 GLY GLY A . n 
A 1 157 THR 157 157 157 THR THR A . n 
A 1 158 TRP 158 158 158 TRP TRP A . n 
A 1 159 ASP 159 159 159 ASP ASP A . n 
A 1 160 ALA 160 160 160 ALA ALA A . n 
A 1 161 TYR 161 161 161 TYR TYR A . n 
A 1 162 LYS 162 162 162 LYS LYS A . n 
A 1 163 ASN 163 163 163 ASN ASN A . n 
A 1 164 LEU 164 164 164 LEU LEU A . n 
A 1 165 LEU 165 165 165 LEU LEU A . n 
A 1 166 GLU 166 166 ?   ?   ?   A . n 
A 1 167 HIS 167 167 ?   ?   ?   A . n 
A 1 168 HIS 168 168 ?   ?   ?   A . n 
A 1 169 HIS 169 169 ?   ?   ?   A . n 
A 1 170 HIS 170 170 ?   ?   ?   A . n 
A 1 171 HIS 171 171 ?   ?   ?   A . n 
A 1 172 HIS 172 172 ?   ?   ?   A . n 
# 
loop_
_pdbx_nonpoly_scheme.asym_id 
_pdbx_nonpoly_scheme.entity_id 
_pdbx_nonpoly_scheme.mon_id 
_pdbx_nonpoly_scheme.ndb_seq_num 
_pdbx_nonpoly_scheme.pdb_seq_num 
_pdbx_nonpoly_scheme.auth_seq_num 
_pdbx_nonpoly_scheme.pdb_mon_id 
_pdbx_nonpoly_scheme.auth_mon_id 
_pdbx_nonpoly_scheme.pdb_strand_id 
_pdbx_nonpoly_scheme.pdb_ins_code 
B 2 3H2 1   200 200 3H2 DRG A . 
C 3 EPE 1   201 201 EPE EPE A . 
D 4 HOH 1   301 79  HOH HOH A . 
D 4 HOH 2   302 22  HOH HOH A . 
D 4 HOH 3   303 1   HOH HOH A . 
D 4 HOH 4   304 21  HOH HOH A . 
D 4 HOH 5   305 66  HOH HOH A . 
D 4 HOH 6   306 87  HOH HOH A . 
D 4 HOH 7   307 39  HOH HOH A . 
D 4 HOH 8   308 35  HOH HOH A . 
D 4 HOH 9   309 38  HOH HOH A . 
D 4 HOH 10  310 25  HOH HOH A . 
D 4 HOH 11  311 99  HOH HOH A . 
D 4 HOH 12  312 120 HOH HOH A . 
D 4 HOH 13  313 26  HOH HOH A . 
D 4 HOH 14  314 111 HOH HOH A . 
D 4 HOH 15  315 4   HOH HOH A . 
D 4 HOH 16  316 125 HOH HOH A . 
D 4 HOH 17  317 89  HOH HOH A . 
D 4 HOH 18  318 110 HOH HOH A . 
D 4 HOH 19  319 114 HOH HOH A . 
D 4 HOH 20  320 76  HOH HOH A . 
D 4 HOH 21  321 40  HOH HOH A . 
D 4 HOH 22  322 105 HOH HOH A . 
D 4 HOH 23  323 49  HOH HOH A . 
D 4 HOH 24  324 67  HOH HOH A . 
D 4 HOH 25  325 23  HOH HOH A . 
D 4 HOH 26  326 50  HOH HOH A . 
D 4 HOH 27  327 123 HOH HOH A . 
D 4 HOH 28  328 27  HOH HOH A . 
D 4 HOH 29  329 10  HOH HOH A . 
D 4 HOH 30  330 48  HOH HOH A . 
D 4 HOH 31  331 77  HOH HOH A . 
D 4 HOH 32  332 24  HOH HOH A . 
D 4 HOH 33  333 3   HOH HOH A . 
D 4 HOH 34  334 75  HOH HOH A . 
D 4 HOH 35  335 124 HOH HOH A . 
D 4 HOH 36  336 68  HOH HOH A . 
D 4 HOH 37  337 13  HOH HOH A . 
D 4 HOH 38  338 104 HOH HOH A . 
D 4 HOH 39  339 129 HOH HOH A . 
D 4 HOH 40  340 54  HOH HOH A . 
D 4 HOH 41  341 29  HOH HOH A . 
D 4 HOH 42  342 56  HOH HOH A . 
D 4 HOH 43  343 31  HOH HOH A . 
D 4 HOH 44  344 57  HOH HOH A . 
D 4 HOH 45  345 60  HOH HOH A . 
D 4 HOH 46  346 90  HOH HOH A . 
D 4 HOH 47  347 73  HOH HOH A . 
D 4 HOH 48  348 19  HOH HOH A . 
D 4 HOH 49  349 69  HOH HOH A . 
D 4 HOH 50  350 47  HOH HOH A . 
D 4 HOH 51  351 100 HOH HOH A . 
D 4 HOH 52  352 82  HOH HOH A . 
D 4 HOH 53  353 81  HOH HOH A . 
D 4 HOH 54  354 122 HOH HOH A . 
D 4 HOH 55  355 5   HOH HOH A . 
D 4 HOH 56  356 2   HOH HOH A . 
D 4 HOH 57  357 126 HOH HOH A . 
D 4 HOH 58  358 128 HOH HOH A . 
D 4 HOH 59  359 117 HOH HOH A . 
D 4 HOH 60  360 109 HOH HOH A . 
D 4 HOH 61  361 116 HOH HOH A . 
D 4 HOH 62  362 121 HOH HOH A . 
D 4 HOH 63  363 55  HOH HOH A . 
D 4 HOH 64  364 28  HOH HOH A . 
D 4 HOH 65  365 6   HOH HOH A . 
D 4 HOH 66  366 7   HOH HOH A . 
D 4 HOH 67  367 8   HOH HOH A . 
D 4 HOH 68  368 9   HOH HOH A . 
D 4 HOH 69  369 11  HOH HOH A . 
D 4 HOH 70  370 12  HOH HOH A . 
D 4 HOH 71  371 14  HOH HOH A . 
D 4 HOH 72  372 15  HOH HOH A . 
D 4 HOH 73  373 16  HOH HOH A . 
D 4 HOH 74  374 17  HOH HOH A . 
D 4 HOH 75  375 18  HOH HOH A . 
D 4 HOH 76  376 20  HOH HOH A . 
D 4 HOH 77  377 30  HOH HOH A . 
D 4 HOH 78  378 32  HOH HOH A . 
D 4 HOH 79  379 33  HOH HOH A . 
D 4 HOH 80  380 34  HOH HOH A . 
D 4 HOH 81  381 36  HOH HOH A . 
D 4 HOH 82  382 37  HOH HOH A . 
D 4 HOH 83  383 41  HOH HOH A . 
D 4 HOH 84  384 42  HOH HOH A . 
D 4 HOH 85  385 43  HOH HOH A . 
D 4 HOH 86  386 44  HOH HOH A . 
D 4 HOH 87  387 45  HOH HOH A . 
D 4 HOH 88  388 46  HOH HOH A . 
D 4 HOH 89  389 51  HOH HOH A . 
D 4 HOH 90  390 52  HOH HOH A . 
D 4 HOH 91  391 53  HOH HOH A . 
D 4 HOH 92  392 58  HOH HOH A . 
D 4 HOH 93  393 59  HOH HOH A . 
D 4 HOH 94  394 61  HOH HOH A . 
D 4 HOH 95  395 62  HOH HOH A . 
D 4 HOH 96  396 63  HOH HOH A . 
D 4 HOH 97  397 64  HOH HOH A . 
D 4 HOH 98  398 65  HOH HOH A . 
D 4 HOH 99  399 70  HOH HOH A . 
D 4 HOH 100 400 71  HOH HOH A . 
D 4 HOH 101 401 72  HOH HOH A . 
D 4 HOH 102 402 74  HOH HOH A . 
D 4 HOH 103 403 78  HOH HOH A . 
D 4 HOH 104 404 80  HOH HOH A . 
D 4 HOH 105 405 83  HOH HOH A . 
D 4 HOH 106 406 84  HOH HOH A . 
D 4 HOH 107 407 85  HOH HOH A . 
D 4 HOH 108 408 86  HOH HOH A . 
D 4 HOH 109 409 88  HOH HOH A . 
D 4 HOH 110 410 91  HOH HOH A . 
D 4 HOH 111 411 92  HOH HOH A . 
D 4 HOH 112 412 93  HOH HOH A . 
D 4 HOH 113 413 94  HOH HOH A . 
D 4 HOH 114 414 95  HOH HOH A . 
D 4 HOH 115 415 96  HOH HOH A . 
D 4 HOH 116 416 97  HOH HOH A . 
D 4 HOH 117 417 98  HOH HOH A . 
D 4 HOH 118 418 101 HOH HOH A . 
D 4 HOH 119 419 102 HOH HOH A . 
D 4 HOH 120 420 103 HOH HOH A . 
D 4 HOH 121 421 106 HOH HOH A . 
D 4 HOH 122 422 107 HOH HOH A . 
D 4 HOH 123 423 108 HOH HOH A . 
D 4 HOH 124 424 112 HOH HOH A . 
D 4 HOH 125 425 113 HOH HOH A . 
D 4 HOH 126 426 115 HOH HOH A . 
D 4 HOH 127 427 118 HOH HOH A . 
D 4 HOH 128 428 119 HOH HOH A . 
D 4 HOH 129 429 127 HOH HOH A . 
# 
_pdbx_struct_assembly.id                   1 
_pdbx_struct_assembly.details              software_defined_assembly 
_pdbx_struct_assembly.method_details       PISA 
_pdbx_struct_assembly.oligomeric_details   monomeric 
_pdbx_struct_assembly.oligomeric_count     1 
# 
_pdbx_struct_assembly_gen.assembly_id       1 
_pdbx_struct_assembly_gen.oper_expression   1 
_pdbx_struct_assembly_gen.asym_id_list      A,B,C,D 
# 
loop_
_pdbx_struct_assembly_prop.biol_id 
_pdbx_struct_assembly_prop.type 
_pdbx_struct_assembly_prop.value 
_pdbx_struct_assembly_prop.details 
1 'ABSA (A^2)' 470  ? 
1 MORE         6    ? 
1 'SSA (A^2)'  8560 ? 
# 
_pdbx_struct_oper_list.id                   1 
_pdbx_struct_oper_list.type                 'identity operation' 
_pdbx_struct_oper_list.name                 1_555 
_pdbx_struct_oper_list.symmetry_operation   x,y,z 
_pdbx_struct_oper_list.matrix[1][1]         1.0000000000 
_pdbx_struct_oper_list.matrix[1][2]         0.0000000000 
_pdbx_struct_oper_list.matrix[1][3]         0.0000000000 
_pdbx_struct_oper_list.vector[1]            0.0000000000 
_pdbx_struct_oper_list.matrix[2][1]         0.0000000000 
_pdbx_struct_oper_list.matrix[2][2]         1.0000000000 
_pdbx_struct_oper_list.matrix[2][3]         0.0000000000 
_pdbx_struct_oper_list.vector[2]            0.0000000000 
_pdbx_struct_oper_list.matrix[3][1]         0.0000000000 
_pdbx_struct_oper_list.matrix[3][2]         0.0000000000 
_pdbx_struct_oper_list.matrix[3][3]         1.0000000000 
_pdbx_struct_oper_list.vector[3]            0.0000000000 
# 
loop_
_pdbx_audit_revision_history.ordinal 
_pdbx_audit_revision_history.data_content_type 
_pdbx_audit_revision_history.major_revision 
_pdbx_audit_revision_history.minor_revision 
_pdbx_audit_revision_history.revision_date 
1 'Structure model' 1 0 2015-04-01 
2 'Structure model' 1 1 2015-04-22 
3 'Structure model' 1 2 2015-05-06 
4 'Structure model' 1 3 2017-09-06 
5 'Structure model' 1 4 2017-11-22 
6 'Structure model' 1 5 2019-12-25 
7 'Structure model' 1 6 2023-09-27 
# 
_pdbx_audit_revision_details.ordinal             1 
_pdbx_audit_revision_details.revision_ordinal    1 
_pdbx_audit_revision_details.data_content_type   'Structure model' 
_pdbx_audit_revision_details.provider            repository 
_pdbx_audit_revision_details.type                'Initial release' 
_pdbx_audit_revision_details.description         ? 
_pdbx_audit_revision_details.details             ? 
# 
loop_
_pdbx_audit_revision_group.ordinal 
_pdbx_audit_revision_group.revision_ordinal 
_pdbx_audit_revision_group.data_content_type 
_pdbx_audit_revision_group.group 
1  2 'Structure model' 'Database references'        
2  3 'Structure model' 'Database references'        
3  4 'Structure model' 'Author supporting evidence' 
4  4 'Structure model' 'Database references'        
5  4 'Structure model' 'Derived calculations'       
6  4 'Structure model' Other                        
7  4 'Structure model' 'Source and taxonomy'        
8  5 'Structure model' 'Refinement description'     
9  6 'Structure model' 'Author supporting evidence' 
10 7 'Structure model' 'Data collection'            
11 7 'Structure model' 'Database references'        
12 7 'Structure model' 'Refinement description'     
# 
loop_
_pdbx_audit_revision_category.ordinal 
_pdbx_audit_revision_category.revision_ordinal 
_pdbx_audit_revision_category.data_content_type 
_pdbx_audit_revision_category.category 
1  4 'Structure model' citation                      
2  4 'Structure model' entity_src_gen                
3  4 'Structure model' pdbx_audit_support            
4  4 'Structure model' pdbx_database_status          
5  4 'Structure model' pdbx_struct_assembly          
6  4 'Structure model' pdbx_struct_assembly_prop     
7  4 'Structure model' pdbx_struct_oper_list         
8  5 'Structure model' software                      
9  6 'Structure model' pdbx_audit_support            
10 7 'Structure model' chem_comp_atom                
11 7 'Structure model' chem_comp_bond                
12 7 'Structure model' database_2                    
13 7 'Structure model' pdbx_initial_refinement_model 
14 7 'Structure model' refine_hist                   
# 
loop_
_pdbx_audit_revision_item.ordinal 
_pdbx_audit_revision_item.revision_ordinal 
_pdbx_audit_revision_item.data_content_type 
_pdbx_audit_revision_item.item 
1  4 'Structure model' '_citation.journal_id_CSD'                    
2  4 'Structure model' '_entity_src_gen.pdbx_alt_source_flag'        
3  4 'Structure model' '_pdbx_audit_support.funding_organization'    
4  4 'Structure model' '_pdbx_database_status.pdb_format_compatible' 
5  4 'Structure model' '_pdbx_struct_assembly.oligomeric_details'    
6  4 'Structure model' '_pdbx_struct_assembly_prop.type'             
7  4 'Structure model' '_pdbx_struct_assembly_prop.value'            
8  4 'Structure model' '_pdbx_struct_oper_list.symmetry_operation'   
9  6 'Structure model' '_pdbx_audit_support.funding_organization'    
10 7 'Structure model' '_database_2.pdbx_DOI'                        
11 7 'Structure model' '_database_2.pdbx_database_accession'         
12 7 'Structure model' '_refine_hist.number_atoms_total'             
13 7 'Structure model' '_refine_hist.pdbx_number_atoms_nucleic_acid' 
14 7 'Structure model' '_refine_hist.pdbx_number_atoms_protein'      
# 
loop_
_software.citation_id 
_software.classification 
_software.compiler_name 
_software.compiler_version 
_software.contact_author 
_software.contact_author_email 
_software.date 
_software.description 
_software.dependencies 
_software.hardware 
_software.language 
_software.location 
_software.mods 
_software.name 
_software.os 
_software.os_version 
_software.type 
_software.version 
_software.pdbx_ordinal 
? 'data scaling'    ? ? ? ? ? ? ? ? ? ? ? XSCALE      ? ? ? .                            1 
? 'data extraction' ? ? ? ? ? ? ? ? ? ? ? PDB_EXTRACT ? ? ? 3.15                         2 
? refinement        ? ? ? ? ? ? ? ? ? ? ? PHENIX      ? ? ? '(phenix.refine: 1.7.1_743)' 3 
? 'model building'  ? ? ? ? ? ? ? ? ? ? ? Coot        ? ? ? .                            4 
# 
loop_
_pdbx_validate_torsion.id 
_pdbx_validate_torsion.PDB_model_num 
_pdbx_validate_torsion.auth_comp_id 
_pdbx_validate_torsion.auth_asym_id 
_pdbx_validate_torsion.auth_seq_id 
_pdbx_validate_torsion.PDB_ins_code 
_pdbx_validate_torsion.label_alt_id 
_pdbx_validate_torsion.phi 
_pdbx_validate_torsion.psi 
1 1 ILE A 29  ? ? -102.58 76.74 
2 1 PHE A 114 ? B -82.15  49.60 
# 
loop_
_pdbx_unobs_or_zero_occ_atoms.id 
_pdbx_unobs_or_zero_occ_atoms.PDB_model_num 
_pdbx_unobs_or_zero_occ_atoms.polymer_flag 
_pdbx_unobs_or_zero_occ_atoms.occupancy_flag 
_pdbx_unobs_or_zero_occ_atoms.auth_asym_id 
_pdbx_unobs_or_zero_occ_atoms.auth_comp_id 
_pdbx_unobs_or_zero_occ_atoms.auth_seq_id 
_pdbx_unobs_or_zero_occ_atoms.PDB_ins_code 
_pdbx_unobs_or_zero_occ_atoms.auth_atom_id 
_pdbx_unobs_or_zero_occ_atoms.label_alt_id 
_pdbx_unobs_or_zero_occ_atoms.label_asym_id 
_pdbx_unobs_or_zero_occ_atoms.label_comp_id 
_pdbx_unobs_or_zero_occ_atoms.label_seq_id 
_pdbx_unobs_or_zero_occ_atoms.label_atom_id 
1  1 Y 1 A LYS 16  ? CG  ? A LYS 16  CG  
2  1 Y 1 A LYS 16  ? CD  ? A LYS 16  CD  
3  1 Y 1 A LYS 16  ? CE  ? A LYS 16  CE  
4  1 Y 1 A LYS 16  ? NZ  ? A LYS 16  NZ  
5  1 Y 1 A ASP 61  ? OD1 ? A ASP 61  OD1 
6  1 Y 1 A ASP 61  ? OD2 ? A ASP 61  OD2 
7  1 Y 1 A LYS 83  ? CD  ? A LYS 83  CD  
8  1 Y 1 A LYS 83  ? CE  ? A LYS 83  CE  
9  1 Y 1 A LYS 83  ? NZ  ? A LYS 83  NZ  
10 1 Y 1 A GLN 122 ? OE1 ? A GLN 122 OE1 
11 1 Y 1 A GLN 122 ? NE2 ? A GLN 122 NE2 
12 1 Y 1 A LYS 147 ? NZ  ? A LYS 147 NZ  
13 1 Y 1 A LYS 162 ? CD  ? A LYS 162 CD  
14 1 Y 1 A LYS 162 ? CE  ? A LYS 162 CE  
15 1 Y 1 A LYS 162 ? NZ  ? A LYS 162 NZ  
16 1 Y 1 A ASN 163 ? CG  ? A ASN 163 CG  
17 1 Y 1 A ASN 163 ? OD1 ? A ASN 163 OD1 
18 1 Y 1 A ASN 163 ? ND2 ? A ASN 163 ND2 
19 1 Y 1 A LEU 165 ? CG  ? A LEU 165 CG  
20 1 Y 1 A LEU 165 ? CD1 ? A LEU 165 CD1 
21 1 Y 1 A LEU 165 ? CD2 ? A LEU 165 CD2 
# 
loop_
_pdbx_unobs_or_zero_occ_residues.id 
_pdbx_unobs_or_zero_occ_residues.PDB_model_num 
_pdbx_unobs_or_zero_occ_residues.polymer_flag 
_pdbx_unobs_or_zero_occ_residues.occupancy_flag 
_pdbx_unobs_or_zero_occ_residues.auth_asym_id 
_pdbx_unobs_or_zero_occ_residues.auth_comp_id 
_pdbx_unobs_or_zero_occ_residues.auth_seq_id 
_pdbx_unobs_or_zero_occ_residues.PDB_ins_code 
_pdbx_unobs_or_zero_occ_residues.label_asym_id 
_pdbx_unobs_or_zero_occ_residues.label_comp_id 
_pdbx_unobs_or_zero_occ_residues.label_seq_id 
1 1 Y 1 A GLU 166 ? A GLU 166 
2 1 Y 1 A HIS 167 ? A HIS 167 
3 1 Y 1 A HIS 168 ? A HIS 168 
4 1 Y 1 A HIS 169 ? A HIS 169 
5 1 Y 1 A HIS 170 ? A HIS 170 
6 1 Y 1 A HIS 171 ? A HIS 171 
7 1 Y 1 A HIS 172 ? A HIS 172 
# 
loop_
_chem_comp_atom.comp_id 
_chem_comp_atom.atom_id 
_chem_comp_atom.type_symbol 
_chem_comp_atom.pdbx_aromatic_flag 
_chem_comp_atom.pdbx_stereo_config 
_chem_comp_atom.pdbx_ordinal 
3H2 CAA  C N N 1   
3H2 CAG  C N N 2   
3H2 CAH  C N N 3   
3H2 CAI  C N N 4   
3H2 CAJ  C N N 5   
3H2 CAK  C Y N 6   
3H2 CAE  C Y N 7   
3H2 CAC  C Y N 8   
3H2 CAB  C Y N 9   
3H2 CAD  C Y N 10  
3H2 CAF  C Y N 11  
3H2 H1   H N N 12  
3H2 H2   H N N 13  
3H2 H3   H N N 14  
3H2 H4   H N N 15  
3H2 H5   H N N 16  
3H2 H6   H N N 17  
3H2 H7   H N N 18  
3H2 H8   H N N 19  
3H2 H9   H N N 20  
3H2 H10  H N N 21  
3H2 H11  H N N 22  
3H2 H12  H N N 23  
3H2 H13  H N N 24  
3H2 H14  H N N 25  
3H2 H15  H N N 26  
3H2 H16  H N N 27  
ALA N    N N N 28  
ALA CA   C N S 29  
ALA C    C N N 30  
ALA O    O N N 31  
ALA CB   C N N 32  
ALA OXT  O N N 33  
ALA H    H N N 34  
ALA H2   H N N 35  
ALA HA   H N N 36  
ALA HB1  H N N 37  
ALA HB2  H N N 38  
ALA HB3  H N N 39  
ALA HXT  H N N 40  
ARG N    N N N 41  
ARG CA   C N S 42  
ARG C    C N N 43  
ARG O    O N N 44  
ARG CB   C N N 45  
ARG CG   C N N 46  
ARG CD   C N N 47  
ARG NE   N N N 48  
ARG CZ   C N N 49  
ARG NH1  N N N 50  
ARG NH2  N N N 51  
ARG OXT  O N N 52  
ARG H    H N N 53  
ARG H2   H N N 54  
ARG HA   H N N 55  
ARG HB2  H N N 56  
ARG HB3  H N N 57  
ARG HG2  H N N 58  
ARG HG3  H N N 59  
ARG HD2  H N N 60  
ARG HD3  H N N 61  
ARG HE   H N N 62  
ARG HH11 H N N 63  
ARG HH12 H N N 64  
ARG HH21 H N N 65  
ARG HH22 H N N 66  
ARG HXT  H N N 67  
ASN N    N N N 68  
ASN CA   C N S 69  
ASN C    C N N 70  
ASN O    O N N 71  
ASN CB   C N N 72  
ASN CG   C N N 73  
ASN OD1  O N N 74  
ASN ND2  N N N 75  
ASN OXT  O N N 76  
ASN H    H N N 77  
ASN H2   H N N 78  
ASN HA   H N N 79  
ASN HB2  H N N 80  
ASN HB3  H N N 81  
ASN HD21 H N N 82  
ASN HD22 H N N 83  
ASN HXT  H N N 84  
ASP N    N N N 85  
ASP CA   C N S 86  
ASP C    C N N 87  
ASP O    O N N 88  
ASP CB   C N N 89  
ASP CG   C N N 90  
ASP OD1  O N N 91  
ASP OD2  O N N 92  
ASP OXT  O N N 93  
ASP H    H N N 94  
ASP H2   H N N 95  
ASP HA   H N N 96  
ASP HB2  H N N 97  
ASP HB3  H N N 98  
ASP HD2  H N N 99  
ASP HXT  H N N 100 
CYS N    N N N 101 
CYS CA   C N R 102 
CYS C    C N N 103 
CYS O    O N N 104 
CYS CB   C N N 105 
CYS SG   S N N 106 
CYS OXT  O N N 107 
CYS H    H N N 108 
CYS H2   H N N 109 
CYS HA   H N N 110 
CYS HB2  H N N 111 
CYS HB3  H N N 112 
CYS HG   H N N 113 
CYS HXT  H N N 114 
EPE N1   N N N 115 
EPE C2   C N N 116 
EPE C3   C N N 117 
EPE N4   N N N 118 
EPE C5   C N N 119 
EPE C6   C N N 120 
EPE C7   C N N 121 
EPE C8   C N N 122 
EPE O8   O N N 123 
EPE C9   C N N 124 
EPE C10  C N N 125 
EPE S    S N N 126 
EPE O1S  O N N 127 
EPE O2S  O N N 128 
EPE O3S  O N N 129 
EPE H21  H N N 130 
EPE H22  H N N 131 
EPE H31  H N N 132 
EPE H32  H N N 133 
EPE H51  H N N 134 
EPE H52  H N N 135 
EPE H61  H N N 136 
EPE H62  H N N 137 
EPE H71  H N N 138 
EPE H72  H N N 139 
EPE H81  H N N 140 
EPE H82  H N N 141 
EPE HO8  H N N 142 
EPE H91  H N N 143 
EPE H92  H N N 144 
EPE H101 H N N 145 
EPE H102 H N N 146 
EPE HOS3 H N N 147 
GLN N    N N N 148 
GLN CA   C N S 149 
GLN C    C N N 150 
GLN O    O N N 151 
GLN CB   C N N 152 
GLN CG   C N N 153 
GLN CD   C N N 154 
GLN OE1  O N N 155 
GLN NE2  N N N 156 
GLN OXT  O N N 157 
GLN H    H N N 158 
GLN H2   H N N 159 
GLN HA   H N N 160 
GLN HB2  H N N 161 
GLN HB3  H N N 162 
GLN HG2  H N N 163 
GLN HG3  H N N 164 
GLN HE21 H N N 165 
GLN HE22 H N N 166 
GLN HXT  H N N 167 
GLU N    N N N 168 
GLU CA   C N S 169 
GLU C    C N N 170 
GLU O    O N N 171 
GLU CB   C N N 172 
GLU CG   C N N 173 
GLU CD   C N N 174 
GLU OE1  O N N 175 
GLU OE2  O N N 176 
GLU OXT  O N N 177 
GLU H    H N N 178 
GLU H2   H N N 179 
GLU HA   H N N 180 
GLU HB2  H N N 181 
GLU HB3  H N N 182 
GLU HG2  H N N 183 
GLU HG3  H N N 184 
GLU HE2  H N N 185 
GLU HXT  H N N 186 
GLY N    N N N 187 
GLY CA   C N N 188 
GLY C    C N N 189 
GLY O    O N N 190 
GLY OXT  O N N 191 
GLY H    H N N 192 
GLY H2   H N N 193 
GLY HA2  H N N 194 
GLY HA3  H N N 195 
GLY HXT  H N N 196 
HIS N    N N N 197 
HIS CA   C N S 198 
HIS C    C N N 199 
HIS O    O N N 200 
HIS CB   C N N 201 
HIS CG   C Y N 202 
HIS ND1  N Y N 203 
HIS CD2  C Y N 204 
HIS CE1  C Y N 205 
HIS NE2  N Y N 206 
HIS OXT  O N N 207 
HIS H    H N N 208 
HIS H2   H N N 209 
HIS HA   H N N 210 
HIS HB2  H N N 211 
HIS HB3  H N N 212 
HIS HD1  H N N 213 
HIS HD2  H N N 214 
HIS HE1  H N N 215 
HIS HE2  H N N 216 
HIS HXT  H N N 217 
HOH O    O N N 218 
HOH H1   H N N 219 
HOH H2   H N N 220 
ILE N    N N N 221 
ILE CA   C N S 222 
ILE C    C N N 223 
ILE O    O N N 224 
ILE CB   C N S 225 
ILE CG1  C N N 226 
ILE CG2  C N N 227 
ILE CD1  C N N 228 
ILE OXT  O N N 229 
ILE H    H N N 230 
ILE H2   H N N 231 
ILE HA   H N N 232 
ILE HB   H N N 233 
ILE HG12 H N N 234 
ILE HG13 H N N 235 
ILE HG21 H N N 236 
ILE HG22 H N N 237 
ILE HG23 H N N 238 
ILE HD11 H N N 239 
ILE HD12 H N N 240 
ILE HD13 H N N 241 
ILE HXT  H N N 242 
LEU N    N N N 243 
LEU CA   C N S 244 
LEU C    C N N 245 
LEU O    O N N 246 
LEU CB   C N N 247 
LEU CG   C N N 248 
LEU CD1  C N N 249 
LEU CD2  C N N 250 
LEU OXT  O N N 251 
LEU H    H N N 252 
LEU H2   H N N 253 
LEU HA   H N N 254 
LEU HB2  H N N 255 
LEU HB3  H N N 256 
LEU HG   H N N 257 
LEU HD11 H N N 258 
LEU HD12 H N N 259 
LEU HD13 H N N 260 
LEU HD21 H N N 261 
LEU HD22 H N N 262 
LEU HD23 H N N 263 
LEU HXT  H N N 264 
LYS N    N N N 265 
LYS CA   C N S 266 
LYS C    C N N 267 
LYS O    O N N 268 
LYS CB   C N N 269 
LYS CG   C N N 270 
LYS CD   C N N 271 
LYS CE   C N N 272 
LYS NZ   N N N 273 
LYS OXT  O N N 274 
LYS H    H N N 275 
LYS H2   H N N 276 
LYS HA   H N N 277 
LYS HB2  H N N 278 
LYS HB3  H N N 279 
LYS HG2  H N N 280 
LYS HG3  H N N 281 
LYS HD2  H N N 282 
LYS HD3  H N N 283 
LYS HE2  H N N 284 
LYS HE3  H N N 285 
LYS HZ1  H N N 286 
LYS HZ2  H N N 287 
LYS HZ3  H N N 288 
LYS HXT  H N N 289 
MET N    N N N 290 
MET CA   C N S 291 
MET C    C N N 292 
MET O    O N N 293 
MET CB   C N N 294 
MET CG   C N N 295 
MET SD   S N N 296 
MET CE   C N N 297 
MET OXT  O N N 298 
MET H    H N N 299 
MET H2   H N N 300 
MET HA   H N N 301 
MET HB2  H N N 302 
MET HB3  H N N 303 
MET HG2  H N N 304 
MET HG3  H N N 305 
MET HE1  H N N 306 
MET HE2  H N N 307 
MET HE3  H N N 308 
MET HXT  H N N 309 
PHE N    N N N 310 
PHE CA   C N S 311 
PHE C    C N N 312 
PHE O    O N N 313 
PHE CB   C N N 314 
PHE CG   C Y N 315 
PHE CD1  C Y N 316 
PHE CD2  C Y N 317 
PHE CE1  C Y N 318 
PHE CE2  C Y N 319 
PHE CZ   C Y N 320 
PHE OXT  O N N 321 
PHE H    H N N 322 
PHE H2   H N N 323 
PHE HA   H N N 324 
PHE HB2  H N N 325 
PHE HB3  H N N 326 
PHE HD1  H N N 327 
PHE HD2  H N N 328 
PHE HE1  H N N 329 
PHE HE2  H N N 330 
PHE HZ   H N N 331 
PHE HXT  H N N 332 
PRO N    N N N 333 
PRO CA   C N S 334 
PRO C    C N N 335 
PRO O    O N N 336 
PRO CB   C N N 337 
PRO CG   C N N 338 
PRO CD   C N N 339 
PRO OXT  O N N 340 
PRO H    H N N 341 
PRO HA   H N N 342 
PRO HB2  H N N 343 
PRO HB3  H N N 344 
PRO HG2  H N N 345 
PRO HG3  H N N 346 
PRO HD2  H N N 347 
PRO HD3  H N N 348 
PRO HXT  H N N 349 
SER N    N N N 350 
SER CA   C N S 351 
SER C    C N N 352 
SER O    O N N 353 
SER CB   C N N 354 
SER OG   O N N 355 
SER OXT  O N N 356 
SER H    H N N 357 
SER H2   H N N 358 
SER HA   H N N 359 
SER HB2  H N N 360 
SER HB3  H N N 361 
SER HG   H N N 362 
SER HXT  H N N 363 
THR N    N N N 364 
THR CA   C N S 365 
THR C    C N N 366 
THR O    O N N 367 
THR CB   C N R 368 
THR OG1  O N N 369 
THR CG2  C N N 370 
THR OXT  O N N 371 
THR H    H N N 372 
THR H2   H N N 373 
THR HA   H N N 374 
THR HB   H N N 375 
THR HG1  H N N 376 
THR HG21 H N N 377 
THR HG22 H N N 378 
THR HG23 H N N 379 
THR HXT  H N N 380 
TRP N    N N N 381 
TRP CA   C N S 382 
TRP C    C N N 383 
TRP O    O N N 384 
TRP CB   C N N 385 
TRP CG   C Y N 386 
TRP CD1  C Y N 387 
TRP CD2  C Y N 388 
TRP NE1  N Y N 389 
TRP CE2  C Y N 390 
TRP CE3  C Y N 391 
TRP CZ2  C Y N 392 
TRP CZ3  C Y N 393 
TRP CH2  C Y N 394 
TRP OXT  O N N 395 
TRP H    H N N 396 
TRP H2   H N N 397 
TRP HA   H N N 398 
TRP HB2  H N N 399 
TRP HB3  H N N 400 
TRP HD1  H N N 401 
TRP HE1  H N N 402 
TRP HE3  H N N 403 
TRP HZ2  H N N 404 
TRP HZ3  H N N 405 
TRP HH2  H N N 406 
TRP HXT  H N N 407 
TYR N    N N N 408 
TYR CA   C N S 409 
TYR C    C N N 410 
TYR O    O N N 411 
TYR CB   C N N 412 
TYR CG   C Y N 413 
TYR CD1  C Y N 414 
TYR CD2  C Y N 415 
TYR CE1  C Y N 416 
TYR CE2  C Y N 417 
TYR CZ   C Y N 418 
TYR OH   O N N 419 
TYR OXT  O N N 420 
TYR H    H N N 421 
TYR H2   H N N 422 
TYR HA   H N N 423 
TYR HB2  H N N 424 
TYR HB3  H N N 425 
TYR HD1  H N N 426 
TYR HD2  H N N 427 
TYR HE1  H N N 428 
TYR HE2  H N N 429 
TYR HH   H N N 430 
TYR HXT  H N N 431 
VAL N    N N N 432 
VAL CA   C N S 433 
VAL C    C N N 434 
VAL O    O N N 435 
VAL CB   C N N 436 
VAL CG1  C N N 437 
VAL CG2  C N N 438 
VAL OXT  O N N 439 
VAL H    H N N 440 
VAL H2   H N N 441 
VAL HA   H N N 442 
VAL HB   H N N 443 
VAL HG11 H N N 444 
VAL HG12 H N N 445 
VAL HG13 H N N 446 
VAL HG21 H N N 447 
VAL HG22 H N N 448 
VAL HG23 H N N 449 
VAL HXT  H N N 450 
# 
loop_
_chem_comp_bond.comp_id 
_chem_comp_bond.atom_id_1 
_chem_comp_bond.atom_id_2 
_chem_comp_bond.value_order 
_chem_comp_bond.pdbx_aromatic_flag 
_chem_comp_bond.pdbx_stereo_config 
_chem_comp_bond.pdbx_ordinal 
3H2 CAD CAF  doub Y N 1   
3H2 CAD CAB  sing Y N 2   
3H2 CAF CAK  sing Y N 3   
3H2 CAI CAJ  sing N N 4   
3H2 CAI CAH  sing N N 5   
3H2 CAB CAC  doub Y N 6   
3H2 CAK CAJ  sing N N 7   
3H2 CAK CAE  doub Y N 8   
3H2 CAG CAH  sing N N 9   
3H2 CAG CAA  sing N N 10  
3H2 CAE CAC  sing Y N 11  
3H2 CAA H1   sing N N 12  
3H2 CAA H2   sing N N 13  
3H2 CAA H3   sing N N 14  
3H2 CAG H4   sing N N 15  
3H2 CAG H5   sing N N 16  
3H2 CAH H6   sing N N 17  
3H2 CAH H7   sing N N 18  
3H2 CAI H8   sing N N 19  
3H2 CAI H9   sing N N 20  
3H2 CAJ H10  sing N N 21  
3H2 CAJ H11  sing N N 22  
3H2 CAE H12  sing N N 23  
3H2 CAC H13  sing N N 24  
3H2 CAB H14  sing N N 25  
3H2 CAD H15  sing N N 26  
3H2 CAF H16  sing N N 27  
ALA N   CA   sing N N 28  
ALA N   H    sing N N 29  
ALA N   H2   sing N N 30  
ALA CA  C    sing N N 31  
ALA CA  CB   sing N N 32  
ALA CA  HA   sing N N 33  
ALA C   O    doub N N 34  
ALA C   OXT  sing N N 35  
ALA CB  HB1  sing N N 36  
ALA CB  HB2  sing N N 37  
ALA CB  HB3  sing N N 38  
ALA OXT HXT  sing N N 39  
ARG N   CA   sing N N 40  
ARG N   H    sing N N 41  
ARG N   H2   sing N N 42  
ARG CA  C    sing N N 43  
ARG CA  CB   sing N N 44  
ARG CA  HA   sing N N 45  
ARG C   O    doub N N 46  
ARG C   OXT  sing N N 47  
ARG CB  CG   sing N N 48  
ARG CB  HB2  sing N N 49  
ARG CB  HB3  sing N N 50  
ARG CG  CD   sing N N 51  
ARG CG  HG2  sing N N 52  
ARG CG  HG3  sing N N 53  
ARG CD  NE   sing N N 54  
ARG CD  HD2  sing N N 55  
ARG CD  HD3  sing N N 56  
ARG NE  CZ   sing N N 57  
ARG NE  HE   sing N N 58  
ARG CZ  NH1  sing N N 59  
ARG CZ  NH2  doub N N 60  
ARG NH1 HH11 sing N N 61  
ARG NH1 HH12 sing N N 62  
ARG NH2 HH21 sing N N 63  
ARG NH2 HH22 sing N N 64  
ARG OXT HXT  sing N N 65  
ASN N   CA   sing N N 66  
ASN N   H    sing N N 67  
ASN N   H2   sing N N 68  
ASN CA  C    sing N N 69  
ASN CA  CB   sing N N 70  
ASN CA  HA   sing N N 71  
ASN C   O    doub N N 72  
ASN C   OXT  sing N N 73  
ASN CB  CG   sing N N 74  
ASN CB  HB2  sing N N 75  
ASN CB  HB3  sing N N 76  
ASN CG  OD1  doub N N 77  
ASN CG  ND2  sing N N 78  
ASN ND2 HD21 sing N N 79  
ASN ND2 HD22 sing N N 80  
ASN OXT HXT  sing N N 81  
ASP N   CA   sing N N 82  
ASP N   H    sing N N 83  
ASP N   H2   sing N N 84  
ASP CA  C    sing N N 85  
ASP CA  CB   sing N N 86  
ASP CA  HA   sing N N 87  
ASP C   O    doub N N 88  
ASP C   OXT  sing N N 89  
ASP CB  CG   sing N N 90  
ASP CB  HB2  sing N N 91  
ASP CB  HB3  sing N N 92  
ASP CG  OD1  doub N N 93  
ASP CG  OD2  sing N N 94  
ASP OD2 HD2  sing N N 95  
ASP OXT HXT  sing N N 96  
CYS N   CA   sing N N 97  
CYS N   H    sing N N 98  
CYS N   H2   sing N N 99  
CYS CA  C    sing N N 100 
CYS CA  CB   sing N N 101 
CYS CA  HA   sing N N 102 
CYS C   O    doub N N 103 
CYS C   OXT  sing N N 104 
CYS CB  SG   sing N N 105 
CYS CB  HB2  sing N N 106 
CYS CB  HB3  sing N N 107 
CYS SG  HG   sing N N 108 
CYS OXT HXT  sing N N 109 
EPE N1  C2   sing N N 110 
EPE N1  C6   sing N N 111 
EPE N1  C9   sing N N 112 
EPE C2  C3   sing N N 113 
EPE C2  H21  sing N N 114 
EPE C2  H22  sing N N 115 
EPE C3  N4   sing N N 116 
EPE C3  H31  sing N N 117 
EPE C3  H32  sing N N 118 
EPE N4  C5   sing N N 119 
EPE N4  C7   sing N N 120 
EPE C5  C6   sing N N 121 
EPE C5  H51  sing N N 122 
EPE C5  H52  sing N N 123 
EPE C6  H61  sing N N 124 
EPE C6  H62  sing N N 125 
EPE C7  C8   sing N N 126 
EPE C7  H71  sing N N 127 
EPE C7  H72  sing N N 128 
EPE C8  O8   sing N N 129 
EPE C8  H81  sing N N 130 
EPE C8  H82  sing N N 131 
EPE O8  HO8  sing N N 132 
EPE C9  C10  sing N N 133 
EPE C9  H91  sing N N 134 
EPE C9  H92  sing N N 135 
EPE C10 S    sing N N 136 
EPE C10 H101 sing N N 137 
EPE C10 H102 sing N N 138 
EPE S   O1S  doub N N 139 
EPE S   O2S  doub N N 140 
EPE S   O3S  sing N N 141 
EPE O3S HOS3 sing N N 142 
GLN N   CA   sing N N 143 
GLN N   H    sing N N 144 
GLN N   H2   sing N N 145 
GLN CA  C    sing N N 146 
GLN CA  CB   sing N N 147 
GLN CA  HA   sing N N 148 
GLN C   O    doub N N 149 
GLN C   OXT  sing N N 150 
GLN CB  CG   sing N N 151 
GLN CB  HB2  sing N N 152 
GLN CB  HB3  sing N N 153 
GLN CG  CD   sing N N 154 
GLN CG  HG2  sing N N 155 
GLN CG  HG3  sing N N 156 
GLN CD  OE1  doub N N 157 
GLN CD  NE2  sing N N 158 
GLN NE2 HE21 sing N N 159 
GLN NE2 HE22 sing N N 160 
GLN OXT HXT  sing N N 161 
GLU N   CA   sing N N 162 
GLU N   H    sing N N 163 
GLU N   H2   sing N N 164 
GLU CA  C    sing N N 165 
GLU CA  CB   sing N N 166 
GLU CA  HA   sing N N 167 
GLU C   O    doub N N 168 
GLU C   OXT  sing N N 169 
GLU CB  CG   sing N N 170 
GLU CB  HB2  sing N N 171 
GLU CB  HB3  sing N N 172 
GLU CG  CD   sing N N 173 
GLU CG  HG2  sing N N 174 
GLU CG  HG3  sing N N 175 
GLU CD  OE1  doub N N 176 
GLU CD  OE2  sing N N 177 
GLU OE2 HE2  sing N N 178 
GLU OXT HXT  sing N N 179 
GLY N   CA   sing N N 180 
GLY N   H    sing N N 181 
GLY N   H2   sing N N 182 
GLY CA  C    sing N N 183 
GLY CA  HA2  sing N N 184 
GLY CA  HA3  sing N N 185 
GLY C   O    doub N N 186 
GLY C   OXT  sing N N 187 
GLY OXT HXT  sing N N 188 
HIS N   CA   sing N N 189 
HIS N   H    sing N N 190 
HIS N   H2   sing N N 191 
HIS CA  C    sing N N 192 
HIS CA  CB   sing N N 193 
HIS CA  HA   sing N N 194 
HIS C   O    doub N N 195 
HIS C   OXT  sing N N 196 
HIS CB  CG   sing N N 197 
HIS CB  HB2  sing N N 198 
HIS CB  HB3  sing N N 199 
HIS CG  ND1  sing Y N 200 
HIS CG  CD2  doub Y N 201 
HIS ND1 CE1  doub Y N 202 
HIS ND1 HD1  sing N N 203 
HIS CD2 NE2  sing Y N 204 
HIS CD2 HD2  sing N N 205 
HIS CE1 NE2  sing Y N 206 
HIS CE1 HE1  sing N N 207 
HIS NE2 HE2  sing N N 208 
HIS OXT HXT  sing N N 209 
HOH O   H1   sing N N 210 
HOH O   H2   sing N N 211 
ILE N   CA   sing N N 212 
ILE N   H    sing N N 213 
ILE N   H2   sing N N 214 
ILE CA  C    sing N N 215 
ILE CA  CB   sing N N 216 
ILE CA  HA   sing N N 217 
ILE C   O    doub N N 218 
ILE C   OXT  sing N N 219 
ILE CB  CG1  sing N N 220 
ILE CB  CG2  sing N N 221 
ILE CB  HB   sing N N 222 
ILE CG1 CD1  sing N N 223 
ILE CG1 HG12 sing N N 224 
ILE CG1 HG13 sing N N 225 
ILE CG2 HG21 sing N N 226 
ILE CG2 HG22 sing N N 227 
ILE CG2 HG23 sing N N 228 
ILE CD1 HD11 sing N N 229 
ILE CD1 HD12 sing N N 230 
ILE CD1 HD13 sing N N 231 
ILE OXT HXT  sing N N 232 
LEU N   CA   sing N N 233 
LEU N   H    sing N N 234 
LEU N   H2   sing N N 235 
LEU CA  C    sing N N 236 
LEU CA  CB   sing N N 237 
LEU CA  HA   sing N N 238 
LEU C   O    doub N N 239 
LEU C   OXT  sing N N 240 
LEU CB  CG   sing N N 241 
LEU CB  HB2  sing N N 242 
LEU CB  HB3  sing N N 243 
LEU CG  CD1  sing N N 244 
LEU CG  CD2  sing N N 245 
LEU CG  HG   sing N N 246 
LEU CD1 HD11 sing N N 247 
LEU CD1 HD12 sing N N 248 
LEU CD1 HD13 sing N N 249 
LEU CD2 HD21 sing N N 250 
LEU CD2 HD22 sing N N 251 
LEU CD2 HD23 sing N N 252 
LEU OXT HXT  sing N N 253 
LYS N   CA   sing N N 254 
LYS N   H    sing N N 255 
LYS N   H2   sing N N 256 
LYS CA  C    sing N N 257 
LYS CA  CB   sing N N 258 
LYS CA  HA   sing N N 259 
LYS C   O    doub N N 260 
LYS C   OXT  sing N N 261 
LYS CB  CG   sing N N 262 
LYS CB  HB2  sing N N 263 
LYS CB  HB3  sing N N 264 
LYS CG  CD   sing N N 265 
LYS CG  HG2  sing N N 266 
LYS CG  HG3  sing N N 267 
LYS CD  CE   sing N N 268 
LYS CD  HD2  sing N N 269 
LYS CD  HD3  sing N N 270 
LYS CE  NZ   sing N N 271 
LYS CE  HE2  sing N N 272 
LYS CE  HE3  sing N N 273 
LYS NZ  HZ1  sing N N 274 
LYS NZ  HZ2  sing N N 275 
LYS NZ  HZ3  sing N N 276 
LYS OXT HXT  sing N N 277 
MET N   CA   sing N N 278 
MET N   H    sing N N 279 
MET N   H2   sing N N 280 
MET CA  C    sing N N 281 
MET CA  CB   sing N N 282 
MET CA  HA   sing N N 283 
MET C   O    doub N N 284 
MET C   OXT  sing N N 285 
MET CB  CG   sing N N 286 
MET CB  HB2  sing N N 287 
MET CB  HB3  sing N N 288 
MET CG  SD   sing N N 289 
MET CG  HG2  sing N N 290 
MET CG  HG3  sing N N 291 
MET SD  CE   sing N N 292 
MET CE  HE1  sing N N 293 
MET CE  HE2  sing N N 294 
MET CE  HE3  sing N N 295 
MET OXT HXT  sing N N 296 
PHE N   CA   sing N N 297 
PHE N   H    sing N N 298 
PHE N   H2   sing N N 299 
PHE CA  C    sing N N 300 
PHE CA  CB   sing N N 301 
PHE CA  HA   sing N N 302 
PHE C   O    doub N N 303 
PHE C   OXT  sing N N 304 
PHE CB  CG   sing N N 305 
PHE CB  HB2  sing N N 306 
PHE CB  HB3  sing N N 307 
PHE CG  CD1  doub Y N 308 
PHE CG  CD2  sing Y N 309 
PHE CD1 CE1  sing Y N 310 
PHE CD1 HD1  sing N N 311 
PHE CD2 CE2  doub Y N 312 
PHE CD2 HD2  sing N N 313 
PHE CE1 CZ   doub Y N 314 
PHE CE1 HE1  sing N N 315 
PHE CE2 CZ   sing Y N 316 
PHE CE2 HE2  sing N N 317 
PHE CZ  HZ   sing N N 318 
PHE OXT HXT  sing N N 319 
PRO N   CA   sing N N 320 
PRO N   CD   sing N N 321 
PRO N   H    sing N N 322 
PRO CA  C    sing N N 323 
PRO CA  CB   sing N N 324 
PRO CA  HA   sing N N 325 
PRO C   O    doub N N 326 
PRO C   OXT  sing N N 327 
PRO CB  CG   sing N N 328 
PRO CB  HB2  sing N N 329 
PRO CB  HB3  sing N N 330 
PRO CG  CD   sing N N 331 
PRO CG  HG2  sing N N 332 
PRO CG  HG3  sing N N 333 
PRO CD  HD2  sing N N 334 
PRO CD  HD3  sing N N 335 
PRO OXT HXT  sing N N 336 
SER N   CA   sing N N 337 
SER N   H    sing N N 338 
SER N   H2   sing N N 339 
SER CA  C    sing N N 340 
SER CA  CB   sing N N 341 
SER CA  HA   sing N N 342 
SER C   O    doub N N 343 
SER C   OXT  sing N N 344 
SER CB  OG   sing N N 345 
SER CB  HB2  sing N N 346 
SER CB  HB3  sing N N 347 
SER OG  HG   sing N N 348 
SER OXT HXT  sing N N 349 
THR N   CA   sing N N 350 
THR N   H    sing N N 351 
THR N   H2   sing N N 352 
THR CA  C    sing N N 353 
THR CA  CB   sing N N 354 
THR CA  HA   sing N N 355 
THR C   O    doub N N 356 
THR C   OXT  sing N N 357 
THR CB  OG1  sing N N 358 
THR CB  CG2  sing N N 359 
THR CB  HB   sing N N 360 
THR OG1 HG1  sing N N 361 
THR CG2 HG21 sing N N 362 
THR CG2 HG22 sing N N 363 
THR CG2 HG23 sing N N 364 
THR OXT HXT  sing N N 365 
TRP N   CA   sing N N 366 
TRP N   H    sing N N 367 
TRP N   H2   sing N N 368 
TRP CA  C    sing N N 369 
TRP CA  CB   sing N N 370 
TRP CA  HA   sing N N 371 
TRP C   O    doub N N 372 
TRP C   OXT  sing N N 373 
TRP CB  CG   sing N N 374 
TRP CB  HB2  sing N N 375 
TRP CB  HB3  sing N N 376 
TRP CG  CD1  doub Y N 377 
TRP CG  CD2  sing Y N 378 
TRP CD1 NE1  sing Y N 379 
TRP CD1 HD1  sing N N 380 
TRP CD2 CE2  doub Y N 381 
TRP CD2 CE3  sing Y N 382 
TRP NE1 CE2  sing Y N 383 
TRP NE1 HE1  sing N N 384 
TRP CE2 CZ2  sing Y N 385 
TRP CE3 CZ3  doub Y N 386 
TRP CE3 HE3  sing N N 387 
TRP CZ2 CH2  doub Y N 388 
TRP CZ2 HZ2  sing N N 389 
TRP CZ3 CH2  sing Y N 390 
TRP CZ3 HZ3  sing N N 391 
TRP CH2 HH2  sing N N 392 
TRP OXT HXT  sing N N 393 
TYR N   CA   sing N N 394 
TYR N   H    sing N N 395 
TYR N   H2   sing N N 396 
TYR CA  C    sing N N 397 
TYR CA  CB   sing N N 398 
TYR CA  HA   sing N N 399 
TYR C   O    doub N N 400 
TYR C   OXT  sing N N 401 
TYR CB  CG   sing N N 402 
TYR CB  HB2  sing N N 403 
TYR CB  HB3  sing N N 404 
TYR CG  CD1  doub Y N 405 
TYR CG  CD2  sing Y N 406 
TYR CD1 CE1  sing Y N 407 
TYR CD1 HD1  sing N N 408 
TYR CD2 CE2  doub Y N 409 
TYR CD2 HD2  sing N N 410 
TYR CE1 CZ   doub Y N 411 
TYR CE1 HE1  sing N N 412 
TYR CE2 CZ   sing Y N 413 
TYR CE2 HE2  sing N N 414 
TYR CZ  OH   sing N N 415 
TYR OH  HH   sing N N 416 
TYR OXT HXT  sing N N 417 
VAL N   CA   sing N N 418 
VAL N   H    sing N N 419 
VAL N   H2   sing N N 420 
VAL CA  C    sing N N 421 
VAL CA  CB   sing N N 422 
VAL CA  HA   sing N N 423 
VAL C   O    doub N N 424 
VAL C   OXT  sing N N 425 
VAL CB  CG1  sing N N 426 
VAL CB  CG2  sing N N 427 
VAL CB  HB   sing N N 428 
VAL CG1 HG11 sing N N 429 
VAL CG1 HG12 sing N N 430 
VAL CG1 HG13 sing N N 431 
VAL CG2 HG21 sing N N 432 
VAL CG2 HG22 sing N N 433 
VAL CG2 HG23 sing N N 434 
VAL OXT HXT  sing N N 435 
# 
_pdbx_audit_support.funding_organization   
'National Institutes of Health/National Institute of General Medical Sciences (NIH/NIGMS)' 
_pdbx_audit_support.country                'United States' 
_pdbx_audit_support.grant_number           GM59957 
_pdbx_audit_support.ordinal                1 
# 
loop_
_pdbx_entity_nonpoly.entity_id 
_pdbx_entity_nonpoly.name 
_pdbx_entity_nonpoly.comp_id 
2 pentylbenzene                                         3H2 
3 '4-(2-HYDROXYETHYL)-1-PIPERAZINE ETHANESULFONIC ACID' EPE 
4 water                                                 HOH 
# 
_pdbx_initial_refinement_model.id               1 
_pdbx_initial_refinement_model.entity_id_list   ? 
_pdbx_initial_refinement_model.type             'experimental model' 
_pdbx_initial_refinement_model.source_name      PDB 
_pdbx_initial_refinement_model.accession_code   181L 
_pdbx_initial_refinement_model.details          ? 
# 
